data_1GV8
# 
_entry.id   1GV8 
# 
_audit_conform.dict_name       mmcif_pdbx.dic 
_audit_conform.dict_version    5.397 
_audit_conform.dict_location   http://mmcif.pdb.org/dictionaries/ascii/mmcif_pdbx.dic 
# 
loop_
_database_2.database_id 
_database_2.database_code 
_database_2.pdbx_database_accession 
_database_2.pdbx_DOI 
PDB   1GV8         pdb_00001gv8 10.2210/pdb1gv8/pdb 
PDBE  EBI-9408     ?            ?                   
WWPDB D_1290009408 ?            ?                   
# 
loop_
_pdbx_audit_revision_history.ordinal 
_pdbx_audit_revision_history.data_content_type 
_pdbx_audit_revision_history.major_revision 
_pdbx_audit_revision_history.minor_revision 
_pdbx_audit_revision_history.revision_date 
1 'Structure model' 1 0 2002-02-12 
2 'Structure model' 1 1 2011-05-08 
3 'Structure model' 1 2 2011-07-13 
4 'Structure model' 1 3 2019-03-06 
5 'Structure model' 1 4 2019-05-08 
6 'Structure model' 1 5 2024-10-16 
# 
_pdbx_audit_revision_details.ordinal             1 
_pdbx_audit_revision_details.revision_ordinal    1 
_pdbx_audit_revision_details.data_content_type   'Structure model' 
_pdbx_audit_revision_details.provider            repository 
_pdbx_audit_revision_details.type                'Initial release' 
_pdbx_audit_revision_details.description         ? 
_pdbx_audit_revision_details.details             ? 
# 
loop_
_pdbx_audit_revision_group.ordinal 
_pdbx_audit_revision_group.revision_ordinal 
_pdbx_audit_revision_group.data_content_type 
_pdbx_audit_revision_group.group 
1  2 'Structure model' 'Version format compliance' 
2  3 'Structure model' 'Version format compliance' 
3  4 'Structure model' 'Data collection'           
4  4 'Structure model' 'Experimental preparation'  
5  4 'Structure model' Other                       
6  5 'Structure model' 'Data collection'           
7  5 'Structure model' 'Experimental preparation'  
8  6 'Structure model' 'Data collection'           
9  6 'Structure model' 'Database references'       
10 6 'Structure model' 'Derived calculations'      
11 6 'Structure model' Other                       
12 6 'Structure model' 'Structure summary'         
# 
loop_
_pdbx_audit_revision_category.ordinal 
_pdbx_audit_revision_category.revision_ordinal 
_pdbx_audit_revision_category.data_content_type 
_pdbx_audit_revision_category.category 
1  4 'Structure model' exptl_crystal_grow        
2  4 'Structure model' pdbx_database_proc        
3  4 'Structure model' pdbx_database_status      
4  5 'Structure model' exptl_crystal_grow        
5  6 'Structure model' chem_comp_atom            
6  6 'Structure model' chem_comp_bond            
7  6 'Structure model' database_2                
8  6 'Structure model' pdbx_database_status      
9  6 'Structure model' pdbx_entry_details        
10 6 'Structure model' pdbx_modification_feature 
11 6 'Structure model' pdbx_struct_conn_angle    
12 6 'Structure model' struct_conn               
# 
loop_
_pdbx_audit_revision_item.ordinal 
_pdbx_audit_revision_item.revision_ordinal 
_pdbx_audit_revision_item.data_content_type 
_pdbx_audit_revision_item.item 
1  4 'Structure model' '_exptl_crystal_grow.temp'                     
2  4 'Structure model' '_pdbx_database_status.recvd_author_approval'  
3  5 'Structure model' '_exptl_crystal_grow.method'                   
4  6 'Structure model' '_database_2.pdbx_DOI'                         
5  6 'Structure model' '_database_2.pdbx_database_accession'          
6  6 'Structure model' '_pdbx_database_status.status_code_sf'         
7  6 'Structure model' '_pdbx_entry_details.has_protein_modification' 
8  6 'Structure model' '_pdbx_struct_conn_angle.ptnr1_auth_comp_id'   
9  6 'Structure model' '_pdbx_struct_conn_angle.ptnr1_auth_seq_id'    
10 6 'Structure model' '_pdbx_struct_conn_angle.ptnr1_label_asym_id'  
11 6 'Structure model' '_pdbx_struct_conn_angle.ptnr1_label_atom_id'  
12 6 'Structure model' '_pdbx_struct_conn_angle.ptnr1_label_comp_id'  
13 6 'Structure model' '_pdbx_struct_conn_angle.ptnr1_label_seq_id'   
14 6 'Structure model' '_pdbx_struct_conn_angle.ptnr3_auth_comp_id'   
15 6 'Structure model' '_pdbx_struct_conn_angle.ptnr3_auth_seq_id'    
16 6 'Structure model' '_pdbx_struct_conn_angle.ptnr3_label_asym_id'  
17 6 'Structure model' '_pdbx_struct_conn_angle.ptnr3_label_atom_id'  
18 6 'Structure model' '_pdbx_struct_conn_angle.ptnr3_label_comp_id'  
19 6 'Structure model' '_pdbx_struct_conn_angle.ptnr3_label_seq_id'   
20 6 'Structure model' '_pdbx_struct_conn_angle.value'                
21 6 'Structure model' '_struct_conn.pdbx_dist_value'                 
22 6 'Structure model' '_struct_conn.ptnr1_auth_comp_id'              
23 6 'Structure model' '_struct_conn.ptnr1_auth_seq_id'               
24 6 'Structure model' '_struct_conn.ptnr1_label_asym_id'             
25 6 'Structure model' '_struct_conn.ptnr1_label_atom_id'             
26 6 'Structure model' '_struct_conn.ptnr1_label_comp_id'             
27 6 'Structure model' '_struct_conn.ptnr1_label_seq_id'              
28 6 'Structure model' '_struct_conn.ptnr2_auth_comp_id'              
29 6 'Structure model' '_struct_conn.ptnr2_auth_seq_id'               
30 6 'Structure model' '_struct_conn.ptnr2_label_asym_id'             
31 6 'Structure model' '_struct_conn.ptnr2_label_atom_id'             
32 6 'Structure model' '_struct_conn.ptnr2_label_comp_id'             
33 6 'Structure model' '_struct_conn.ptnr2_label_seq_id'              
# 
_pdbx_database_status.status_code                     REL 
_pdbx_database_status.entry_id                        1GV8 
_pdbx_database_status.deposit_site                    PDBE 
_pdbx_database_status.process_site                    PDBE 
_pdbx_database_status.SG_entry                        . 
_pdbx_database_status.recvd_initial_deposition_date   2002-02-07 
_pdbx_database_status.pdb_format_compatible           Y 
_pdbx_database_status.status_code_sf                  REL 
_pdbx_database_status.status_code_mr                  ? 
_pdbx_database_status.status_code_cs                  ? 
_pdbx_database_status.methods_development_category    ? 
_pdbx_database_status.status_code_nmr_data            ? 
# 
loop_
_pdbx_database_related.db_name 
_pdbx_database_related.db_id 
_pdbx_database_related.content_type 
_pdbx_database_related.details 
PDB 1AOV unspecified 'APO DUCK OVOTRANSFERRIN'                                          
PDB 1DOT unspecified 'DUCK OVOTRANSFERRIN'                                              
PDB 1OVB unspecified 'OVOTRANSFERRIN (18 KDA FRAGMENT, DOMAIN II FROM N-TERMINAL LOBE)' 
# 
loop_
_audit_author.name 
_audit_author.pdbx_ordinal 
'Kuser, P.'     1 
'Hall, D.R.'    2 
'Haw, M.L.'     3 
'Neu, M.'       4 
'Lindley, P.F.' 5 
# 
_citation.id                        primary 
_citation.title                     
;The Mechanism of Iron Uptake by Transferrins: The X-Ray Structures of the 18 kDa Nii Domain Fragment of Duck Ovotransferrin and its Nitrilotriacetate Complex
;
_citation.journal_abbrev            'Acta Crystallogr.,Sect.D' 
_citation.journal_volume            58 
_citation.page_first                777 
_citation.page_last                 ? 
_citation.year                      2002 
_citation.journal_id_ASTM           ABCRE6 
_citation.country                   DK 
_citation.journal_id_ISSN           0907-4449 
_citation.journal_id_CSD            0766 
_citation.book_publisher            ? 
_citation.pdbx_database_id_PubMed   11976488 
_citation.pdbx_database_id_DOI      10.1107/S0907444902003724 
# 
loop_
_citation_author.citation_id 
_citation_author.name 
_citation_author.ordinal 
_citation_author.identifier_ORCID 
primary 'Kuser, P.'     1 ? 
primary 'Hall, D.R.'    2 ? 
primary 'Haw, M.L.'     3 ? 
primary 'Neu, M.'       4 ? 
primary 'Evans, R.'     5 ? 
primary 'Lindley, P.F.' 6 ? 
# 
loop_
_entity.id 
_entity.type 
_entity.src_method 
_entity.pdbx_description 
_entity.formula_weight 
_entity.pdbx_number_of_molecules 
_entity.pdbx_ec 
_entity.pdbx_mutation 
_entity.pdbx_fragment 
_entity.details 
1 polymer     nat OVOTRANSFERRIN  17358.627 1   ? ? 'NII FRAGMENT, RESIDUES 91-249' ? 
2 non-polymer syn GLYCINE         75.067    1   ? ? ?                               ? 
3 non-polymer syn 'CARBONATE ION' 60.009    1   ? ? ?                               ? 
4 non-polymer syn 'FE (III) ION'  55.845    1   ? ? ?                               ? 
5 water       nat water           18.015    116 ? ? ?                               ? 
# 
_entity_poly.entity_id                      1 
_entity_poly.type                           'polypeptide(L)' 
_entity_poly.nstd_linkage                   no 
_entity_poly.nstd_monomer                   no 
_entity_poly.pdbx_seq_one_letter_code       
;SYYAVAVVKKGTDFMIKDLRGKTSCHTGLGRSAGWNIPIGTLIHRGDIEWEGIESGSVEQAVAKFFSASCVPGATTEQKL
CRQCKGDAKTKCLRNAPYSGYSGAFQCLKDGKGDVAFVKHTTVQENAPEEKDEYELLCLDGTRQPVDSYKTCNWARVAA
;
_entity_poly.pdbx_seq_one_letter_code_can   
;SYYAVAVVKKGTDFMIKDLRGKTSCHTGLGRSAGWNIPIGTLIHRGDIEWEGIESGSVEQAVAKFFSASCVPGATTEQKL
CRQCKGDAKTKCLRNAPYSGYSGAFQCLKDGKGDVAFVKHTTVQENAPEEKDEYELLCLDGTRQPVDSYKTCNWARVAA
;
_entity_poly.pdbx_strand_id                 A 
_entity_poly.pdbx_target_identifier         ? 
# 
loop_
_pdbx_entity_nonpoly.entity_id 
_pdbx_entity_nonpoly.name 
_pdbx_entity_nonpoly.comp_id 
2 GLYCINE         GLY 
3 'CARBONATE ION' CO3 
4 'FE (III) ION'  FE  
5 water           HOH 
# 
loop_
_entity_poly_seq.entity_id 
_entity_poly_seq.num 
_entity_poly_seq.mon_id 
_entity_poly_seq.hetero 
1 1   SER n 
1 2   TYR n 
1 3   TYR n 
1 4   ALA n 
1 5   VAL n 
1 6   ALA n 
1 7   VAL n 
1 8   VAL n 
1 9   LYS n 
1 10  LYS n 
1 11  GLY n 
1 12  THR n 
1 13  ASP n 
1 14  PHE n 
1 15  MET n 
1 16  ILE n 
1 17  LYS n 
1 18  ASP n 
1 19  LEU n 
1 20  ARG n 
1 21  GLY n 
1 22  LYS n 
1 23  THR n 
1 24  SER n 
1 25  CYS n 
1 26  HIS n 
1 27  THR n 
1 28  GLY n 
1 29  LEU n 
1 30  GLY n 
1 31  ARG n 
1 32  SER n 
1 33  ALA n 
1 34  GLY n 
1 35  TRP n 
1 36  ASN n 
1 37  ILE n 
1 38  PRO n 
1 39  ILE n 
1 40  GLY n 
1 41  THR n 
1 42  LEU n 
1 43  ILE n 
1 44  HIS n 
1 45  ARG n 
1 46  GLY n 
1 47  ASP n 
1 48  ILE n 
1 49  GLU n 
1 50  TRP n 
1 51  GLU n 
1 52  GLY n 
1 53  ILE n 
1 54  GLU n 
1 55  SER n 
1 56  GLY n 
1 57  SER n 
1 58  VAL n 
1 59  GLU n 
1 60  GLN n 
1 61  ALA n 
1 62  VAL n 
1 63  ALA n 
1 64  LYS n 
1 65  PHE n 
1 66  PHE n 
1 67  SER n 
1 68  ALA n 
1 69  SER n 
1 70  CYS n 
1 71  VAL n 
1 72  PRO n 
1 73  GLY n 
1 74  ALA n 
1 75  THR n 
1 76  THR n 
1 77  GLU n 
1 78  GLN n 
1 79  LYS n 
1 80  LEU n 
1 81  CYS n 
1 82  ARG n 
1 83  GLN n 
1 84  CYS n 
1 85  LYS n 
1 86  GLY n 
1 87  ASP n 
1 88  ALA n 
1 89  LYS n 
1 90  THR n 
1 91  LYS n 
1 92  CYS n 
1 93  LEU n 
1 94  ARG n 
1 95  ASN n 
1 96  ALA n 
1 97  PRO n 
1 98  TYR n 
1 99  SER n 
1 100 GLY n 
1 101 TYR n 
1 102 SER n 
1 103 GLY n 
1 104 ALA n 
1 105 PHE n 
1 106 GLN n 
1 107 CYS n 
1 108 LEU n 
1 109 LYS n 
1 110 ASP n 
1 111 GLY n 
1 112 LYS n 
1 113 GLY n 
1 114 ASP n 
1 115 VAL n 
1 116 ALA n 
1 117 PHE n 
1 118 VAL n 
1 119 LYS n 
1 120 HIS n 
1 121 THR n 
1 122 THR n 
1 123 VAL n 
1 124 GLN n 
1 125 GLU n 
1 126 ASN n 
1 127 ALA n 
1 128 PRO n 
1 129 GLU n 
1 130 GLU n 
1 131 LYS n 
1 132 ASP n 
1 133 GLU n 
1 134 TYR n 
1 135 GLU n 
1 136 LEU n 
1 137 LEU n 
1 138 CYS n 
1 139 LEU n 
1 140 ASP n 
1 141 GLY n 
1 142 THR n 
1 143 ARG n 
1 144 GLN n 
1 145 PRO n 
1 146 VAL n 
1 147 ASP n 
1 148 SER n 
1 149 TYR n 
1 150 LYS n 
1 151 THR n 
1 152 CYS n 
1 153 ASN n 
1 154 TRP n 
1 155 ALA n 
1 156 ARG n 
1 157 VAL n 
1 158 ALA n 
1 159 ALA n 
# 
_entity_src_nat.entity_id                  1 
_entity_src_nat.pdbx_src_id                1 
_entity_src_nat.pdbx_alt_source_flag       sample 
_entity_src_nat.pdbx_beg_seq_num           ? 
_entity_src_nat.pdbx_end_seq_num           ? 
_entity_src_nat.common_name                'COMMON DUCK' 
_entity_src_nat.pdbx_organism_scientific   'ANAS PLATYRHYNCHOS' 
_entity_src_nat.pdbx_ncbi_taxonomy_id      8839 
_entity_src_nat.genus                      ? 
_entity_src_nat.species                    ? 
_entity_src_nat.strain                     ? 
_entity_src_nat.tissue                     ? 
_entity_src_nat.tissue_fraction            ? 
_entity_src_nat.pdbx_secretion             ? 
_entity_src_nat.pdbx_fragment              ? 
_entity_src_nat.pdbx_variant               ? 
_entity_src_nat.pdbx_cell_line             ? 
_entity_src_nat.pdbx_atcc                  ? 
_entity_src_nat.pdbx_cellular_location     ? 
_entity_src_nat.pdbx_organ                 ? 
_entity_src_nat.pdbx_organelle             ? 
_entity_src_nat.pdbx_cell                  ? 
_entity_src_nat.pdbx_plasmid_name          ? 
_entity_src_nat.pdbx_plasmid_details       ? 
_entity_src_nat.details                    ? 
# 
loop_
_chem_comp.id 
_chem_comp.type 
_chem_comp.mon_nstd_flag 
_chem_comp.name 
_chem_comp.pdbx_synonyms 
_chem_comp.formula 
_chem_comp.formula_weight 
ALA 'L-peptide linking' y ALANINE         ? 'C3 H7 N O2'     89.093  
ARG 'L-peptide linking' y ARGININE        ? 'C6 H15 N4 O2 1' 175.209 
ASN 'L-peptide linking' y ASPARAGINE      ? 'C4 H8 N2 O3'    132.118 
ASP 'L-peptide linking' y 'ASPARTIC ACID' ? 'C4 H7 N O4'     133.103 
CO3 non-polymer         . 'CARBONATE ION' ? 'C O3 -2'        60.009  
CYS 'L-peptide linking' y CYSTEINE        ? 'C3 H7 N O2 S'   121.158 
FE  non-polymer         . 'FE (III) ION'  ? 'Fe 3'           55.845  
GLN 'L-peptide linking' y GLUTAMINE       ? 'C5 H10 N2 O3'   146.144 
GLU 'L-peptide linking' y 'GLUTAMIC ACID' ? 'C5 H9 N O4'     147.129 
GLY 'peptide linking'   y GLYCINE         ? 'C2 H5 N O2'     75.067  
HIS 'L-peptide linking' y HISTIDINE       ? 'C6 H10 N3 O2 1' 156.162 
HOH non-polymer         . WATER           ? 'H2 O'           18.015  
ILE 'L-peptide linking' y ISOLEUCINE      ? 'C6 H13 N O2'    131.173 
LEU 'L-peptide linking' y LEUCINE         ? 'C6 H13 N O2'    131.173 
LYS 'L-peptide linking' y LYSINE          ? 'C6 H15 N2 O2 1' 147.195 
MET 'L-peptide linking' y METHIONINE      ? 'C5 H11 N O2 S'  149.211 
PHE 'L-peptide linking' y PHENYLALANINE   ? 'C9 H11 N O2'    165.189 
PRO 'L-peptide linking' y PROLINE         ? 'C5 H9 N O2'     115.130 
SER 'L-peptide linking' y SERINE          ? 'C3 H7 N O3'     105.093 
THR 'L-peptide linking' y THREONINE       ? 'C4 H9 N O3'     119.119 
TRP 'L-peptide linking' y TRYPTOPHAN      ? 'C11 H12 N2 O2'  204.225 
TYR 'L-peptide linking' y TYROSINE        ? 'C9 H11 N O3'    181.189 
VAL 'L-peptide linking' y VALINE          ? 'C5 H11 N O2'    117.146 
# 
loop_
_pdbx_poly_seq_scheme.asym_id 
_pdbx_poly_seq_scheme.entity_id 
_pdbx_poly_seq_scheme.seq_id 
_pdbx_poly_seq_scheme.mon_id 
_pdbx_poly_seq_scheme.ndb_seq_num 
_pdbx_poly_seq_scheme.pdb_seq_num 
_pdbx_poly_seq_scheme.auth_seq_num 
_pdbx_poly_seq_scheme.pdb_mon_id 
_pdbx_poly_seq_scheme.auth_mon_id 
_pdbx_poly_seq_scheme.pdb_strand_id 
_pdbx_poly_seq_scheme.pdb_ins_code 
_pdbx_poly_seq_scheme.hetero 
A 1 1   SER 1   94  94  SER SER A . n 
A 1 2   TYR 2   95  95  TYR TYR A . n 
A 1 3   TYR 3   96  96  TYR TYR A . n 
A 1 4   ALA 4   97  97  ALA ALA A . n 
A 1 5   VAL 5   98  98  VAL VAL A . n 
A 1 6   ALA 6   99  99  ALA ALA A . n 
A 1 7   VAL 7   100 100 VAL VAL A . n 
A 1 8   VAL 8   101 101 VAL VAL A . n 
A 1 9   LYS 9   102 102 LYS LYS A . n 
A 1 10  LYS 10  103 103 LYS LYS A . n 
A 1 11  GLY 11  104 104 GLY GLY A . n 
A 1 12  THR 12  105 105 THR THR A . n 
A 1 13  ASP 13  106 106 ASP ASP A . n 
A 1 14  PHE 14  107 107 PHE PHE A . n 
A 1 15  MET 15  108 108 MET MET A . n 
A 1 16  ILE 16  109 109 ILE ILE A . n 
A 1 17  LYS 17  110 110 LYS LYS A . n 
A 1 18  ASP 18  111 111 ASP ASP A . n 
A 1 19  LEU 19  112 112 LEU LEU A . n 
A 1 20  ARG 20  113 113 ARG ARG A . n 
A 1 21  GLY 21  114 114 GLY GLY A . n 
A 1 22  LYS 22  115 115 LYS LYS A . n 
A 1 23  THR 23  116 116 THR THR A . n 
A 1 24  SER 24  117 117 SER SER A . n 
A 1 25  CYS 25  118 118 CYS CYS A . n 
A 1 26  HIS 26  119 119 HIS HIS A . n 
A 1 27  THR 27  120 120 THR THR A . n 
A 1 28  GLY 28  121 121 GLY GLY A . n 
A 1 29  LEU 29  122 122 LEU LEU A . n 
A 1 30  GLY 30  123 123 GLY GLY A . n 
A 1 31  ARG 31  124 124 ARG ARG A . n 
A 1 32  SER 32  125 125 SER SER A . n 
A 1 33  ALA 33  126 126 ALA ALA A . n 
A 1 34  GLY 34  127 127 GLY GLY A . n 
A 1 35  TRP 35  128 128 TRP TRP A . n 
A 1 36  ASN 36  129 129 ASN ASN A . n 
A 1 37  ILE 37  130 130 ILE ILE A . n 
A 1 38  PRO 38  131 131 PRO PRO A . n 
A 1 39  ILE 39  132 132 ILE ILE A . n 
A 1 40  GLY 40  133 133 GLY GLY A . n 
A 1 41  THR 41  134 134 THR THR A . n 
A 1 42  LEU 42  135 135 LEU LEU A . n 
A 1 43  ILE 43  136 136 ILE ILE A . n 
A 1 44  HIS 44  137 137 HIS HIS A . n 
A 1 45  ARG 45  138 138 ARG ARG A . n 
A 1 46  GLY 46  139 139 GLY GLY A . n 
A 1 47  ASP 47  140 140 ASP ASP A . n 
A 1 48  ILE 48  141 141 ILE ILE A . n 
A 1 49  GLU 49  142 142 GLU GLU A . n 
A 1 50  TRP 50  143 143 TRP TRP A . n 
A 1 51  GLU 51  144 144 GLU GLU A . n 
A 1 52  GLY 52  145 145 GLY GLY A . n 
A 1 53  ILE 53  146 146 ILE ILE A . n 
A 1 54  GLU 54  147 147 GLU GLU A . n 
A 1 55  SER 55  148 148 SER SER A . n 
A 1 56  GLY 56  149 149 GLY GLY A . n 
A 1 57  SER 57  150 150 SER SER A . n 
A 1 58  VAL 58  151 151 VAL VAL A . n 
A 1 59  GLU 59  152 152 GLU GLU A . n 
A 1 60  GLN 60  153 153 GLN GLN A . n 
A 1 61  ALA 61  154 154 ALA ALA A . n 
A 1 62  VAL 62  155 155 VAL VAL A . n 
A 1 63  ALA 63  156 156 ALA ALA A . n 
A 1 64  LYS 64  157 157 LYS LYS A . n 
A 1 65  PHE 65  158 158 PHE PHE A . n 
A 1 66  PHE 66  159 159 PHE PHE A . n 
A 1 67  SER 67  160 160 SER SER A . n 
A 1 68  ALA 68  161 161 ALA ALA A . n 
A 1 69  SER 69  162 162 SER SER A . n 
A 1 70  CYS 70  163 163 CYS CYS A . n 
A 1 71  VAL 71  164 164 VAL VAL A . n 
A 1 72  PRO 72  165 165 PRO PRO A . n 
A 1 73  GLY 73  166 166 GLY GLY A . n 
A 1 74  ALA 74  167 167 ALA ALA A . n 
A 1 75  THR 75  168 168 THR THR A . n 
A 1 76  THR 76  169 169 THR THR A . n 
A 1 77  GLU 77  170 170 GLU GLU A . n 
A 1 78  GLN 78  171 171 GLN GLN A . n 
A 1 79  LYS 79  172 172 LYS LYS A . n 
A 1 80  LEU 80  173 173 LEU LEU A . n 
A 1 81  CYS 81  174 174 CYS CYS A . n 
A 1 82  ARG 82  175 175 ARG ARG A . n 
A 1 83  GLN 83  176 176 GLN GLN A . n 
A 1 84  CYS 84  177 177 CYS CYS A . n 
A 1 85  LYS 85  178 178 LYS LYS A . n 
A 1 86  GLY 86  179 179 GLY GLY A . n 
A 1 87  ASP 87  180 180 ASP ASP A . n 
A 1 88  ALA 88  181 181 ALA ALA A . n 
A 1 89  LYS 89  182 182 LYS LYS A . n 
A 1 90  THR 90  183 183 THR THR A . n 
A 1 91  LYS 91  184 184 LYS LYS A . n 
A 1 92  CYS 92  185 185 CYS CYS A . n 
A 1 93  LEU 93  186 186 LEU LEU A . n 
A 1 94  ARG 94  187 187 ARG ARG A . n 
A 1 95  ASN 95  188 188 ASN ASN A . n 
A 1 96  ALA 96  189 189 ALA ALA A . n 
A 1 97  PRO 97  190 190 PRO PRO A . n 
A 1 98  TYR 98  191 191 TYR TYR A . n 
A 1 99  SER 99  192 192 SER SER A . n 
A 1 100 GLY 100 193 193 GLY GLY A . n 
A 1 101 TYR 101 194 194 TYR TYR A . n 
A 1 102 SER 102 195 195 SER SER A . n 
A 1 103 GLY 103 196 196 GLY GLY A . n 
A 1 104 ALA 104 197 197 ALA ALA A . n 
A 1 105 PHE 105 198 198 PHE PHE A . n 
A 1 106 GLN 106 199 199 GLN GLN A . n 
A 1 107 CYS 107 200 200 CYS CYS A . n 
A 1 108 LEU 108 201 201 LEU LEU A . n 
A 1 109 LYS 109 202 202 LYS LYS A . n 
A 1 110 ASP 110 203 203 ASP ASP A . n 
A 1 111 GLY 111 204 204 GLY GLY A . n 
A 1 112 LYS 112 205 205 LYS LYS A . n 
A 1 113 GLY 113 206 206 GLY GLY A . n 
A 1 114 ASP 114 207 207 ASP ASP A . n 
A 1 115 VAL 115 208 208 VAL VAL A . n 
A 1 116 ALA 116 209 209 ALA ALA A . n 
A 1 117 PHE 117 210 210 PHE PHE A . n 
A 1 118 VAL 118 211 211 VAL VAL A . n 
A 1 119 LYS 119 212 212 LYS LYS A . n 
A 1 120 HIS 120 213 213 HIS HIS A . n 
A 1 121 THR 121 214 214 THR THR A . n 
A 1 122 THR 122 215 215 THR THR A . n 
A 1 123 VAL 123 216 216 VAL VAL A . n 
A 1 124 GLN 124 217 217 GLN GLN A . n 
A 1 125 GLU 125 218 218 GLU GLU A . n 
A 1 126 ASN 126 219 219 ASN ASN A . n 
A 1 127 ALA 127 220 220 ALA ALA A . n 
A 1 128 PRO 128 221 221 PRO PRO A . n 
A 1 129 GLU 129 222 222 GLU GLU A . n 
A 1 130 GLU 130 223 223 GLU GLU A . n 
A 1 131 LYS 131 224 224 LYS LYS A . n 
A 1 132 ASP 132 225 225 ASP ASP A . n 
A 1 133 GLU 133 226 226 GLU GLU A . n 
A 1 134 TYR 134 227 227 TYR TYR A . n 
A 1 135 GLU 135 228 228 GLU GLU A . n 
A 1 136 LEU 136 229 229 LEU LEU A . n 
A 1 137 LEU 137 230 230 LEU LEU A . n 
A 1 138 CYS 138 231 231 CYS CYS A . n 
A 1 139 LEU 139 232 232 LEU LEU A . n 
A 1 140 ASP 140 233 233 ASP ASP A . n 
A 1 141 GLY 141 234 234 GLY GLY A . n 
A 1 142 THR 142 235 235 THR THR A . n 
A 1 143 ARG 143 236 236 ARG ARG A . n 
A 1 144 GLN 144 237 237 GLN GLN A . n 
A 1 145 PRO 145 238 238 PRO PRO A . n 
A 1 146 VAL 146 239 239 VAL VAL A . n 
A 1 147 ASP 147 240 240 ASP ASP A . n 
A 1 148 SER 148 241 241 SER SER A . n 
A 1 149 TYR 149 242 242 TYR TYR A . n 
A 1 150 LYS 150 243 243 LYS LYS A . n 
A 1 151 THR 151 244 244 THR THR A . n 
A 1 152 CYS 152 245 245 CYS CYS A . n 
A 1 153 ASN 153 246 246 ASN ASN A . n 
A 1 154 TRP 154 247 247 TRP TRP A . n 
A 1 155 ALA 155 248 248 ALA ALA A . n 
A 1 156 ARG 156 249 249 ARG ARG A . n 
A 1 157 VAL 157 250 250 VAL VAL A . n 
A 1 158 ALA 158 251 251 ALA ALA A . n 
A 1 159 ALA 159 252 252 ALA ALA A . n 
# 
loop_
_pdbx_nonpoly_scheme.asym_id 
_pdbx_nonpoly_scheme.entity_id 
_pdbx_nonpoly_scheme.mon_id 
_pdbx_nonpoly_scheme.ndb_seq_num 
_pdbx_nonpoly_scheme.pdb_seq_num 
_pdbx_nonpoly_scheme.auth_seq_num 
_pdbx_nonpoly_scheme.pdb_mon_id 
_pdbx_nonpoly_scheme.auth_mon_id 
_pdbx_nonpoly_scheme.pdb_strand_id 
_pdbx_nonpoly_scheme.pdb_ins_code 
B 2 GLY 1   1253 1253 GLY GLY A . 
C 3 CO3 1   1254 1254 CO3 CO3 A . 
D 4 FE  1   1255 1255 FE  FE  A . 
E 5 HOH 1   2001 2001 HOH HOH A . 
E 5 HOH 2   2002 2002 HOH HOH A . 
E 5 HOH 3   2003 2003 HOH HOH A . 
E 5 HOH 4   2004 2004 HOH HOH A . 
E 5 HOH 5   2005 2005 HOH HOH A . 
E 5 HOH 6   2006 2006 HOH HOH A . 
E 5 HOH 7   2007 2007 HOH HOH A . 
E 5 HOH 8   2008 2008 HOH HOH A . 
E 5 HOH 9   2009 2009 HOH HOH A . 
E 5 HOH 10  2010 2010 HOH HOH A . 
E 5 HOH 11  2011 2011 HOH HOH A . 
E 5 HOH 12  2012 2012 HOH HOH A . 
E 5 HOH 13  2013 2013 HOH HOH A . 
E 5 HOH 14  2014 2014 HOH HOH A . 
E 5 HOH 15  2015 2015 HOH HOH A . 
E 5 HOH 16  2016 2016 HOH HOH A . 
E 5 HOH 17  2017 2017 HOH HOH A . 
E 5 HOH 18  2018 2018 HOH HOH A . 
E 5 HOH 19  2019 2019 HOH HOH A . 
E 5 HOH 20  2020 2020 HOH HOH A . 
E 5 HOH 21  2021 2021 HOH HOH A . 
E 5 HOH 22  2022 2022 HOH HOH A . 
E 5 HOH 23  2023 2023 HOH HOH A . 
E 5 HOH 24  2024 2024 HOH HOH A . 
E 5 HOH 25  2025 2025 HOH HOH A . 
E 5 HOH 26  2026 2026 HOH HOH A . 
E 5 HOH 27  2027 2027 HOH HOH A . 
E 5 HOH 28  2028 2028 HOH HOH A . 
E 5 HOH 29  2029 2029 HOH HOH A . 
E 5 HOH 30  2030 2030 HOH HOH A . 
E 5 HOH 31  2031 2031 HOH HOH A . 
E 5 HOH 32  2032 2032 HOH HOH A . 
E 5 HOH 33  2033 2033 HOH HOH A . 
E 5 HOH 34  2034 2034 HOH HOH A . 
E 5 HOH 35  2035 2035 HOH HOH A . 
E 5 HOH 36  2036 2036 HOH HOH A . 
E 5 HOH 37  2037 2037 HOH HOH A . 
E 5 HOH 38  2038 2038 HOH HOH A . 
E 5 HOH 39  2039 2039 HOH HOH A . 
E 5 HOH 40  2040 2040 HOH HOH A . 
E 5 HOH 41  2041 2041 HOH HOH A . 
E 5 HOH 42  2042 2042 HOH HOH A . 
E 5 HOH 43  2043 2043 HOH HOH A . 
E 5 HOH 44  2044 2044 HOH HOH A . 
E 5 HOH 45  2045 2045 HOH HOH A . 
E 5 HOH 46  2046 2046 HOH HOH A . 
E 5 HOH 47  2047 2047 HOH HOH A . 
E 5 HOH 48  2048 2048 HOH HOH A . 
E 5 HOH 49  2049 2049 HOH HOH A . 
E 5 HOH 50  2050 2050 HOH HOH A . 
E 5 HOH 51  2051 2051 HOH HOH A . 
E 5 HOH 52  2052 2052 HOH HOH A . 
E 5 HOH 53  2053 2053 HOH HOH A . 
E 5 HOH 54  2054 2054 HOH HOH A . 
E 5 HOH 55  2055 2055 HOH HOH A . 
E 5 HOH 56  2056 2056 HOH HOH A . 
E 5 HOH 57  2057 2057 HOH HOH A . 
E 5 HOH 58  2058 2058 HOH HOH A . 
E 5 HOH 59  2059 2059 HOH HOH A . 
E 5 HOH 60  2060 2060 HOH HOH A . 
E 5 HOH 61  2061 2061 HOH HOH A . 
E 5 HOH 62  2062 2062 HOH HOH A . 
E 5 HOH 63  2063 2063 HOH HOH A . 
E 5 HOH 64  2064 2064 HOH HOH A . 
E 5 HOH 65  2065 2065 HOH HOH A . 
E 5 HOH 66  2066 2066 HOH HOH A . 
E 5 HOH 67  2067 2067 HOH HOH A . 
E 5 HOH 68  2068 2068 HOH HOH A . 
E 5 HOH 69  2069 2069 HOH HOH A . 
E 5 HOH 70  2070 2070 HOH HOH A . 
E 5 HOH 71  2071 2071 HOH HOH A . 
E 5 HOH 72  2072 2072 HOH HOH A . 
E 5 HOH 73  2073 2073 HOH HOH A . 
E 5 HOH 74  2074 2074 HOH HOH A . 
E 5 HOH 75  2075 2075 HOH HOH A . 
E 5 HOH 76  2076 2076 HOH HOH A . 
E 5 HOH 77  2077 2077 HOH HOH A . 
E 5 HOH 78  2078 2078 HOH HOH A . 
E 5 HOH 79  2079 2079 HOH HOH A . 
E 5 HOH 80  2080 2080 HOH HOH A . 
E 5 HOH 81  2081 2081 HOH HOH A . 
E 5 HOH 82  2082 2082 HOH HOH A . 
E 5 HOH 83  2083 2083 HOH HOH A . 
E 5 HOH 84  2084 2084 HOH HOH A . 
E 5 HOH 85  2085 2085 HOH HOH A . 
E 5 HOH 86  2086 2086 HOH HOH A . 
E 5 HOH 87  2087 2087 HOH HOH A . 
E 5 HOH 88  2088 2088 HOH HOH A . 
E 5 HOH 89  2089 2089 HOH HOH A . 
E 5 HOH 90  2090 2090 HOH HOH A . 
E 5 HOH 91  2091 2091 HOH HOH A . 
E 5 HOH 92  2092 2092 HOH HOH A . 
E 5 HOH 93  2093 2093 HOH HOH A . 
E 5 HOH 94  2094 2094 HOH HOH A . 
E 5 HOH 95  2095 2095 HOH HOH A . 
E 5 HOH 96  2096 2096 HOH HOH A . 
E 5 HOH 97  2097 2097 HOH HOH A . 
E 5 HOH 98  2098 2098 HOH HOH A . 
E 5 HOH 99  2099 2099 HOH HOH A . 
E 5 HOH 100 2100 2100 HOH HOH A . 
E 5 HOH 101 2101 2101 HOH HOH A . 
E 5 HOH 102 2102 2102 HOH HOH A . 
E 5 HOH 103 2103 2103 HOH HOH A . 
E 5 HOH 104 2104 2104 HOH HOH A . 
E 5 HOH 105 2105 2105 HOH HOH A . 
E 5 HOH 106 2106 2106 HOH HOH A . 
E 5 HOH 107 2107 2107 HOH HOH A . 
E 5 HOH 108 2108 2108 HOH HOH A . 
E 5 HOH 109 2109 2109 HOH HOH A . 
E 5 HOH 110 2110 2110 HOH HOH A . 
E 5 HOH 111 2111 2111 HOH HOH A . 
E 5 HOH 112 2112 2112 HOH HOH A . 
E 5 HOH 113 2113 2113 HOH HOH A . 
E 5 HOH 114 2114 2114 HOH HOH A . 
E 5 HOH 115 2115 2115 HOH HOH A . 
E 5 HOH 116 2116 2116 HOH HOH A . 
# 
loop_
_software.name 
_software.classification 
_software.version 
_software.citation_id 
_software.pdbx_ordinal 
REFMAC   refinement       . ? 1 
MOSFLM   'data reduction' . ? 2 
Agrovata 'data scaling'   . ? 3 
# 
_cell.entry_id           1GV8 
_cell.length_a           41.390 
_cell.length_b           41.390 
_cell.length_c           81.570 
_cell.angle_alpha        90.00 
_cell.angle_beta         90.00 
_cell.angle_gamma        120.00 
_cell.Z_PDB              3 
_cell.pdbx_unique_axis   ? 
# 
_symmetry.entry_id                         1GV8 
_symmetry.space_group_name_H-M             'P 31' 
_symmetry.pdbx_full_space_group_name_H-M   ? 
_symmetry.cell_setting                     ? 
_symmetry.Int_Tables_number                144 
# 
_exptl.entry_id          1GV8 
_exptl.method            'X-RAY DIFFRACTION' 
_exptl.crystals_number   1 
# 
_exptl_crystal.id                    1 
_exptl_crystal.density_meas          ? 
_exptl_crystal.density_Matthews      2.24 
_exptl_crystal.density_percent_sol   45 
_exptl_crystal.description           'BASED ON STRUCTURE AT 2.3 A' 
# 
_exptl_crystal_grow.crystal_id      1 
_exptl_crystal_grow.method          'VAPOR DIFFUSION, SITTING DROP' 
_exptl_crystal_grow.temp            277 
_exptl_crystal_grow.temp_details    ? 
_exptl_crystal_grow.pH              7.80 
_exptl_crystal_grow.pdbx_pH_range   ? 
_exptl_crystal_grow.pdbx_details    'SITTING DROP AT PH 7.8, 277K' 
# 
_diffrn.id                     1 
_diffrn.ambient_temp           277.0 
_diffrn.ambient_temp_details   ? 
_diffrn.crystal_id             1 
# 
_diffrn_detector.diffrn_id              1 
_diffrn_detector.detector               'IMAGE PLATE' 
_diffrn_detector.type                   'RIGAKU RAXIS II' 
_diffrn_detector.pdbx_collection_date   1993-01-15 
_diffrn_detector.details                'PT COATED FUSED QUARTZ' 
# 
_diffrn_radiation.diffrn_id                        1 
_diffrn_radiation.wavelength_id                    1 
_diffrn_radiation.pdbx_monochromatic_or_laue_m_l   M 
_diffrn_radiation.monochromator                    'BENT TRIANGULAR SI(111)' 
_diffrn_radiation.pdbx_diffrn_protocol             'SINGLE WAVELENGTH' 
_diffrn_radiation.pdbx_scattering_type             x-ray 
# 
_diffrn_radiation_wavelength.id           1 
_diffrn_radiation_wavelength.wavelength   0.88 
_diffrn_radiation_wavelength.wt           1.0 
# 
_diffrn_source.diffrn_id                   1 
_diffrn_source.source                      SYNCHROTRON 
_diffrn_source.type                        'SRS BEAMLINE PX9.6' 
_diffrn_source.pdbx_synchrotron_site       SRS 
_diffrn_source.pdbx_synchrotron_beamline   PX9.6 
_diffrn_source.pdbx_wavelength             0.88 
_diffrn_source.pdbx_wavelength_list        ? 
# 
_reflns.pdbx_diffrn_id               1 
_reflns.pdbx_ordinal                 1 
_reflns.entry_id                     1GV8 
_reflns.observed_criterion_sigma_I   ? 
_reflns.observed_criterion_sigma_F   ? 
_reflns.d_resolution_low             27.220 
_reflns.d_resolution_high            1.950 
_reflns.number_obs                   11119 
_reflns.number_all                   ? 
_reflns.percent_possible_obs         97.6 
_reflns.pdbx_Rmerge_I_obs            0.05500 
_reflns.pdbx_Rsym_value              ? 
_reflns.pdbx_netI_over_sigmaI        6.6000 
_reflns.B_iso_Wilson_estimate        ? 
_reflns.pdbx_redundancy              3.100 
# 
_reflns_shell.pdbx_diffrn_id         1 
_reflns_shell.pdbx_ordinal           1 
_reflns_shell.d_res_high             1.95 
_reflns_shell.d_res_low              2.02 
_reflns_shell.percent_possible_all   94.5 
_reflns_shell.Rmerge_I_obs           0.10300 
_reflns_shell.pdbx_Rsym_value        ? 
_reflns_shell.meanI_over_sigI_obs    5.800 
_reflns_shell.pdbx_redundancy        2.30 
# 
_refine.pdbx_refine_id                           'X-RAY DIFFRACTION' 
_refine.entry_id                                 1GV8 
_refine.pdbx_diffrn_id                           1 
_refine.pdbx_TLS_residual_ADP_flag               ? 
_refine.ls_number_reflns_obs                     11119 
_refine.ls_number_reflns_all                     ? 
_refine.pdbx_ls_sigma_I                          ? 
_refine.pdbx_ls_sigma_F                          ? 
_refine.pdbx_data_cutoff_high_absF               ? 
_refine.pdbx_data_cutoff_low_absF                ? 
_refine.pdbx_data_cutoff_high_rms_absF           ? 
_refine.ls_d_res_low                             27.22 
_refine.ls_d_res_high                            1.95 
_refine.ls_percent_reflns_obs                    97.6 
_refine.ls_R_factor_obs                          0.171 
_refine.ls_R_factor_all                          ? 
_refine.ls_R_factor_R_work                       0.169 
_refine.ls_R_factor_R_free                       0.218 
_refine.ls_R_factor_R_free_error                 ? 
_refine.ls_R_factor_R_free_error_details         ? 
_refine.ls_percent_reflns_R_free                 4.8 
_refine.ls_number_reflns_R_free                  532 
_refine.ls_number_parameters                     ? 
_refine.ls_number_restraints                     ? 
_refine.occupancy_min                            ? 
_refine.occupancy_max                            ? 
_refine.correlation_coeff_Fo_to_Fc               ? 
_refine.correlation_coeff_Fo_to_Fc_free          ? 
_refine.B_iso_mean                               ? 
_refine.aniso_B[1][1]                            ? 
_refine.aniso_B[2][2]                            ? 
_refine.aniso_B[3][3]                            ? 
_refine.aniso_B[1][2]                            ? 
_refine.aniso_B[1][3]                            ? 
_refine.aniso_B[2][3]                            ? 
_refine.solvent_model_details                    ? 
_refine.solvent_model_param_ksol                 ? 
_refine.solvent_model_param_bsol                 ? 
_refine.pdbx_solvent_vdw_probe_radii             ? 
_refine.pdbx_solvent_ion_probe_radii             ? 
_refine.pdbx_solvent_shrinkage_radii             ? 
_refine.pdbx_ls_cross_valid_method               THROUGHOUT 
_refine.details                                  'RESIDUES 144 - 149 INCLUSIVE VERY POORLY DEFINED' 
_refine.pdbx_starting_model                      ? 
_refine.pdbx_method_to_determine_struct          OTHER 
_refine.pdbx_isotropic_thermal_model             ? 
_refine.pdbx_stereochemistry_target_values       ? 
_refine.pdbx_stereochem_target_val_spec_case     ? 
_refine.pdbx_R_Free_selection_details            RANDOM 
_refine.pdbx_overall_ESU_R                       ? 
_refine.pdbx_overall_ESU_R_Free                  0.155 
_refine.overall_SU_ML                            0.159 
_refine.pdbx_overall_phase_error                 ? 
_refine.overall_SU_B                             5.42 
_refine.overall_SU_R_Cruickshank_DPI             ? 
_refine.pdbx_overall_SU_R_free_Cruickshank_DPI   ? 
_refine.pdbx_overall_SU_R_Blow_DPI               ? 
_refine.pdbx_overall_SU_R_free_Blow_DPI          ? 
# 
_refine_hist.pdbx_refine_id                   'X-RAY DIFFRACTION' 
_refine_hist.cycle_id                         LAST 
_refine_hist.pdbx_number_atoms_protein        1215 
_refine_hist.pdbx_number_atoms_nucleic_acid   0 
_refine_hist.pdbx_number_atoms_ligand         10 
_refine_hist.number_atoms_solvent             116 
_refine_hist.number_atoms_total               1341 
_refine_hist.d_res_high                       1.95 
_refine_hist.d_res_low                        27.22 
# 
_struct.entry_id                  1GV8 
_struct.title                     '18 kDa fragment of N-II domain of duck ovotransferrin' 
_struct.pdbx_model_details        ? 
_struct.pdbx_CASP_flag            ? 
_struct.pdbx_model_type_details   ? 
# 
_struct_keywords.entry_id        1GV8 
_struct_keywords.pdbx_keywords   'IRON TRANSPORT' 
_struct_keywords.text            'IRON TRANSPORT, GLYCOPROTEIN, METAL-BINDING' 
# 
loop_
_struct_asym.id 
_struct_asym.pdbx_blank_PDB_chainid_flag 
_struct_asym.pdbx_modified 
_struct_asym.entity_id 
_struct_asym.details 
A N N 1 ? 
B N N 2 ? 
C N N 3 ? 
D N N 4 ? 
E N N 5 ? 
# 
_struct_ref.id                         1 
_struct_ref.db_name                    UNP 
_struct_ref.db_code                    TRFE_ANAPL 
_struct_ref.entity_id                  1 
_struct_ref.pdbx_seq_one_letter_code   ? 
_struct_ref.pdbx_align_begin           ? 
_struct_ref.pdbx_db_accession          P56410 
_struct_ref.pdbx_db_isoform            ? 
# 
_struct_ref_seq.align_id                      1 
_struct_ref_seq.ref_id                        1 
_struct_ref_seq.pdbx_PDB_id_code              1GV8 
_struct_ref_seq.pdbx_strand_id                A 
_struct_ref_seq.seq_align_beg                 1 
_struct_ref_seq.pdbx_seq_align_beg_ins_code   ? 
_struct_ref_seq.seq_align_end                 159 
_struct_ref_seq.pdbx_seq_align_end_ins_code   ? 
_struct_ref_seq.pdbx_db_accession             P56410 
_struct_ref_seq.db_align_beg                  91 
_struct_ref_seq.pdbx_db_align_beg_ins_code    ? 
_struct_ref_seq.db_align_end                  249 
_struct_ref_seq.pdbx_db_align_end_ins_code    ? 
_struct_ref_seq.pdbx_auth_seq_align_beg       94 
_struct_ref_seq.pdbx_auth_seq_align_end       252 
# 
loop_
_struct_ref_seq_dif.align_id 
_struct_ref_seq_dif.pdbx_pdb_id_code 
_struct_ref_seq_dif.mon_id 
_struct_ref_seq_dif.pdbx_pdb_strand_id 
_struct_ref_seq_dif.seq_num 
_struct_ref_seq_dif.pdbx_pdb_ins_code 
_struct_ref_seq_dif.pdbx_seq_db_name 
_struct_ref_seq_dif.pdbx_seq_db_accession_code 
_struct_ref_seq_dif.db_mon_id 
_struct_ref_seq_dif.pdbx_seq_db_seq_num 
_struct_ref_seq_dif.details 
_struct_ref_seq_dif.pdbx_auth_seq_num 
_struct_ref_seq_dif.pdbx_ordinal 
1 1GV8 GLY A 46 ? UNP P56410 GLU 136 conflict 139 1 
1 1GV8 SER A 57 ? UNP P56410 ILE 147 conflict 150 2 
1 1GV8 VAL A 58 ? UNP P56410 SER 148 conflict 151 3 
1 1GV8 THR A 76 ? UNP P56410 ILE 166 conflict 169 4 
# 
_pdbx_struct_assembly.id                   1 
_pdbx_struct_assembly.details              author_and_software_defined_assembly 
_pdbx_struct_assembly.method_details       PQS 
_pdbx_struct_assembly.oligomeric_details   monomeric 
_pdbx_struct_assembly.oligomeric_count     1 
# 
_pdbx_struct_assembly_gen.assembly_id       1 
_pdbx_struct_assembly_gen.oper_expression   1 
_pdbx_struct_assembly_gen.asym_id_list      A,B,C,D,E 
# 
_pdbx_struct_oper_list.id                   1 
_pdbx_struct_oper_list.type                 'identity operation' 
_pdbx_struct_oper_list.name                 1_555 
_pdbx_struct_oper_list.symmetry_operation   x,y,z 
_pdbx_struct_oper_list.matrix[1][1]         1.0000000000 
_pdbx_struct_oper_list.matrix[1][2]         0.0000000000 
_pdbx_struct_oper_list.matrix[1][3]         0.0000000000 
_pdbx_struct_oper_list.vector[1]            0.0000000000 
_pdbx_struct_oper_list.matrix[2][1]         0.0000000000 
_pdbx_struct_oper_list.matrix[2][2]         1.0000000000 
_pdbx_struct_oper_list.matrix[2][3]         0.0000000000 
_pdbx_struct_oper_list.vector[2]            0.0000000000 
_pdbx_struct_oper_list.matrix[3][1]         0.0000000000 
_pdbx_struct_oper_list.matrix[3][2]         0.0000000000 
_pdbx_struct_oper_list.matrix[3][3]         1.0000000000 
_pdbx_struct_oper_list.vector[3]            0.0000000000 
# 
_struct_biol.id   1 
# 
loop_
_struct_conf.conf_type_id 
_struct_conf.id 
_struct_conf.pdbx_PDB_helix_id 
_struct_conf.beg_label_comp_id 
_struct_conf.beg_label_asym_id 
_struct_conf.beg_label_seq_id 
_struct_conf.pdbx_beg_PDB_ins_code 
_struct_conf.end_label_comp_id 
_struct_conf.end_label_asym_id 
_struct_conf.end_label_seq_id 
_struct_conf.pdbx_end_PDB_ins_code 
_struct_conf.beg_auth_comp_id 
_struct_conf.beg_auth_asym_id 
_struct_conf.beg_auth_seq_id 
_struct_conf.end_auth_comp_id 
_struct_conf.end_auth_asym_id 
_struct_conf.end_auth_seq_id 
_struct_conf.pdbx_PDB_helix_class 
_struct_conf.details 
_struct_conf.pdbx_PDB_helix_length 
HELX_P HELX_P1 1 MET A 15  ? LEU A 19  ? MET A 108 LEU A 112 5 ? 5  
HELX_P HELX_P2 2 TRP A 35  ? ARG A 45  ? TRP A 128 ARG A 138 1 ? 11 
HELX_P HELX_P3 3 GLY A 52  ? GLY A 56  ? GLY A 145 GLY A 149 5 ? 5  
HELX_P HELX_P4 4 SER A 57  ? LYS A 64  ? SER A 150 LYS A 157 1 ? 8  
HELX_P HELX_P5 5 GLU A 77  ? ARG A 82  ? GLU A 170 ARG A 175 5 ? 6  
HELX_P HELX_P6 6 SER A 99  ? ASP A 110 ? SER A 192 ASP A 203 1 ? 12 
HELX_P HELX_P7 7 THR A 121 ? ALA A 127 ? THR A 214 ALA A 220 1 ? 7  
HELX_P HELX_P8 8 PRO A 128 ? ASP A 132 ? PRO A 221 ASP A 225 5 ? 5  
HELX_P HELX_P9 9 ASP A 147 ? CYS A 152 ? ASP A 240 CYS A 245 5 ? 6  
# 
_struct_conf_type.id          HELX_P 
_struct_conf_type.criteria    ? 
_struct_conf_type.reference   ? 
# 
loop_
_struct_conn.id 
_struct_conn.conn_type_id 
_struct_conn.pdbx_leaving_atom_flag 
_struct_conn.pdbx_PDB_id 
_struct_conn.ptnr1_label_asym_id 
_struct_conn.ptnr1_label_comp_id 
_struct_conn.ptnr1_label_seq_id 
_struct_conn.ptnr1_label_atom_id 
_struct_conn.pdbx_ptnr1_label_alt_id 
_struct_conn.pdbx_ptnr1_PDB_ins_code 
_struct_conn.pdbx_ptnr1_standard_comp_id 
_struct_conn.ptnr1_symmetry 
_struct_conn.ptnr2_label_asym_id 
_struct_conn.ptnr2_label_comp_id 
_struct_conn.ptnr2_label_seq_id 
_struct_conn.ptnr2_label_atom_id 
_struct_conn.pdbx_ptnr2_label_alt_id 
_struct_conn.pdbx_ptnr2_PDB_ins_code 
_struct_conn.ptnr1_auth_asym_id 
_struct_conn.ptnr1_auth_comp_id 
_struct_conn.ptnr1_auth_seq_id 
_struct_conn.ptnr2_auth_asym_id 
_struct_conn.ptnr2_auth_comp_id 
_struct_conn.ptnr2_auth_seq_id 
_struct_conn.ptnr2_symmetry 
_struct_conn.pdbx_ptnr3_label_atom_id 
_struct_conn.pdbx_ptnr3_label_seq_id 
_struct_conn.pdbx_ptnr3_label_comp_id 
_struct_conn.pdbx_ptnr3_label_asym_id 
_struct_conn.pdbx_ptnr3_label_alt_id 
_struct_conn.pdbx_ptnr3_PDB_ins_code 
_struct_conn.details 
_struct_conn.pdbx_dist_value 
_struct_conn.pdbx_value_order 
_struct_conn.pdbx_role 
disulf1 disulf ? ? A CYS 25  SG ? ? ? 1_555 A CYS 107 SG ? ? A CYS 118  A CYS 200  1_555 ? ? ? ? ? ? ? 1.998 ? ? 
disulf2 disulf ? ? A CYS 70  SG ? ? ? 1_555 A CYS 84  SG ? ? A CYS 163  A CYS 177  1_555 ? ? ? ? ? ? ? 2.063 ? ? 
disulf3 disulf ? ? A CYS 81  SG ? ? ? 1_555 A CYS 92  SG ? ? A CYS 174  A CYS 185  1_555 ? ? ? ? ? ? ? 2.042 ? ? 
disulf4 disulf ? ? A CYS 138 SG ? ? ? 1_555 A CYS 152 SG ? ? A CYS 231  A CYS 245  1_555 ? ? ? ? ? ? ? 2.077 ? ? 
metalc1 metalc ? ? A TYR 2   OH ? ? ? 1_555 D FE  .   FE ? ? A TYR 95   A FE  1255 1_555 ? ? ? ? ? ? ? 1.871 ? ? 
metalc2 metalc ? ? A TYR 101 OH ? ? ? 1_555 D FE  .   FE ? ? A TYR 194  A FE  1255 1_555 ? ? ? ? ? ? ? 1.971 ? ? 
metalc3 metalc ? ? B GLY .   O  ? ? ? 1_555 D FE  .   FE ? ? A GLY 1253 A FE  1255 1_555 ? ? ? ? ? ? ? 1.941 ? ? 
metalc4 metalc ? ? B GLY .   N  ? ? ? 1_555 D FE  .   FE ? ? A GLY 1253 A FE  1255 1_555 ? ? ? ? ? ? ? 2.125 ? ? 
metalc5 metalc ? ? C CO3 .   O3 ? ? ? 1_555 D FE  .   FE ? ? A CO3 1254 A FE  1255 1_555 ? ? ? ? ? ? ? 2.033 ? ? 
metalc6 metalc ? ? C CO3 .   O2 ? ? ? 1_555 D FE  .   FE ? ? A CO3 1254 A FE  1255 1_555 ? ? ? ? ? ? ? 2.152 ? ? 
# 
loop_
_struct_conn_type.id 
_struct_conn_type.criteria 
_struct_conn_type.reference 
disulf ? ? 
metalc ? ? 
# 
loop_
_pdbx_struct_conn_angle.id 
_pdbx_struct_conn_angle.ptnr1_label_atom_id 
_pdbx_struct_conn_angle.ptnr1_label_alt_id 
_pdbx_struct_conn_angle.ptnr1_label_asym_id 
_pdbx_struct_conn_angle.ptnr1_label_comp_id 
_pdbx_struct_conn_angle.ptnr1_label_seq_id 
_pdbx_struct_conn_angle.ptnr1_auth_atom_id 
_pdbx_struct_conn_angle.ptnr1_auth_asym_id 
_pdbx_struct_conn_angle.ptnr1_auth_comp_id 
_pdbx_struct_conn_angle.ptnr1_auth_seq_id 
_pdbx_struct_conn_angle.ptnr1_PDB_ins_code 
_pdbx_struct_conn_angle.ptnr1_symmetry 
_pdbx_struct_conn_angle.ptnr2_label_atom_id 
_pdbx_struct_conn_angle.ptnr2_label_alt_id 
_pdbx_struct_conn_angle.ptnr2_label_asym_id 
_pdbx_struct_conn_angle.ptnr2_label_comp_id 
_pdbx_struct_conn_angle.ptnr2_label_seq_id 
_pdbx_struct_conn_angle.ptnr2_auth_atom_id 
_pdbx_struct_conn_angle.ptnr2_auth_asym_id 
_pdbx_struct_conn_angle.ptnr2_auth_comp_id 
_pdbx_struct_conn_angle.ptnr2_auth_seq_id 
_pdbx_struct_conn_angle.ptnr2_PDB_ins_code 
_pdbx_struct_conn_angle.ptnr2_symmetry 
_pdbx_struct_conn_angle.ptnr3_label_atom_id 
_pdbx_struct_conn_angle.ptnr3_label_alt_id 
_pdbx_struct_conn_angle.ptnr3_label_asym_id 
_pdbx_struct_conn_angle.ptnr3_label_comp_id 
_pdbx_struct_conn_angle.ptnr3_label_seq_id 
_pdbx_struct_conn_angle.ptnr3_auth_atom_id 
_pdbx_struct_conn_angle.ptnr3_auth_asym_id 
_pdbx_struct_conn_angle.ptnr3_auth_comp_id 
_pdbx_struct_conn_angle.ptnr3_auth_seq_id 
_pdbx_struct_conn_angle.ptnr3_PDB_ins_code 
_pdbx_struct_conn_angle.ptnr3_symmetry 
_pdbx_struct_conn_angle.value 
_pdbx_struct_conn_angle.value_esd 
1  OH ? A TYR 2   ? A TYR 95   ? 1_555 FE ? D FE . ? A FE 1255 ? 1_555 OH ? A TYR 101 ? A TYR 194  ? 1_555 98.3  ? 
2  OH ? A TYR 2   ? A TYR 95   ? 1_555 FE ? D FE . ? A FE 1255 ? 1_555 O  ? B GLY .   ? A GLY 1253 ? 1_555 87.7  ? 
3  OH ? A TYR 101 ? A TYR 194  ? 1_555 FE ? D FE . ? A FE 1255 ? 1_555 O  ? B GLY .   ? A GLY 1253 ? 1_555 168.9 ? 
4  OH ? A TYR 2   ? A TYR 95   ? 1_555 FE ? D FE . ? A FE 1255 ? 1_555 N  ? B GLY .   ? A GLY 1253 ? 1_555 100.3 ? 
5  OH ? A TYR 101 ? A TYR 194  ? 1_555 FE ? D FE . ? A FE 1255 ? 1_555 N  ? B GLY .   ? A GLY 1253 ? 1_555 90.3  ? 
6  O  ? B GLY .   ? A GLY 1253 ? 1_555 FE ? D FE . ? A FE 1255 ? 1_555 N  ? B GLY .   ? A GLY 1253 ? 1_555 79.4  ? 
7  OH ? A TYR 2   ? A TYR 95   ? 1_555 FE ? D FE . ? A FE 1255 ? 1_555 O3 ? C CO3 .   ? A CO3 1254 ? 1_555 160.3 ? 
8  OH ? A TYR 101 ? A TYR 194  ? 1_555 FE ? D FE . ? A FE 1255 ? 1_555 O3 ? C CO3 .   ? A CO3 1254 ? 1_555 93.3  ? 
9  O  ? B GLY .   ? A GLY 1253 ? 1_555 FE ? D FE . ? A FE 1255 ? 1_555 O3 ? C CO3 .   ? A CO3 1254 ? 1_555 83.6  ? 
10 N  ? B GLY .   ? A GLY 1253 ? 1_555 FE ? D FE . ? A FE 1255 ? 1_555 O3 ? C CO3 .   ? A CO3 1254 ? 1_555 95.5  ? 
11 OH ? A TYR 2   ? A TYR 95   ? 1_555 FE ? D FE . ? A FE 1255 ? 1_555 O2 ? C CO3 .   ? A CO3 1254 ? 1_555 97.0  ? 
12 OH ? A TYR 101 ? A TYR 194  ? 1_555 FE ? D FE . ? A FE 1255 ? 1_555 O2 ? C CO3 .   ? A CO3 1254 ? 1_555 103.6 ? 
13 O  ? B GLY .   ? A GLY 1253 ? 1_555 FE ? D FE . ? A FE 1255 ? 1_555 O2 ? C CO3 .   ? A CO3 1254 ? 1_555 84.7  ? 
14 N  ? B GLY .   ? A GLY 1253 ? 1_555 FE ? D FE . ? A FE 1255 ? 1_555 O2 ? C CO3 .   ? A CO3 1254 ? 1_555 155.9 ? 
15 O3 ? C CO3 .   ? A CO3 1254 ? 1_555 FE ? D FE . ? A FE 1255 ? 1_555 O2 ? C CO3 .   ? A CO3 1254 ? 1_555 64.6  ? 
# 
loop_
_pdbx_modification_feature.ordinal 
_pdbx_modification_feature.label_comp_id 
_pdbx_modification_feature.label_asym_id 
_pdbx_modification_feature.label_seq_id 
_pdbx_modification_feature.label_alt_id 
_pdbx_modification_feature.modified_residue_label_comp_id 
_pdbx_modification_feature.modified_residue_label_asym_id 
_pdbx_modification_feature.modified_residue_label_seq_id 
_pdbx_modification_feature.modified_residue_label_alt_id 
_pdbx_modification_feature.auth_comp_id 
_pdbx_modification_feature.auth_asym_id 
_pdbx_modification_feature.auth_seq_id 
_pdbx_modification_feature.PDB_ins_code 
_pdbx_modification_feature.symmetry 
_pdbx_modification_feature.modified_residue_auth_comp_id 
_pdbx_modification_feature.modified_residue_auth_asym_id 
_pdbx_modification_feature.modified_residue_auth_seq_id 
_pdbx_modification_feature.modified_residue_PDB_ins_code 
_pdbx_modification_feature.modified_residue_symmetry 
_pdbx_modification_feature.comp_id_linking_atom 
_pdbx_modification_feature.modified_residue_id_linking_atom 
_pdbx_modification_feature.modified_residue_id 
_pdbx_modification_feature.ref_pcm_id 
_pdbx_modification_feature.ref_comp_id 
_pdbx_modification_feature.type 
_pdbx_modification_feature.category 
1 CYS A 25  ? CYS A 107 ? CYS A 118 ? 1_555 CYS A 200 ? 1_555 SG SG . . . None 'Disulfide bridge' 
2 CYS A 70  ? CYS A 84  ? CYS A 163 ? 1_555 CYS A 177 ? 1_555 SG SG . . . None 'Disulfide bridge' 
3 CYS A 81  ? CYS A 92  ? CYS A 174 ? 1_555 CYS A 185 ? 1_555 SG SG . . . None 'Disulfide bridge' 
4 CYS A 138 ? CYS A 152 ? CYS A 231 ? 1_555 CYS A 245 ? 1_555 SG SG . . . None 'Disulfide bridge' 
# 
loop_
_struct_sheet.id 
_struct_sheet.type 
_struct_sheet.number_strands 
_struct_sheet.details 
AA ? 5 ? 
AB ? 6 ? 
# 
loop_
_struct_sheet_order.sheet_id 
_struct_sheet_order.range_id_1 
_struct_sheet_order.range_id_2 
_struct_sheet_order.offset 
_struct_sheet_order.sense 
AA 1 2 ? parallel      
AA 2 3 ? parallel      
AA 3 4 ? anti-parallel 
AA 4 5 ? anti-parallel 
AB 1 2 ? parallel      
AB 2 3 ? parallel      
AB 3 4 ? anti-parallel 
AB 4 5 ? anti-parallel 
AB 5 6 ? anti-parallel 
# 
loop_
_struct_sheet_range.sheet_id 
_struct_sheet_range.id 
_struct_sheet_range.beg_label_comp_id 
_struct_sheet_range.beg_label_asym_id 
_struct_sheet_range.beg_label_seq_id 
_struct_sheet_range.pdbx_beg_PDB_ins_code 
_struct_sheet_range.end_label_comp_id 
_struct_sheet_range.end_label_asym_id 
_struct_sheet_range.end_label_seq_id 
_struct_sheet_range.pdbx_end_PDB_ins_code 
_struct_sheet_range.beg_auth_comp_id 
_struct_sheet_range.beg_auth_asym_id 
_struct_sheet_range.beg_auth_seq_id 
_struct_sheet_range.end_auth_comp_id 
_struct_sheet_range.end_auth_asym_id 
_struct_sheet_range.end_auth_seq_id 
AA 1 ALA A 68  ? CYS A 70  ? ALA A 161 CYS A 163 
AA 2 THR A 23  ? HIS A 26  ? THR A 116 HIS A 119 
AA 3 VAL A 115 ? LYS A 119 ? VAL A 208 LYS A 212 
AA 4 TYR A 2   ? LYS A 9   ? TYR A 95  LYS A 102 
AA 5 ALA A 155 ? VAL A 157 ? ALA A 248 VAL A 250 
AB 1 ALA A 68  ? CYS A 70  ? ALA A 161 CYS A 163 
AB 2 THR A 23  ? HIS A 26  ? THR A 116 HIS A 119 
AB 3 VAL A 115 ? LYS A 119 ? VAL A 208 LYS A 212 
AB 4 TYR A 2   ? LYS A 9   ? TYR A 95  LYS A 102 
AB 5 TYR A 134 ? LEU A 137 ? TYR A 227 LEU A 230 
AB 6 ARG A 143 ? PRO A 145 ? ARG A 236 PRO A 238 
# 
loop_
_pdbx_struct_sheet_hbond.sheet_id 
_pdbx_struct_sheet_hbond.range_id_1 
_pdbx_struct_sheet_hbond.range_id_2 
_pdbx_struct_sheet_hbond.range_1_label_atom_id 
_pdbx_struct_sheet_hbond.range_1_label_comp_id 
_pdbx_struct_sheet_hbond.range_1_label_asym_id 
_pdbx_struct_sheet_hbond.range_1_label_seq_id 
_pdbx_struct_sheet_hbond.range_1_PDB_ins_code 
_pdbx_struct_sheet_hbond.range_1_auth_atom_id 
_pdbx_struct_sheet_hbond.range_1_auth_comp_id 
_pdbx_struct_sheet_hbond.range_1_auth_asym_id 
_pdbx_struct_sheet_hbond.range_1_auth_seq_id 
_pdbx_struct_sheet_hbond.range_2_label_atom_id 
_pdbx_struct_sheet_hbond.range_2_label_comp_id 
_pdbx_struct_sheet_hbond.range_2_label_asym_id 
_pdbx_struct_sheet_hbond.range_2_label_seq_id 
_pdbx_struct_sheet_hbond.range_2_PDB_ins_code 
_pdbx_struct_sheet_hbond.range_2_auth_atom_id 
_pdbx_struct_sheet_hbond.range_2_auth_comp_id 
_pdbx_struct_sheet_hbond.range_2_auth_asym_id 
_pdbx_struct_sheet_hbond.range_2_auth_seq_id 
AA 1 2 N CYS A 70  ? N CYS A 163 O SER A 24  ? O SER A 117 
AA 2 3 N CYS A 25  ? N CYS A 118 O VAL A 115 ? O VAL A 208 
AA 3 4 N VAL A 118 ? N VAL A 211 O VAL A 5   ? O VAL A 98  
AA 4 5 N ALA A 4   ? N ALA A 97  O ALA A 155 ? O ALA A 248 
AB 1 2 N CYS A 70  ? N CYS A 163 O SER A 24  ? O SER A 117 
AB 2 3 N CYS A 25  ? N CYS A 118 O VAL A 115 ? O VAL A 208 
AB 3 4 N VAL A 118 ? N VAL A 211 O VAL A 5   ? O VAL A 98  
AB 4 5 N VAL A 8   ? N VAL A 101 O GLU A 135 ? O GLU A 228 
AB 5 6 N LEU A 136 ? N LEU A 229 O GLN A 144 ? O GLN A 237 
# 
loop_
_struct_site.id 
_struct_site.pdbx_evidence_code 
_struct_site.pdbx_auth_asym_id 
_struct_site.pdbx_auth_comp_id 
_struct_site.pdbx_auth_seq_id 
_struct_site.pdbx_auth_ins_code 
_struct_site.pdbx_num_residues 
_struct_site.details 
AC1 Software ? ? ? ? 9 'BINDING SITE FOR RESIDUE CO3 A1254' 
AC2 Software ? ? ? ? 4 'BINDING SITE FOR RESIDUE FE A1255'  
AC3 Software ? ? ? ? 8 'BINDING SITE FOR RESIDUE GLY A1253' 
# 
loop_
_struct_site_gen.id 
_struct_site_gen.site_id 
_struct_site_gen.pdbx_num_res 
_struct_site_gen.label_comp_id 
_struct_site_gen.label_asym_id 
_struct_site_gen.label_seq_id 
_struct_site_gen.pdbx_auth_ins_code 
_struct_site_gen.auth_comp_id 
_struct_site_gen.auth_asym_id 
_struct_site_gen.auth_seq_id 
_struct_site_gen.label_atom_id 
_struct_site_gen.label_alt_id 
_struct_site_gen.symmetry 
_struct_site_gen.details 
1  AC1 9 TYR A 2   ? TYR A 95   . ? 1_555 ? 
2  AC1 9 THR A 27  ? THR A 120  . ? 1_555 ? 
3  AC1 9 ARG A 31  ? ARG A 124  . ? 1_555 ? 
4  AC1 9 SER A 32  ? SER A 125  . ? 1_555 ? 
5  AC1 9 ALA A 33  ? ALA A 126  . ? 1_555 ? 
6  AC1 9 GLY A 34  ? GLY A 127  . ? 1_555 ? 
7  AC1 9 TYR A 101 ? TYR A 194  . ? 1_555 ? 
8  AC1 9 GLY B .   ? GLY A 1253 . ? 1_555 ? 
9  AC1 9 FE  D .   ? FE  A 1255 . ? 1_555 ? 
10 AC2 4 TYR A 2   ? TYR A 95   . ? 1_555 ? 
11 AC2 4 TYR A 101 ? TYR A 194  . ? 1_555 ? 
12 AC2 4 GLY B .   ? GLY A 1253 . ? 1_555 ? 
13 AC2 4 CO3 C .   ? CO3 A 1254 . ? 1_555 ? 
14 AC3 8 TYR A 2   ? TYR A 95   . ? 1_555 ? 
15 AC3 8 ARG A 31  ? ARG A 124  . ? 1_555 ? 
16 AC3 8 SER A 32  ? SER A 125  . ? 1_555 ? 
17 AC3 8 TYR A 101 ? TYR A 194  . ? 1_555 ? 
18 AC3 8 CO3 C .   ? CO3 A 1254 . ? 1_555 ? 
19 AC3 8 FE  D .   ? FE  A 1255 . ? 1_555 ? 
20 AC3 8 HOH E .   ? HOH A 2115 . ? 1_555 ? 
21 AC3 8 HOH E .   ? HOH A 2116 . ? 1_555 ? 
# 
_pdbx_entry_details.entry_id                   1GV8 
_pdbx_entry_details.compound_details           'FE SITE LACKS NORMAL ASPARTATE AND HISTIDINE' 
_pdbx_entry_details.source_details             ? 
_pdbx_entry_details.nonpolymer_details         ? 
_pdbx_entry_details.sequence_details           
;SEQUENCED BY DR. R.W.EVANS (GUY'S HOSPITAL) LONDON, U.K.
THESE AMINO-ACID RESIDUES DIFFER FROM THOSE GIVEN BY SWISS-PROT.
;
_pdbx_entry_details.has_ligand_of_interest     ? 
_pdbx_entry_details.has_protein_modification   Y 
# 
_pdbx_validate_close_contact.id               1 
_pdbx_validate_close_contact.PDB_model_num    1 
_pdbx_validate_close_contact.auth_atom_id_1   O 
_pdbx_validate_close_contact.auth_asym_id_1   A 
_pdbx_validate_close_contact.auth_comp_id_1   HOH 
_pdbx_validate_close_contact.auth_seq_id_1    2042 
_pdbx_validate_close_contact.PDB_ins_code_1   ? 
_pdbx_validate_close_contact.label_alt_id_1   ? 
_pdbx_validate_close_contact.auth_atom_id_2   O 
_pdbx_validate_close_contact.auth_asym_id_2   A 
_pdbx_validate_close_contact.auth_comp_id_2   HOH 
_pdbx_validate_close_contact.auth_seq_id_2    2070 
_pdbx_validate_close_contact.PDB_ins_code_2   ? 
_pdbx_validate_close_contact.label_alt_id_2   ? 
_pdbx_validate_close_contact.dist             2.12 
# 
_pdbx_validate_symm_contact.id                1 
_pdbx_validate_symm_contact.PDB_model_num     1 
_pdbx_validate_symm_contact.auth_atom_id_1    NZ 
_pdbx_validate_symm_contact.auth_asym_id_1    A 
_pdbx_validate_symm_contact.auth_comp_id_1    LYS 
_pdbx_validate_symm_contact.auth_seq_id_1     182 
_pdbx_validate_symm_contact.PDB_ins_code_1    ? 
_pdbx_validate_symm_contact.label_alt_id_1    ? 
_pdbx_validate_symm_contact.site_symmetry_1   1_555 
_pdbx_validate_symm_contact.auth_atom_id_2    O 
_pdbx_validate_symm_contact.auth_asym_id_2    A 
_pdbx_validate_symm_contact.auth_comp_id_2    GLU 
_pdbx_validate_symm_contact.auth_seq_id_2     222 
_pdbx_validate_symm_contact.PDB_ins_code_2    ? 
_pdbx_validate_symm_contact.label_alt_id_2    ? 
_pdbx_validate_symm_contact.site_symmetry_2   1_445 
_pdbx_validate_symm_contact.dist              2.18 
# 
loop_
_pdbx_validate_rmsd_angle.id 
_pdbx_validate_rmsd_angle.PDB_model_num 
_pdbx_validate_rmsd_angle.auth_atom_id_1 
_pdbx_validate_rmsd_angle.auth_asym_id_1 
_pdbx_validate_rmsd_angle.auth_comp_id_1 
_pdbx_validate_rmsd_angle.auth_seq_id_1 
_pdbx_validate_rmsd_angle.PDB_ins_code_1 
_pdbx_validate_rmsd_angle.label_alt_id_1 
_pdbx_validate_rmsd_angle.auth_atom_id_2 
_pdbx_validate_rmsd_angle.auth_asym_id_2 
_pdbx_validate_rmsd_angle.auth_comp_id_2 
_pdbx_validate_rmsd_angle.auth_seq_id_2 
_pdbx_validate_rmsd_angle.PDB_ins_code_2 
_pdbx_validate_rmsd_angle.label_alt_id_2 
_pdbx_validate_rmsd_angle.auth_atom_id_3 
_pdbx_validate_rmsd_angle.auth_asym_id_3 
_pdbx_validate_rmsd_angle.auth_comp_id_3 
_pdbx_validate_rmsd_angle.auth_seq_id_3 
_pdbx_validate_rmsd_angle.PDB_ins_code_3 
_pdbx_validate_rmsd_angle.label_alt_id_3 
_pdbx_validate_rmsd_angle.angle_value 
_pdbx_validate_rmsd_angle.angle_target_value 
_pdbx_validate_rmsd_angle.angle_deviation 
_pdbx_validate_rmsd_angle.angle_standard_deviation 
_pdbx_validate_rmsd_angle.linker_flag 
1 1 CB A ASP 106 ? ? CG A ASP 106 ? ? OD2 A ASP 106 ? ? 123.84 118.30 5.54 0.90 N 
2 1 CB A ASP 225 ? ? CG A ASP 225 ? ? OD2 A ASP 225 ? ? 124.93 118.30 6.63 0.90 N 
3 1 CB A ASP 240 ? ? CG A ASP 240 ? ? OD2 A ASP 240 ? ? 124.21 118.30 5.91 0.90 N 
# 
loop_
_pdbx_validate_torsion.id 
_pdbx_validate_torsion.PDB_model_num 
_pdbx_validate_torsion.auth_comp_id 
_pdbx_validate_torsion.auth_asym_id 
_pdbx_validate_torsion.auth_seq_id 
_pdbx_validate_torsion.PDB_ins_code 
_pdbx_validate_torsion.label_alt_id 
_pdbx_validate_torsion.phi 
_pdbx_validate_torsion.psi 
1 1 ASP A 106 ? ? -142.27 -2.50  
2 1 TRP A 128 ? ? -144.08 -57.32 
3 1 ALA A 220 ? ? -150.01 52.00  
4 1 CYS A 245 ? ? -153.73 66.14  
5 1 ALA A 248 ? ? 178.89  158.58 
# 
_pdbx_database_remark.id     700 
_pdbx_database_remark.text   
;
SHEET
THE SHEET STRUCTURE OF THIS MOLECULE IS BIFURCATED. IN
ORDER TO REPRESENT THIS FEATURE IN THE SHEET RECORDS BELOW,
TWO SHEETS ARE DEFINED.
;
# 
loop_
_chem_comp_atom.comp_id 
_chem_comp_atom.atom_id 
_chem_comp_atom.type_symbol 
_chem_comp_atom.pdbx_aromatic_flag 
_chem_comp_atom.pdbx_stereo_config 
_chem_comp_atom.pdbx_ordinal 
ALA N    N  N N 1   
ALA CA   C  N S 2   
ALA C    C  N N 3   
ALA O    O  N N 4   
ALA CB   C  N N 5   
ALA OXT  O  N N 6   
ALA H    H  N N 7   
ALA H2   H  N N 8   
ALA HA   H  N N 9   
ALA HB1  H  N N 10  
ALA HB2  H  N N 11  
ALA HB3  H  N N 12  
ALA HXT  H  N N 13  
ARG N    N  N N 14  
ARG CA   C  N S 15  
ARG C    C  N N 16  
ARG O    O  N N 17  
ARG CB   C  N N 18  
ARG CG   C  N N 19  
ARG CD   C  N N 20  
ARG NE   N  N N 21  
ARG CZ   C  N N 22  
ARG NH1  N  N N 23  
ARG NH2  N  N N 24  
ARG OXT  O  N N 25  
ARG H    H  N N 26  
ARG H2   H  N N 27  
ARG HA   H  N N 28  
ARG HB2  H  N N 29  
ARG HB3  H  N N 30  
ARG HG2  H  N N 31  
ARG HG3  H  N N 32  
ARG HD2  H  N N 33  
ARG HD3  H  N N 34  
ARG HE   H  N N 35  
ARG HH11 H  N N 36  
ARG HH12 H  N N 37  
ARG HH21 H  N N 38  
ARG HH22 H  N N 39  
ARG HXT  H  N N 40  
ASN N    N  N N 41  
ASN CA   C  N S 42  
ASN C    C  N N 43  
ASN O    O  N N 44  
ASN CB   C  N N 45  
ASN CG   C  N N 46  
ASN OD1  O  N N 47  
ASN ND2  N  N N 48  
ASN OXT  O  N N 49  
ASN H    H  N N 50  
ASN H2   H  N N 51  
ASN HA   H  N N 52  
ASN HB2  H  N N 53  
ASN HB3  H  N N 54  
ASN HD21 H  N N 55  
ASN HD22 H  N N 56  
ASN HXT  H  N N 57  
ASP N    N  N N 58  
ASP CA   C  N S 59  
ASP C    C  N N 60  
ASP O    O  N N 61  
ASP CB   C  N N 62  
ASP CG   C  N N 63  
ASP OD1  O  N N 64  
ASP OD2  O  N N 65  
ASP OXT  O  N N 66  
ASP H    H  N N 67  
ASP H2   H  N N 68  
ASP HA   H  N N 69  
ASP HB2  H  N N 70  
ASP HB3  H  N N 71  
ASP HD2  H  N N 72  
ASP HXT  H  N N 73  
CO3 C    C  N N 74  
CO3 O1   O  N N 75  
CO3 O2   O  N N 76  
CO3 O3   O  N N 77  
CYS N    N  N N 78  
CYS CA   C  N R 79  
CYS C    C  N N 80  
CYS O    O  N N 81  
CYS CB   C  N N 82  
CYS SG   S  N N 83  
CYS OXT  O  N N 84  
CYS H    H  N N 85  
CYS H2   H  N N 86  
CYS HA   H  N N 87  
CYS HB2  H  N N 88  
CYS HB3  H  N N 89  
CYS HG   H  N N 90  
CYS HXT  H  N N 91  
FE  FE   FE N N 92  
GLN N    N  N N 93  
GLN CA   C  N S 94  
GLN C    C  N N 95  
GLN O    O  N N 96  
GLN CB   C  N N 97  
GLN CG   C  N N 98  
GLN CD   C  N N 99  
GLN OE1  O  N N 100 
GLN NE2  N  N N 101 
GLN OXT  O  N N 102 
GLN H    H  N N 103 
GLN H2   H  N N 104 
GLN HA   H  N N 105 
GLN HB2  H  N N 106 
GLN HB3  H  N N 107 
GLN HG2  H  N N 108 
GLN HG3  H  N N 109 
GLN HE21 H  N N 110 
GLN HE22 H  N N 111 
GLN HXT  H  N N 112 
GLU N    N  N N 113 
GLU CA   C  N S 114 
GLU C    C  N N 115 
GLU O    O  N N 116 
GLU CB   C  N N 117 
GLU CG   C  N N 118 
GLU CD   C  N N 119 
GLU OE1  O  N N 120 
GLU OE2  O  N N 121 
GLU OXT  O  N N 122 
GLU H    H  N N 123 
GLU H2   H  N N 124 
GLU HA   H  N N 125 
GLU HB2  H  N N 126 
GLU HB3  H  N N 127 
GLU HG2  H  N N 128 
GLU HG3  H  N N 129 
GLU HE2  H  N N 130 
GLU HXT  H  N N 131 
GLY N    N  N N 132 
GLY CA   C  N N 133 
GLY C    C  N N 134 
GLY O    O  N N 135 
GLY OXT  O  N N 136 
GLY H    H  N N 137 
GLY H2   H  N N 138 
GLY HA2  H  N N 139 
GLY HA3  H  N N 140 
GLY HXT  H  N N 141 
HIS N    N  N N 142 
HIS CA   C  N S 143 
HIS C    C  N N 144 
HIS O    O  N N 145 
HIS CB   C  N N 146 
HIS CG   C  Y N 147 
HIS ND1  N  Y N 148 
HIS CD2  C  Y N 149 
HIS CE1  C  Y N 150 
HIS NE2  N  Y N 151 
HIS OXT  O  N N 152 
HIS H    H  N N 153 
HIS H2   H  N N 154 
HIS HA   H  N N 155 
HIS HB2  H  N N 156 
HIS HB3  H  N N 157 
HIS HD1  H  N N 158 
HIS HD2  H  N N 159 
HIS HE1  H  N N 160 
HIS HE2  H  N N 161 
HIS HXT  H  N N 162 
HOH O    O  N N 163 
HOH H1   H  N N 164 
HOH H2   H  N N 165 
ILE N    N  N N 166 
ILE CA   C  N S 167 
ILE C    C  N N 168 
ILE O    O  N N 169 
ILE CB   C  N S 170 
ILE CG1  C  N N 171 
ILE CG2  C  N N 172 
ILE CD1  C  N N 173 
ILE OXT  O  N N 174 
ILE H    H  N N 175 
ILE H2   H  N N 176 
ILE HA   H  N N 177 
ILE HB   H  N N 178 
ILE HG12 H  N N 179 
ILE HG13 H  N N 180 
ILE HG21 H  N N 181 
ILE HG22 H  N N 182 
ILE HG23 H  N N 183 
ILE HD11 H  N N 184 
ILE HD12 H  N N 185 
ILE HD13 H  N N 186 
ILE HXT  H  N N 187 
LEU N    N  N N 188 
LEU CA   C  N S 189 
LEU C    C  N N 190 
LEU O    O  N N 191 
LEU CB   C  N N 192 
LEU CG   C  N N 193 
LEU CD1  C  N N 194 
LEU CD2  C  N N 195 
LEU OXT  O  N N 196 
LEU H    H  N N 197 
LEU H2   H  N N 198 
LEU HA   H  N N 199 
LEU HB2  H  N N 200 
LEU HB3  H  N N 201 
LEU HG   H  N N 202 
LEU HD11 H  N N 203 
LEU HD12 H  N N 204 
LEU HD13 H  N N 205 
LEU HD21 H  N N 206 
LEU HD22 H  N N 207 
LEU HD23 H  N N 208 
LEU HXT  H  N N 209 
LYS N    N  N N 210 
LYS CA   C  N S 211 
LYS C    C  N N 212 
LYS O    O  N N 213 
LYS CB   C  N N 214 
LYS CG   C  N N 215 
LYS CD   C  N N 216 
LYS CE   C  N N 217 
LYS NZ   N  N N 218 
LYS OXT  O  N N 219 
LYS H    H  N N 220 
LYS H2   H  N N 221 
LYS HA   H  N N 222 
LYS HB2  H  N N 223 
LYS HB3  H  N N 224 
LYS HG2  H  N N 225 
LYS HG3  H  N N 226 
LYS HD2  H  N N 227 
LYS HD3  H  N N 228 
LYS HE2  H  N N 229 
LYS HE3  H  N N 230 
LYS HZ1  H  N N 231 
LYS HZ2  H  N N 232 
LYS HZ3  H  N N 233 
LYS HXT  H  N N 234 
MET N    N  N N 235 
MET CA   C  N S 236 
MET C    C  N N 237 
MET O    O  N N 238 
MET CB   C  N N 239 
MET CG   C  N N 240 
MET SD   S  N N 241 
MET CE   C  N N 242 
MET OXT  O  N N 243 
MET H    H  N N 244 
MET H2   H  N N 245 
MET HA   H  N N 246 
MET HB2  H  N N 247 
MET HB3  H  N N 248 
MET HG2  H  N N 249 
MET HG3  H  N N 250 
MET HE1  H  N N 251 
MET HE2  H  N N 252 
MET HE3  H  N N 253 
MET HXT  H  N N 254 
PHE N    N  N N 255 
PHE CA   C  N S 256 
PHE C    C  N N 257 
PHE O    O  N N 258 
PHE CB   C  N N 259 
PHE CG   C  Y N 260 
PHE CD1  C  Y N 261 
PHE CD2  C  Y N 262 
PHE CE1  C  Y N 263 
PHE CE2  C  Y N 264 
PHE CZ   C  Y N 265 
PHE OXT  O  N N 266 
PHE H    H  N N 267 
PHE H2   H  N N 268 
PHE HA   H  N N 269 
PHE HB2  H  N N 270 
PHE HB3  H  N N 271 
PHE HD1  H  N N 272 
PHE HD2  H  N N 273 
PHE HE1  H  N N 274 
PHE HE2  H  N N 275 
PHE HZ   H  N N 276 
PHE HXT  H  N N 277 
PRO N    N  N N 278 
PRO CA   C  N S 279 
PRO C    C  N N 280 
PRO O    O  N N 281 
PRO CB   C  N N 282 
PRO CG   C  N N 283 
PRO CD   C  N N 284 
PRO OXT  O  N N 285 
PRO H    H  N N 286 
PRO HA   H  N N 287 
PRO HB2  H  N N 288 
PRO HB3  H  N N 289 
PRO HG2  H  N N 290 
PRO HG3  H  N N 291 
PRO HD2  H  N N 292 
PRO HD3  H  N N 293 
PRO HXT  H  N N 294 
SER N    N  N N 295 
SER CA   C  N S 296 
SER C    C  N N 297 
SER O    O  N N 298 
SER CB   C  N N 299 
SER OG   O  N N 300 
SER OXT  O  N N 301 
SER H    H  N N 302 
SER H2   H  N N 303 
SER HA   H  N N 304 
SER HB2  H  N N 305 
SER HB3  H  N N 306 
SER HG   H  N N 307 
SER HXT  H  N N 308 
THR N    N  N N 309 
THR CA   C  N S 310 
THR C    C  N N 311 
THR O    O  N N 312 
THR CB   C  N R 313 
THR OG1  O  N N 314 
THR CG2  C  N N 315 
THR OXT  O  N N 316 
THR H    H  N N 317 
THR H2   H  N N 318 
THR HA   H  N N 319 
THR HB   H  N N 320 
THR HG1  H  N N 321 
THR HG21 H  N N 322 
THR HG22 H  N N 323 
THR HG23 H  N N 324 
THR HXT  H  N N 325 
TRP N    N  N N 326 
TRP CA   C  N S 327 
TRP C    C  N N 328 
TRP O    O  N N 329 
TRP CB   C  N N 330 
TRP CG   C  Y N 331 
TRP CD1  C  Y N 332 
TRP CD2  C  Y N 333 
TRP NE1  N  Y N 334 
TRP CE2  C  Y N 335 
TRP CE3  C  Y N 336 
TRP CZ2  C  Y N 337 
TRP CZ3  C  Y N 338 
TRP CH2  C  Y N 339 
TRP OXT  O  N N 340 
TRP H    H  N N 341 
TRP H2   H  N N 342 
TRP HA   H  N N 343 
TRP HB2  H  N N 344 
TRP HB3  H  N N 345 
TRP HD1  H  N N 346 
TRP HE1  H  N N 347 
TRP HE3  H  N N 348 
TRP HZ2  H  N N 349 
TRP HZ3  H  N N 350 
TRP HH2  H  N N 351 
TRP HXT  H  N N 352 
TYR N    N  N N 353 
TYR CA   C  N S 354 
TYR C    C  N N 355 
TYR O    O  N N 356 
TYR CB   C  N N 357 
TYR CG   C  Y N 358 
TYR CD1  C  Y N 359 
TYR CD2  C  Y N 360 
TYR CE1  C  Y N 361 
TYR CE2  C  Y N 362 
TYR CZ   C  Y N 363 
TYR OH   O  N N 364 
TYR OXT  O  N N 365 
TYR H    H  N N 366 
TYR H2   H  N N 367 
TYR HA   H  N N 368 
TYR HB2  H  N N 369 
TYR HB3  H  N N 370 
TYR HD1  H  N N 371 
TYR HD2  H  N N 372 
TYR HE1  H  N N 373 
TYR HE2  H  N N 374 
TYR HH   H  N N 375 
TYR HXT  H  N N 376 
VAL N    N  N N 377 
VAL CA   C  N S 378 
VAL C    C  N N 379 
VAL O    O  N N 380 
VAL CB   C  N N 381 
VAL CG1  C  N N 382 
VAL CG2  C  N N 383 
VAL OXT  O  N N 384 
VAL H    H  N N 385 
VAL H2   H  N N 386 
VAL HA   H  N N 387 
VAL HB   H  N N 388 
VAL HG11 H  N N 389 
VAL HG12 H  N N 390 
VAL HG13 H  N N 391 
VAL HG21 H  N N 392 
VAL HG22 H  N N 393 
VAL HG23 H  N N 394 
VAL HXT  H  N N 395 
# 
loop_
_chem_comp_bond.comp_id 
_chem_comp_bond.atom_id_1 
_chem_comp_bond.atom_id_2 
_chem_comp_bond.value_order 
_chem_comp_bond.pdbx_aromatic_flag 
_chem_comp_bond.pdbx_stereo_config 
_chem_comp_bond.pdbx_ordinal 
ALA N   CA   sing N N 1   
ALA N   H    sing N N 2   
ALA N   H2   sing N N 3   
ALA CA  C    sing N N 4   
ALA CA  CB   sing N N 5   
ALA CA  HA   sing N N 6   
ALA C   O    doub N N 7   
ALA C   OXT  sing N N 8   
ALA CB  HB1  sing N N 9   
ALA CB  HB2  sing N N 10  
ALA CB  HB3  sing N N 11  
ALA OXT HXT  sing N N 12  
ARG N   CA   sing N N 13  
ARG N   H    sing N N 14  
ARG N   H2   sing N N 15  
ARG CA  C    sing N N 16  
ARG CA  CB   sing N N 17  
ARG CA  HA   sing N N 18  
ARG C   O    doub N N 19  
ARG C   OXT  sing N N 20  
ARG CB  CG   sing N N 21  
ARG CB  HB2  sing N N 22  
ARG CB  HB3  sing N N 23  
ARG CG  CD   sing N N 24  
ARG CG  HG2  sing N N 25  
ARG CG  HG3  sing N N 26  
ARG CD  NE   sing N N 27  
ARG CD  HD2  sing N N 28  
ARG CD  HD3  sing N N 29  
ARG NE  CZ   sing N N 30  
ARG NE  HE   sing N N 31  
ARG CZ  NH1  sing N N 32  
ARG CZ  NH2  doub N N 33  
ARG NH1 HH11 sing N N 34  
ARG NH1 HH12 sing N N 35  
ARG NH2 HH21 sing N N 36  
ARG NH2 HH22 sing N N 37  
ARG OXT HXT  sing N N 38  
ASN N   CA   sing N N 39  
ASN N   H    sing N N 40  
ASN N   H2   sing N N 41  
ASN CA  C    sing N N 42  
ASN CA  CB   sing N N 43  
ASN CA  HA   sing N N 44  
ASN C   O    doub N N 45  
ASN C   OXT  sing N N 46  
ASN CB  CG   sing N N 47  
ASN CB  HB2  sing N N 48  
ASN CB  HB3  sing N N 49  
ASN CG  OD1  doub N N 50  
ASN CG  ND2  sing N N 51  
ASN ND2 HD21 sing N N 52  
ASN ND2 HD22 sing N N 53  
ASN OXT HXT  sing N N 54  
ASP N   CA   sing N N 55  
ASP N   H    sing N N 56  
ASP N   H2   sing N N 57  
ASP CA  C    sing N N 58  
ASP CA  CB   sing N N 59  
ASP CA  HA   sing N N 60  
ASP C   O    doub N N 61  
ASP C   OXT  sing N N 62  
ASP CB  CG   sing N N 63  
ASP CB  HB2  sing N N 64  
ASP CB  HB3  sing N N 65  
ASP CG  OD1  doub N N 66  
ASP CG  OD2  sing N N 67  
ASP OD2 HD2  sing N N 68  
ASP OXT HXT  sing N N 69  
CO3 C   O1   doub N N 70  
CO3 C   O2   sing N N 71  
CO3 C   O3   sing N N 72  
CYS N   CA   sing N N 73  
CYS N   H    sing N N 74  
CYS N   H2   sing N N 75  
CYS CA  C    sing N N 76  
CYS CA  CB   sing N N 77  
CYS CA  HA   sing N N 78  
CYS C   O    doub N N 79  
CYS C   OXT  sing N N 80  
CYS CB  SG   sing N N 81  
CYS CB  HB2  sing N N 82  
CYS CB  HB3  sing N N 83  
CYS SG  HG   sing N N 84  
CYS OXT HXT  sing N N 85  
GLN N   CA   sing N N 86  
GLN N   H    sing N N 87  
GLN N   H2   sing N N 88  
GLN CA  C    sing N N 89  
GLN CA  CB   sing N N 90  
GLN CA  HA   sing N N 91  
GLN C   O    doub N N 92  
GLN C   OXT  sing N N 93  
GLN CB  CG   sing N N 94  
GLN CB  HB2  sing N N 95  
GLN CB  HB3  sing N N 96  
GLN CG  CD   sing N N 97  
GLN CG  HG2  sing N N 98  
GLN CG  HG3  sing N N 99  
GLN CD  OE1  doub N N 100 
GLN CD  NE2  sing N N 101 
GLN NE2 HE21 sing N N 102 
GLN NE2 HE22 sing N N 103 
GLN OXT HXT  sing N N 104 
GLU N   CA   sing N N 105 
GLU N   H    sing N N 106 
GLU N   H2   sing N N 107 
GLU CA  C    sing N N 108 
GLU CA  CB   sing N N 109 
GLU CA  HA   sing N N 110 
GLU C   O    doub N N 111 
GLU C   OXT  sing N N 112 
GLU CB  CG   sing N N 113 
GLU CB  HB2  sing N N 114 
GLU CB  HB3  sing N N 115 
GLU CG  CD   sing N N 116 
GLU CG  HG2  sing N N 117 
GLU CG  HG3  sing N N 118 
GLU CD  OE1  doub N N 119 
GLU CD  OE2  sing N N 120 
GLU OE2 HE2  sing N N 121 
GLU OXT HXT  sing N N 122 
GLY N   CA   sing N N 123 
GLY N   H    sing N N 124 
GLY N   H2   sing N N 125 
GLY CA  C    sing N N 126 
GLY CA  HA2  sing N N 127 
GLY CA  HA3  sing N N 128 
GLY C   O    doub N N 129 
GLY C   OXT  sing N N 130 
GLY OXT HXT  sing N N 131 
HIS N   CA   sing N N 132 
HIS N   H    sing N N 133 
HIS N   H2   sing N N 134 
HIS CA  C    sing N N 135 
HIS CA  CB   sing N N 136 
HIS CA  HA   sing N N 137 
HIS C   O    doub N N 138 
HIS C   OXT  sing N N 139 
HIS CB  CG   sing N N 140 
HIS CB  HB2  sing N N 141 
HIS CB  HB3  sing N N 142 
HIS CG  ND1  sing Y N 143 
HIS CG  CD2  doub Y N 144 
HIS ND1 CE1  doub Y N 145 
HIS ND1 HD1  sing N N 146 
HIS CD2 NE2  sing Y N 147 
HIS CD2 HD2  sing N N 148 
HIS CE1 NE2  sing Y N 149 
HIS CE1 HE1  sing N N 150 
HIS NE2 HE2  sing N N 151 
HIS OXT HXT  sing N N 152 
HOH O   H1   sing N N 153 
HOH O   H2   sing N N 154 
ILE N   CA   sing N N 155 
ILE N   H    sing N N 156 
ILE N   H2   sing N N 157 
ILE CA  C    sing N N 158 
ILE CA  CB   sing N N 159 
ILE CA  HA   sing N N 160 
ILE C   O    doub N N 161 
ILE C   OXT  sing N N 162 
ILE CB  CG1  sing N N 163 
ILE CB  CG2  sing N N 164 
ILE CB  HB   sing N N 165 
ILE CG1 CD1  sing N N 166 
ILE CG1 HG12 sing N N 167 
ILE CG1 HG13 sing N N 168 
ILE CG2 HG21 sing N N 169 
ILE CG2 HG22 sing N N 170 
ILE CG2 HG23 sing N N 171 
ILE CD1 HD11 sing N N 172 
ILE CD1 HD12 sing N N 173 
ILE CD1 HD13 sing N N 174 
ILE OXT HXT  sing N N 175 
LEU N   CA   sing N N 176 
LEU N   H    sing N N 177 
LEU N   H2   sing N N 178 
LEU CA  C    sing N N 179 
LEU CA  CB   sing N N 180 
LEU CA  HA   sing N N 181 
LEU C   O    doub N N 182 
LEU C   OXT  sing N N 183 
LEU CB  CG   sing N N 184 
LEU CB  HB2  sing N N 185 
LEU CB  HB3  sing N N 186 
LEU CG  CD1  sing N N 187 
LEU CG  CD2  sing N N 188 
LEU CG  HG   sing N N 189 
LEU CD1 HD11 sing N N 190 
LEU CD1 HD12 sing N N 191 
LEU CD1 HD13 sing N N 192 
LEU CD2 HD21 sing N N 193 
LEU CD2 HD22 sing N N 194 
LEU CD2 HD23 sing N N 195 
LEU OXT HXT  sing N N 196 
LYS N   CA   sing N N 197 
LYS N   H    sing N N 198 
LYS N   H2   sing N N 199 
LYS CA  C    sing N N 200 
LYS CA  CB   sing N N 201 
LYS CA  HA   sing N N 202 
LYS C   O    doub N N 203 
LYS C   OXT  sing N N 204 
LYS CB  CG   sing N N 205 
LYS CB  HB2  sing N N 206 
LYS CB  HB3  sing N N 207 
LYS CG  CD   sing N N 208 
LYS CG  HG2  sing N N 209 
LYS CG  HG3  sing N N 210 
LYS CD  CE   sing N N 211 
LYS CD  HD2  sing N N 212 
LYS CD  HD3  sing N N 213 
LYS CE  NZ   sing N N 214 
LYS CE  HE2  sing N N 215 
LYS CE  HE3  sing N N 216 
LYS NZ  HZ1  sing N N 217 
LYS NZ  HZ2  sing N N 218 
LYS NZ  HZ3  sing N N 219 
LYS OXT HXT  sing N N 220 
MET N   CA   sing N N 221 
MET N   H    sing N N 222 
MET N   H2   sing N N 223 
MET CA  C    sing N N 224 
MET CA  CB   sing N N 225 
MET CA  HA   sing N N 226 
MET C   O    doub N N 227 
MET C   OXT  sing N N 228 
MET CB  CG   sing N N 229 
MET CB  HB2  sing N N 230 
MET CB  HB3  sing N N 231 
MET CG  SD   sing N N 232 
MET CG  HG2  sing N N 233 
MET CG  HG3  sing N N 234 
MET SD  CE   sing N N 235 
MET CE  HE1  sing N N 236 
MET CE  HE2  sing N N 237 
MET CE  HE3  sing N N 238 
MET OXT HXT  sing N N 239 
PHE N   CA   sing N N 240 
PHE N   H    sing N N 241 
PHE N   H2   sing N N 242 
PHE CA  C    sing N N 243 
PHE CA  CB   sing N N 244 
PHE CA  HA   sing N N 245 
PHE C   O    doub N N 246 
PHE C   OXT  sing N N 247 
PHE CB  CG   sing N N 248 
PHE CB  HB2  sing N N 249 
PHE CB  HB3  sing N N 250 
PHE CG  CD1  doub Y N 251 
PHE CG  CD2  sing Y N 252 
PHE CD1 CE1  sing Y N 253 
PHE CD1 HD1  sing N N 254 
PHE CD2 CE2  doub Y N 255 
PHE CD2 HD2  sing N N 256 
PHE CE1 CZ   doub Y N 257 
PHE CE1 HE1  sing N N 258 
PHE CE2 CZ   sing Y N 259 
PHE CE2 HE2  sing N N 260 
PHE CZ  HZ   sing N N 261 
PHE OXT HXT  sing N N 262 
PRO N   CA   sing N N 263 
PRO N   CD   sing N N 264 
PRO N   H    sing N N 265 
PRO CA  C    sing N N 266 
PRO CA  CB   sing N N 267 
PRO CA  HA   sing N N 268 
PRO C   O    doub N N 269 
PRO C   OXT  sing N N 270 
PRO CB  CG   sing N N 271 
PRO CB  HB2  sing N N 272 
PRO CB  HB3  sing N N 273 
PRO CG  CD   sing N N 274 
PRO CG  HG2  sing N N 275 
PRO CG  HG3  sing N N 276 
PRO CD  HD2  sing N N 277 
PRO CD  HD3  sing N N 278 
PRO OXT HXT  sing N N 279 
SER N   CA   sing N N 280 
SER N   H    sing N N 281 
SER N   H2   sing N N 282 
SER CA  C    sing N N 283 
SER CA  CB   sing N N 284 
SER CA  HA   sing N N 285 
SER C   O    doub N N 286 
SER C   OXT  sing N N 287 
SER CB  OG   sing N N 288 
SER CB  HB2  sing N N 289 
SER CB  HB3  sing N N 290 
SER OG  HG   sing N N 291 
SER OXT HXT  sing N N 292 
THR N   CA   sing N N 293 
THR N   H    sing N N 294 
THR N   H2   sing N N 295 
THR CA  C    sing N N 296 
THR CA  CB   sing N N 297 
THR CA  HA   sing N N 298 
THR C   O    doub N N 299 
THR C   OXT  sing N N 300 
THR CB  OG1  sing N N 301 
THR CB  CG2  sing N N 302 
THR CB  HB   sing N N 303 
THR OG1 HG1  sing N N 304 
THR CG2 HG21 sing N N 305 
THR CG2 HG22 sing N N 306 
THR CG2 HG23 sing N N 307 
THR OXT HXT  sing N N 308 
TRP N   CA   sing N N 309 
TRP N   H    sing N N 310 
TRP N   H2   sing N N 311 
TRP CA  C    sing N N 312 
TRP CA  CB   sing N N 313 
TRP CA  HA   sing N N 314 
TRP C   O    doub N N 315 
TRP C   OXT  sing N N 316 
TRP CB  CG   sing N N 317 
TRP CB  HB2  sing N N 318 
TRP CB  HB3  sing N N 319 
TRP CG  CD1  doub Y N 320 
TRP CG  CD2  sing Y N 321 
TRP CD1 NE1  sing Y N 322 
TRP CD1 HD1  sing N N 323 
TRP CD2 CE2  doub Y N 324 
TRP CD2 CE3  sing Y N 325 
TRP NE1 CE2  sing Y N 326 
TRP NE1 HE1  sing N N 327 
TRP CE2 CZ2  sing Y N 328 
TRP CE3 CZ3  doub Y N 329 
TRP CE3 HE3  sing N N 330 
TRP CZ2 CH2  doub Y N 331 
TRP CZ2 HZ2  sing N N 332 
TRP CZ3 CH2  sing Y N 333 
TRP CZ3 HZ3  sing N N 334 
TRP CH2 HH2  sing N N 335 
TRP OXT HXT  sing N N 336 
TYR N   CA   sing N N 337 
TYR N   H    sing N N 338 
TYR N   H2   sing N N 339 
TYR CA  C    sing N N 340 
TYR CA  CB   sing N N 341 
TYR CA  HA   sing N N 342 
TYR C   O    doub N N 343 
TYR C   OXT  sing N N 344 
TYR CB  CG   sing N N 345 
TYR CB  HB2  sing N N 346 
TYR CB  HB3  sing N N 347 
TYR CG  CD1  doub Y N 348 
TYR CG  CD2  sing Y N 349 
TYR CD1 CE1  sing Y N 350 
TYR CD1 HD1  sing N N 351 
TYR CD2 CE2  doub Y N 352 
TYR CD2 HD2  sing N N 353 
TYR CE1 CZ   doub Y N 354 
TYR CE1 HE1  sing N N 355 
TYR CE2 CZ   sing Y N 356 
TYR CE2 HE2  sing N N 357 
TYR CZ  OH   sing N N 358 
TYR OH  HH   sing N N 359 
TYR OXT HXT  sing N N 360 
VAL N   CA   sing N N 361 
VAL N   H    sing N N 362 
VAL N   H2   sing N N 363 
VAL CA  C    sing N N 364 
VAL CA  CB   sing N N 365 
VAL CA  HA   sing N N 366 
VAL C   O    doub N N 367 
VAL C   OXT  sing N N 368 
VAL CB  CG1  sing N N 369 
VAL CB  CG2  sing N N 370 
VAL CB  HB   sing N N 371 
VAL CG1 HG11 sing N N 372 
VAL CG1 HG12 sing N N 373 
VAL CG1 HG13 sing N N 374 
VAL CG2 HG21 sing N N 375 
VAL CG2 HG22 sing N N 376 
VAL CG2 HG23 sing N N 377 
VAL OXT HXT  sing N N 378 
# 
_atom_sites.entry_id                    1GV8 
_atom_sites.fract_transf_matrix[1][1]   -0.02104163 
_atom_sites.fract_transf_matrix[1][2]   -0.00587681 
_atom_sites.fract_transf_matrix[1][3]   0.01734915 
_atom_sites.fract_transf_matrix[2][1]   -0.02127110 
_atom_sites.fract_transf_matrix[2][2]   0.01785110 
_atom_sites.fract_transf_matrix[2][3]   0.00267897 
_atom_sites.fract_transf_matrix[3][1]   -0.00591920 
_atom_sites.fract_transf_matrix[3][2]   -0.00568676 
_atom_sites.fract_transf_matrix[3][3]   -0.00910532 
_atom_sites.fract_transf_vector[1]      -0.240293 
_atom_sites.fract_transf_vector[2]      0.922408 
_atom_sites.fract_transf_vector[3]      -0.081202 
# 
loop_
_atom_type.symbol 
C  
FE 
N  
O  
S  
# 
loop_
_atom_site.group_PDB 
_atom_site.id 
_atom_site.type_symbol 
_atom_site.label_atom_id 
_atom_site.label_alt_id 
_atom_site.label_comp_id 
_atom_site.label_asym_id 
_atom_site.label_entity_id 
_atom_site.label_seq_id 
_atom_site.pdbx_PDB_ins_code 
_atom_site.Cartn_x 
_atom_site.Cartn_y 
_atom_site.Cartn_z 
_atom_site.occupancy 
_atom_site.B_iso_or_equiv 
_atom_site.pdbx_formal_charge 
_atom_site.auth_seq_id 
_atom_site.auth_comp_id 
_atom_site.auth_asym_id 
_atom_site.auth_atom_id 
_atom_site.pdbx_PDB_model_num 
ATOM   1    N  N   . SER A 1 1   ? -12.404 3.131   -15.006 1.00 41.59 ? 94   SER A N   1 
ATOM   2    C  CA  . SER A 1 1   ? -11.665 3.873   -13.944 1.00 40.57 ? 94   SER A CA  1 
ATOM   3    C  C   . SER A 1 1   ? -11.855 3.232   -12.608 1.00 37.87 ? 94   SER A C   1 
ATOM   4    O  O   . SER A 1 1   ? -12.870 2.587   -12.380 1.00 37.51 ? 94   SER A O   1 
ATOM   5    C  CB  . SER A 1 1   ? -12.218 5.280   -13.817 1.00 40.85 ? 94   SER A CB  1 
ATOM   6    O  OG  . SER A 1 1   ? -11.404 6.185   -14.507 1.00 45.72 ? 94   SER A OG  1 
ATOM   7    N  N   . TYR A 1 2   ? -10.864 3.375   -11.735 1.00 35.08 ? 95   TYR A N   1 
ATOM   8    C  CA  . TYR A 1 2   ? -11.074 2.987   -10.336 1.00 32.99 ? 95   TYR A CA  1 
ATOM   9    C  C   . TYR A 1 2   ? -10.465 4.010   -9.381  1.00 31.72 ? 95   TYR A C   1 
ATOM   10   O  O   . TYR A 1 2   ? -9.797  4.946   -9.828  1.00 31.12 ? 95   TYR A O   1 
ATOM   11   C  CB  . TYR A 1 2   ? -10.568 1.568   -10.089 1.00 32.11 ? 95   TYR A CB  1 
ATOM   12   C  CG  . TYR A 1 2   ? -9.169  1.228   -10.554 1.00 32.54 ? 95   TYR A CG  1 
ATOM   13   C  CD1 . TYR A 1 2   ? -8.932  0.682   -11.813 1.00 31.48 ? 95   TYR A CD1 1 
ATOM   14   C  CD2 . TYR A 1 2   ? -8.084  1.350   -9.698  1.00 28.08 ? 95   TYR A CD2 1 
ATOM   15   C  CE1 . TYR A 1 2   ? -7.649  0.312   -12.207 1.00 29.51 ? 95   TYR A CE1 1 
ATOM   16   C  CE2 . TYR A 1 2   ? -6.811  1.023   -10.089 1.00 28.12 ? 95   TYR A CE2 1 
ATOM   17   C  CZ  . TYR A 1 2   ? -6.580  0.508   -11.364 1.00 29.53 ? 95   TYR A CZ  1 
ATOM   18   O  OH  . TYR A 1 2   ? -5.301  0.103   -11.727 1.00 26.93 ? 95   TYR A OH  1 
ATOM   19   N  N   . TYR A 1 3   ? -10.779 3.885   -8.093  1.00 30.35 ? 96   TYR A N   1 
ATOM   20   C  CA  . TYR A 1 3   ? -10.168 4.724   -7.102  1.00 29.67 ? 96   TYR A CA  1 
ATOM   21   C  C   . TYR A 1 3   ? -9.076  4.030   -6.298  1.00 28.18 ? 96   TYR A C   1 
ATOM   22   O  O   . TYR A 1 3   ? -9.249  2.908   -5.866  1.00 26.84 ? 96   TYR A O   1 
ATOM   23   C  CB  . TYR A 1 3   ? -11.171 5.305   -6.125  1.00 30.82 ? 96   TYR A CB  1 
ATOM   24   C  CG  . TYR A 1 3   ? -12.236 6.166   -6.705  1.00 32.83 ? 96   TYR A CG  1 
ATOM   25   C  CD1 . TYR A 1 3   ? -12.072 7.533   -6.845  1.00 36.53 ? 96   TYR A CD1 1 
ATOM   26   C  CD2 . TYR A 1 3   ? -13.417 5.596   -7.126  1.00 36.71 ? 96   TYR A CD2 1 
ATOM   27   C  CE1 . TYR A 1 3   ? -13.085 8.309   -7.353  1.00 37.49 ? 96   TYR A CE1 1 
ATOM   28   C  CE2 . TYR A 1 3   ? -14.419 6.362   -7.656  1.00 39.33 ? 96   TYR A CE2 1 
ATOM   29   C  CZ  . TYR A 1 3   ? -14.241 7.706   -7.758  1.00 38.53 ? 96   TYR A CZ  1 
ATOM   30   O  OH  . TYR A 1 3   ? -15.269 8.422   -8.267  1.00 45.73 ? 96   TYR A OH  1 
ATOM   31   N  N   . ALA A 1 4   ? -7.983  4.750   -6.068  1.00 25.81 ? 97   ALA A N   1 
ATOM   32   C  CA  . ALA A 1 4   ? -6.893  4.225   -5.246  1.00 24.10 ? 97   ALA A CA  1 
ATOM   33   C  C   . ALA A 1 4   ? -7.152  4.559   -3.776  1.00 21.56 ? 97   ALA A C   1 
ATOM   34   O  O   . ALA A 1 4   ? -7.354  5.697   -3.428  1.00 22.44 ? 97   ALA A O   1 
ATOM   35   C  CB  . ALA A 1 4   ? -5.546  4.827   -5.702  1.00 25.01 ? 97   ALA A CB  1 
ATOM   36   N  N   . VAL A 1 5   ? -7.157  3.550   -2.927  1.00 21.82 ? 98   VAL A N   1 
ATOM   37   C  CA  . VAL A 1 5   ? -7.389  3.740   -1.523  1.00 21.08 ? 98   VAL A CA  1 
ATOM   38   C  C   . VAL A 1 5   ? -6.351  3.077   -0.670  1.00 20.92 ? 98   VAL A C   1 
ATOM   39   O  O   . VAL A 1 5   ? -5.637  2.202   -1.105  1.00 20.09 ? 98   VAL A O   1 
ATOM   40   C  CB  . VAL A 1 5   ? -8.794  3.237   -1.087  1.00 20.02 ? 98   VAL A CB  1 
ATOM   41   C  CG1 . VAL A 1 5   ? -9.812  3.888   -1.875  1.00 24.19 ? 98   VAL A CG1 1 
ATOM   42   C  CG2 . VAL A 1 5   ? -8.952  1.767   -1.264  1.00 21.08 ? 98   VAL A CG2 1 
ATOM   43   N  N   . ALA A 1 6   ? -6.300  3.509   0.593   1.00 18.84 ? 99   ALA A N   1 
ATOM   44   C  CA  . ALA A 1 6   ? -5.349  2.982   1.518   1.00 20.00 ? 99   ALA A CA  1 
ATOM   45   C  C   . ALA A 1 6   ? -6.150  2.395   2.645   1.00 19.48 ? 99   ALA A C   1 
ATOM   46   O  O   . ALA A 1 6   ? -6.749  3.127   3.395   1.00 19.34 ? 99   ALA A O   1 
ATOM   47   C  CB  . ALA A 1 6   ? -4.416  4.091   2.006   1.00 19.40 ? 99   ALA A CB  1 
ATOM   48   N  N   . VAL A 1 7   ? -6.142  1.085   2.730   1.00 19.41 ? 100  VAL A N   1 
ATOM   49   C  CA  . VAL A 1 7   ? -6.883  0.351   3.686   1.00 19.31 ? 100  VAL A CA  1 
ATOM   50   C  C   . VAL A 1 7   ? -6.085  0.051   4.933   1.00 19.09 ? 100  VAL A C   1 
ATOM   51   O  O   . VAL A 1 7   ? -4.974  -0.439  4.861   1.00 19.05 ? 100  VAL A O   1 
ATOM   52   C  CB  . VAL A 1 7   ? -7.389  -0.959  3.068   1.00 19.21 ? 100  VAL A CB  1 
ATOM   53   C  CG1 . VAL A 1 7   ? -8.248  -1.700  4.023   1.00 21.19 ? 100  VAL A CG1 1 
ATOM   54   C  CG2 . VAL A 1 7   ? -8.136  -0.685  1.831   1.00 19.84 ? 100  VAL A CG2 1 
ATOM   55   N  N   . VAL A 1 8   ? -6.706  0.276   6.079   1.00 17.45 ? 101  VAL A N   1 
ATOM   56   C  CA  . VAL A 1 8   ? -6.146  -0.025  7.397   1.00 19.10 ? 101  VAL A CA  1 
ATOM   57   C  C   . VAL A 1 8   ? -7.179  -0.772  8.258   1.00 20.46 ? 101  VAL A C   1 
ATOM   58   O  O   . VAL A 1 8   ? -8.360  -0.834  7.913   1.00 20.79 ? 101  VAL A O   1 
ATOM   59   C  CB  . VAL A 1 8   ? -5.708  1.285   8.130   1.00 18.90 ? 101  VAL A CB  1 
ATOM   60   C  CG1 . VAL A 1 8   ? -4.650  1.947   7.344   1.00 19.64 ? 101  VAL A CG1 1 
ATOM   61   C  CG2 . VAL A 1 8   ? -6.867  2.247   8.239   1.00 19.40 ? 101  VAL A CG2 1 
ATOM   62   N  N   . LYS A 1 9   ? -6.724  -1.397  9.346   1.00 20.87 ? 102  LYS A N   1 
ATOM   63   C  CA  . LYS A 1 9   ? -7.621  -2.030  10.289  1.00 22.83 ? 102  LYS A CA  1 
ATOM   64   C  C   . LYS A 1 9   ? -8.199  -1.031  11.298  1.00 23.29 ? 102  LYS A C   1 
ATOM   65   O  O   . LYS A 1 9   ? -7.517  -0.112  11.725  1.00 20.88 ? 102  LYS A O   1 
ATOM   66   C  CB  . LYS A 1 9   ? -6.904  -3.091  11.085  1.00 23.12 ? 102  LYS A CB  1 
ATOM   67   C  CG  . LYS A 1 9   ? -6.551  -4.295  10.256  1.00 27.76 ? 102  LYS A CG  1 
ATOM   68   C  CD  . LYS A 1 9   ? -6.248  -5.571  11.103  1.00 32.34 ? 102  LYS A CD  1 
ATOM   69   C  CE  . LYS A 1 9   ? -5.425  -6.543  10.272  1.00 35.48 ? 102  LYS A CE  1 
ATOM   70   N  NZ  . LYS A 1 9   ? -5.241  -7.986  10.742  1.00 36.42 ? 102  LYS A NZ  1 
ATOM   71   N  N   . LYS A 1 10  ? -9.471  -1.231  11.643  1.00 25.06 ? 103  LYS A N   1 
ATOM   72   C  CA  . LYS A 1 10  ? -10.134 -0.420  12.686  1.00 26.89 ? 103  LYS A CA  1 
ATOM   73   C  C   . LYS A 1 10  ? -9.428  -0.487  14.029  1.00 28.41 ? 103  LYS A C   1 
ATOM   74   O  O   . LYS A 1 10  ? -9.485  0.462   14.801  1.00 31.27 ? 103  LYS A O   1 
ATOM   75   C  CB  . LYS A 1 10  ? -11.602 -0.831  12.855  1.00 26.83 ? 103  LYS A CB  1 
ATOM   76   C  CG  . LYS A 1 10  ? -12.487 -0.150  11.883  1.00 30.84 ? 103  LYS A CG  1 
ATOM   77   C  CD  . LYS A 1 10  ? -13.876 0.150   12.461  1.00 33.41 ? 103  LYS A CD  1 
ATOM   78   C  CE  . LYS A 1 10  ? -14.790 0.540   11.351  1.00 34.68 ? 103  LYS A CE  1 
ATOM   79   N  NZ  . LYS A 1 10  ? -16.199 0.039   11.512  1.00 36.15 ? 103  LYS A NZ  1 
ATOM   80   N  N   . GLY A 1 11  ? -8.685  -1.542  14.309  1.00 29.59 ? 104  GLY A N   1 
ATOM   81   C  CA  . GLY A 1 11  ? -7.894  -1.531  15.546  1.00 31.80 ? 104  GLY A CA  1 
ATOM   82   C  C   . GLY A 1 11  ? -6.794  -0.440  15.743  1.00 31.48 ? 104  GLY A C   1 
ATOM   83   O  O   . GLY A 1 11  ? -6.450  -0.143  16.882  1.00 33.78 ? 104  GLY A O   1 
ATOM   84   N  N   . THR A 1 12  ? -6.275  0.171   14.674  1.00 28.41 ? 105  THR A N   1 
ATOM   85   C  CA  . THR A 1 12  ? -5.159  1.106   14.755  1.00 25.91 ? 105  THR A CA  1 
ATOM   86   C  C   . THR A 1 12  ? -5.623  2.552   14.744  1.00 24.58 ? 105  THR A C   1 
ATOM   87   O  O   . THR A 1 12  ? -6.785  2.835   14.533  1.00 24.20 ? 105  THR A O   1 
ATOM   88   C  CB  . THR A 1 12  ? -4.184  0.861   13.606  1.00 25.20 ? 105  THR A CB  1 
ATOM   89   O  OG1 . THR A 1 12  ? -4.852  0.994   12.341  1.00 21.84 ? 105  THR A OG1 1 
ATOM   90   C  CG2 . THR A 1 12  ? -3.747  -0.575  13.649  1.00 26.99 ? 105  THR A CG2 1 
ATOM   91   N  N   . ASP A 1 13  ? -4.684  3.465   14.864  1.00 23.09 ? 106  ASP A N   1 
ATOM   92   C  CA  . ASP A 1 13  ? -5.041  4.842   15.080  1.00 23.46 ? 106  ASP A CA  1 
ATOM   93   C  C   . ASP A 1 13  ? -4.183  5.820   14.381  1.00 22.13 ? 106  ASP A C   1 
ATOM   94   O  O   . ASP A 1 13  ? -4.438  7.012   14.474  1.00 24.58 ? 106  ASP A O   1 
ATOM   95   C  CB  . ASP A 1 13  ? -5.026  5.156   16.595  1.00 23.98 ? 106  ASP A CB  1 
ATOM   96   C  CG  . ASP A 1 13  ? -6.184  4.567   17.318  1.00 23.66 ? 106  ASP A CG  1 
ATOM   97   O  OD1 . ASP A 1 13  ? -7.234  5.220   17.323  1.00 24.21 ? 106  ASP A OD1 1 
ATOM   98   O  OD2 . ASP A 1 13  ? -6.141  3.481   17.936  1.00 24.41 ? 106  ASP A OD2 1 
ATOM   99   N  N   . PHE A 1 14  ? -3.157  5.372   13.678  1.00 19.99 ? 107  PHE A N   1 
ATOM   100  C  CA  . PHE A 1 14  ? -2.297  6.308   12.959  1.00 18.04 ? 107  PHE A CA  1 
ATOM   101  C  C   . PHE A 1 14  ? -3.045  6.845   11.747  1.00 18.33 ? 107  PHE A C   1 
ATOM   102  O  O   . PHE A 1 14  ? -3.944  6.189   11.212  1.00 19.22 ? 107  PHE A O   1 
ATOM   103  C  CB  . PHE A 1 14  ? -1.013  5.634   12.499  1.00 16.60 ? 107  PHE A CB  1 
ATOM   104  C  CG  . PHE A 1 14  ? -1.251  4.459   11.613  1.00 17.63 ? 107  PHE A CG  1 
ATOM   105  C  CD1 . PHE A 1 14  ? -1.405  3.210   12.118  1.00 19.45 ? 107  PHE A CD1 1 
ATOM   106  C  CD2 . PHE A 1 14  ? -1.350  4.632   10.239  1.00 20.37 ? 107  PHE A CD2 1 
ATOM   107  C  CE1 . PHE A 1 14  ? -1.628  2.140   11.276  1.00 22.61 ? 107  PHE A CE1 1 
ATOM   108  C  CE2 . PHE A 1 14  ? -1.598  3.590   9.436   1.00 21.27 ? 107  PHE A CE2 1 
ATOM   109  C  CZ  . PHE A 1 14  ? -1.732  2.349   9.956   1.00 20.35 ? 107  PHE A CZ  1 
ATOM   110  N  N   . MET A 1 15  ? -2.665  8.048   11.314  1.00 19.55 ? 108  MET A N   1 
ATOM   111  C  CA  . MET A 1 15  ? -3.240  8.736   10.168  1.00 20.42 ? 108  MET A CA  1 
ATOM   112  C  C   . MET A 1 15  ? -2.220  8.847   9.042   1.00 20.20 ? 108  MET A C   1 
ATOM   113  O  O   . MET A 1 15  ? -1.109  8.361   9.175   1.00 21.28 ? 108  MET A O   1 
ATOM   114  C  CB  . MET A 1 15  ? -3.755  10.127  10.566  1.00 20.06 ? 108  MET A CB  1 
ATOM   115  C  CG  . MET A 1 15  ? -4.886  10.110  11.593  1.00 21.67 ? 108  MET A CG  1 
ATOM   116  S  SD  . MET A 1 15  ? -6.411  9.406   10.960  1.00 23.81 ? 108  MET A SD  1 
ATOM   117  C  CE  . MET A 1 15  ? -7.290  9.075   12.486  1.00 31.26 ? 108  MET A CE  1 
ATOM   118  N  N   . ILE A 1 16  ? -2.565  9.501   7.934   1.00 20.32 ? 109  ILE A N   1 
ATOM   119  C  CA  . ILE A 1 16  ? -1.641  9.569   6.817   1.00 21.72 ? 109  ILE A CA  1 
ATOM   120  C  C   . ILE A 1 16  ? -0.328  10.237  7.216   1.00 22.04 ? 109  ILE A C   1 
ATOM   121  O  O   . ILE A 1 16  ? 0.711   9.849   6.721   1.00 21.22 ? 109  ILE A O   1 
ATOM   122  C  CB  . ILE A 1 16  ? -2.278  10.280  5.574   1.00 22.00 ? 109  ILE A CB  1 
ATOM   123  C  CG1 . ILE A 1 16  ? -1.371  10.079  4.367   1.00 22.80 ? 109  ILE A CG1 1 
ATOM   124  C  CG2 . ILE A 1 16  ? -2.568  11.759  5.852   1.00 22.55 ? 109  ILE A CG2 1 
ATOM   125  C  CD1 . ILE A 1 16  ? -1.970  10.713  3.120   1.00 26.69 ? 109  ILE A CD1 1 
ATOM   126  N  N   . LYS A 1 17  ? -0.347  11.201  8.147   1.00 21.50 ? 110  LYS A N   1 
ATOM   127  C  CA  . LYS A 1 17  ? 0.904   11.887  8.482   1.00 21.27 ? 110  LYS A CA  1 
ATOM   128  C  C   . LYS A 1 17  ? 1.823   11.035  9.327   1.00 22.34 ? 110  LYS A C   1 
ATOM   129  O  O   . LYS A 1 17  ? 2.988   11.409  9.568   1.00 23.33 ? 110  LYS A O   1 
ATOM   130  C  CB  . LYS A 1 17  ? 0.627   13.155  9.274   1.00 21.60 ? 110  LYS A CB  1 
ATOM   131  C  CG  . LYS A 1 17  ? 0.089   12.852  10.674  1.00 22.67 ? 110  LYS A CG  1 
ATOM   132  C  CD  . LYS A 1 17  ? -0.366  14.099  11.404  1.00 23.54 ? 110  LYS A CD  1 
ATOM   133  C  CE  . LYS A 1 17  ? -0.966  13.769  12.768  1.00 22.55 ? 110  LYS A CE  1 
ATOM   134  N  NZ  . LYS A 1 17  ? -0.036  13.153  13.749  1.00 21.98 ? 110  LYS A NZ  1 
ATOM   135  N  N   . ASP A 1 18  ? 1.322   9.914   9.789   1.00 20.05 ? 111  ASP A N   1 
ATOM   136  C  CA  . ASP A 1 18  ? 2.063   9.068   10.685  1.00 20.70 ? 111  ASP A CA  1 
ATOM   137  C  C   . ASP A 1 18  ? 2.529   7.789   10.038  1.00 20.46 ? 111  ASP A C   1 
ATOM   138  O  O   . ASP A 1 18  ? 2.716   6.832   10.728  1.00 20.78 ? 111  ASP A O   1 
ATOM   139  C  CB  . ASP A 1 18  ? 1.164   8.689   11.872  1.00 20.25 ? 111  ASP A CB  1 
ATOM   140  C  CG  . ASP A 1 18  ? 0.419   9.849   12.452  1.00 21.76 ? 111  ASP A CG  1 
ATOM   141  O  OD1 . ASP A 1 18  ? 1.098   10.801  12.891  1.00 18.55 ? 111  ASP A OD1 1 
ATOM   142  O  OD2 . ASP A 1 18  ? -0.845  9.869   12.490  1.00 21.69 ? 111  ASP A OD2 1 
ATOM   143  N  N   . LEU A 1 19  ? 2.667   7.743   8.722   1.00 19.06 ? 112  LEU A N   1 
ATOM   144  C  CA  . LEU A 1 19  ? 3.010   6.478   8.087   1.00 20.66 ? 112  LEU A CA  1 
ATOM   145  C  C   . LEU A 1 19  ? 4.506   6.081   8.204   1.00 21.04 ? 112  LEU A C   1 
ATOM   146  O  O   . LEU A 1 19  ? 4.862   4.936   8.066   1.00 19.68 ? 112  LEU A O   1 
ATOM   147  C  CB  . LEU A 1 19  ? 2.649   6.550   6.622   1.00 20.99 ? 112  LEU A CB  1 
ATOM   148  C  CG  . LEU A 1 19  ? 1.153   6.283   6.365   1.00 22.00 ? 112  LEU A CG  1 
ATOM   149  C  CD1 . LEU A 1 19  ? 0.875   6.409   4.909   1.00 21.41 ? 112  LEU A CD1 1 
ATOM   150  C  CD2 . LEU A 1 19  ? 0.840   4.919   6.827   1.00 23.01 ? 112  LEU A CD2 1 
ATOM   151  N  N   . ARG A 1 20  ? 5.367   7.049   8.387   1.00 21.75 ? 113  ARG A N   1 
ATOM   152  C  CA  . ARG A 1 20  ? 6.777   6.732   8.551   1.00 22.77 ? 113  ARG A CA  1 
ATOM   153  C  C   . ARG A 1 20  ? 6.975   5.660   9.605   1.00 23.34 ? 113  ARG A C   1 
ATOM   154  O  O   . ARG A 1 20  ? 6.396   5.685   10.714  1.00 21.79 ? 113  ARG A O   1 
ATOM   155  C  CB  . ARG A 1 20  ? 7.610   7.998   8.843   1.00 23.57 ? 113  ARG A CB  1 
ATOM   156  C  CG  . ARG A 1 20  ? 9.097   7.644   8.945   1.00 28.31 ? 113  ARG A CG  1 
ATOM   157  C  CD  . ARG A 1 20  ? 9.899   8.794   9.506   1.00 34.49 ? 113  ARG A CD  1 
ATOM   158  N  NE  . ARG A 1 20  ? 9.806   9.858   8.529   1.00 35.31 ? 113  ARG A NE  1 
ATOM   159  C  CZ  . ARG A 1 20  ? 10.537  9.909   7.438   1.00 41.63 ? 113  ARG A CZ  1 
ATOM   160  N  NH1 . ARG A 1 20  ? 11.468  8.979   7.214   1.00 44.78 ? 113  ARG A NH1 1 
ATOM   161  N  NH2 . ARG A 1 20  ? 10.369  10.905  6.587   1.00 45.37 ? 113  ARG A NH2 1 
ATOM   162  N  N   . GLY A 1 21  ? 7.748   4.628   9.218   1.00 20.93 ? 114  GLY A N   1 
ATOM   163  C  CA  . GLY A 1 21  ? 8.067   3.557   10.099  1.00 22.13 ? 114  GLY A CA  1 
ATOM   164  C  C   . GLY A 1 21  ? 7.046   2.432   10.224  1.00 22.20 ? 114  GLY A C   1 
ATOM   165  O  O   . GLY A 1 21  ? 7.250   1.469   10.992  1.00 24.15 ? 114  GLY A O   1 
ATOM   166  N  N   . LYS A 1 22  ? 5.903   2.576   9.558   1.00 21.63 ? 115  LYS A N   1 
ATOM   167  C  CA  . LYS A 1 22  ? 4.936   1.496   9.569   1.00 20.65 ? 115  LYS A CA  1 
ATOM   168  C  C   . LYS A 1 22  ? 5.329   0.420   8.504   1.00 20.54 ? 115  LYS A C   1 
ATOM   169  O  O   . LYS A 1 22  ? 6.219   0.650   7.778   1.00 21.36 ? 115  LYS A O   1 
ATOM   170  C  CB  . LYS A 1 22  ? 3.527   2.020   9.255   1.00 19.97 ? 115  LYS A CB  1 
ATOM   171  C  CG  . LYS A 1 22  ? 3.013   3.117   10.241  1.00 22.17 ? 115  LYS A CG  1 
ATOM   172  C  CD  . LYS A 1 22  ? 3.059   2.633   11.622  1.00 25.20 ? 115  LYS A CD  1 
ATOM   173  C  CE  . LYS A 1 22  ? 2.349   3.625   12.546  1.00 23.55 ? 115  LYS A CE  1 
ATOM   174  N  NZ  . LYS A 1 22  ? 3.118   4.818   12.813  1.00 22.73 ? 115  LYS A NZ  1 
ATOM   175  N  N   . THR A 1 23  ? 4.604   -0.685  8.431   1.00 20.77 ? 116  THR A N   1 
ATOM   176  C  CA  . THR A 1 23  ? 4.870   -1.717  7.426   1.00 21.44 ? 116  THR A CA  1 
ATOM   177  C  C   . THR A 1 23  ? 3.762   -1.598  6.419   1.00 22.83 ? 116  THR A C   1 
ATOM   178  O  O   . THR A 1 23  ? 2.615   -1.188  6.786   1.00 21.14 ? 116  THR A O   1 
ATOM   179  C  CB  . THR A 1 23  ? 4.889   -3.080  8.010   1.00 21.95 ? 116  THR A CB  1 
ATOM   180  O  OG1 . THR A 1 23  ? 3.654   -3.373  8.705   1.00 22.54 ? 116  THR A OG1 1 
ATOM   181  C  CG2 . THR A 1 23  ? 5.963   -3.203  9.070   1.00 27.52 ? 116  THR A CG2 1 
ATOM   182  N  N   . SER A 1 24  ? 4.074   -1.924  5.164   1.00 20.96 ? 117  SER A N   1 
ATOM   183  C  CA  . SER A 1 24  ? 3.155   -1.673  4.056   1.00 19.49 ? 117  SER A CA  1 
ATOM   184  C  C   . SER A 1 24  ? 3.067   -2.839  3.076   1.00 20.79 ? 117  SER A C   1 
ATOM   185  O  O   . SER A 1 24  ? 4.056   -3.590  2.881   1.00 19.19 ? 117  SER A O   1 
ATOM   186  C  CB  . SER A 1 24  ? 3.538   -0.442  3.304   1.00 22.19 ? 117  SER A CB  1 
ATOM   187  O  OG  . SER A 1 24  ? 4.782   -0.561  2.617   1.00 22.45 ? 117  SER A OG  1 
ATOM   188  N  N   . CYS A 1 25  ? 1.871   -2.978  2.505   1.00 19.72 ? 118  CYS A N   1 
ATOM   189  C  CA  . CYS A 1 25  ? 1.527   -4.005  1.541   1.00 21.45 ? 118  CYS A CA  1 
ATOM   190  C  C   . CYS A 1 25  ? 1.121   -3.326  0.234   1.00 20.15 ? 118  CYS A C   1 
ATOM   191  O  O   . CYS A 1 25  ? 0.222   -2.519  0.206   1.00 20.55 ? 118  CYS A O   1 
ATOM   192  C  CB  . CYS A 1 25  ? 0.372   -4.877  2.099   1.00 20.87 ? 118  CYS A CB  1 
ATOM   193  S  SG  . CYS A 1 25  ? 0.599   -5.747  3.674   1.00 21.69 ? 118  CYS A SG  1 
ATOM   194  N  N   . HIS A 1 26  ? 1.761   -3.700  -0.880  1.00 18.85 ? 119  HIS A N   1 
ATOM   195  C  CA  . HIS A 1 26  ? 1.530   -3.105  -2.181  1.00 18.24 ? 119  HIS A CA  1 
ATOM   196  C  C   . HIS A 1 26  ? 1.205   -4.196  -3.233  1.00 18.18 ? 119  HIS A C   1 
ATOM   197  O  O   . HIS A 1 26  ? 1.632   -5.319  -3.102  1.00 17.50 ? 119  HIS A O   1 
ATOM   198  C  CB  . HIS A 1 26  ? 2.812   -2.386  -2.653  1.00 20.01 ? 119  HIS A CB  1 
ATOM   199  C  CG  . HIS A 1 26  ? 3.306   -1.356  -1.705  1.00 17.65 ? 119  HIS A CG  1 
ATOM   200  N  ND1 . HIS A 1 26  ? 3.185   -0.027  -1.954  1.00 20.90 ? 119  HIS A ND1 1 
ATOM   201  C  CD2 . HIS A 1 26  ? 3.838   -1.469  -0.477  1.00 19.98 ? 119  HIS A CD2 1 
ATOM   202  C  CE1 . HIS A 1 26  ? 3.692   0.650   -0.944  1.00 18.88 ? 119  HIS A CE1 1 
ATOM   203  N  NE2 . HIS A 1 26  ? 4.117   -0.197  -0.049  1.00 22.89 ? 119  HIS A NE2 1 
ATOM   204  N  N   . THR A 1 27  ? 0.436   -3.859  -4.248  1.00 18.99 ? 120  THR A N   1 
ATOM   205  C  CA  . THR A 1 27  ? -0.023  -4.846  -5.264  1.00 20.12 ? 120  THR A CA  1 
ATOM   206  C  C   . THR A 1 27  ? 1.176   -5.320  -6.132  1.00 21.53 ? 120  THR A C   1 
ATOM   207  O  O   . THR A 1 27  ? 1.301   -6.488  -6.530  1.00 20.58 ? 120  THR A O   1 
ATOM   208  C  CB  . THR A 1 27  ? -1.007  -4.227  -6.158  1.00 20.17 ? 120  THR A CB  1 
ATOM   209  O  OG1 . THR A 1 27  ? -0.496  -3.061  -6.794  1.00 22.13 ? 120  THR A OG1 1 
ATOM   210  C  CG2 . THR A 1 27  ? -2.351  -3.869  -5.384  1.00 21.19 ? 120  THR A CG2 1 
ATOM   211  N  N   . GLY A 1 28  ? 2.084   -4.394  -6.333  1.00 22.13 ? 121  GLY A N   1 
ATOM   212  C  CA  . GLY A 1 28  ? 3.330   -4.660  -7.021  1.00 23.02 ? 121  GLY A CA  1 
ATOM   213  C  C   . GLY A 1 28  ? 4.034   -3.400  -7.480  1.00 25.45 ? 121  GLY A C   1 
ATOM   214  O  O   . GLY A 1 28  ? 3.396   -2.391  -7.742  1.00 23.50 ? 121  GLY A O   1 
ATOM   215  N  N   . LEU A 1 29  ? 5.359   -3.487  -7.657  1.00 26.14 ? 122  LEU A N   1 
ATOM   216  C  CA  . LEU A 1 29  ? 6.117   -2.342  -8.186  1.00 27.30 ? 122  LEU A CA  1 
ATOM   217  C  C   . LEU A 1 29  ? 5.547   -1.756  -9.464  1.00 27.60 ? 122  LEU A C   1 
ATOM   218  O  O   . LEU A 1 29  ? 5.234   -2.471  -10.381 1.00 29.36 ? 122  LEU A O   1 
ATOM   219  C  CB  . LEU A 1 29  ? 7.569   -2.799  -8.421  1.00 27.76 ? 122  LEU A CB  1 
ATOM   220  C  CG  . LEU A 1 29  ? 8.582   -1.699  -8.688  1.00 30.59 ? 122  LEU A CG  1 
ATOM   221  C  CD1 . LEU A 1 29  ? 9.025   -1.066  -7.413  1.00 32.14 ? 122  LEU A CD1 1 
ATOM   222  C  CD2 . LEU A 1 29  ? 9.796   -2.376  -9.386  1.00 33.03 ? 122  LEU A CD2 1 
ATOM   223  N  N   . GLY A 1 30  ? 5.393   -0.444  -9.563  1.00 28.64 ? 123  GLY A N   1 
ATOM   224  C  CA  . GLY A 1 30  ? 4.946   0.156   -10.808 1.00 28.88 ? 123  GLY A CA  1 
ATOM   225  C  C   . GLY A 1 30  ? 3.463   0.116   -11.173 1.00 30.16 ? 123  GLY A C   1 
ATOM   226  O  O   . GLY A 1 30  ? 3.116   0.572   -12.249 1.00 30.55 ? 123  GLY A O   1 
ATOM   227  N  N   . ARG A 1 31  ? 2.602   -0.422  -10.305 1.00 29.37 ? 124  ARG A N   1 
ATOM   228  C  CA  . ARG A 1 31  ? 1.171   -0.478  -10.560 1.00 29.22 ? 124  ARG A CA  1 
ATOM   229  C  C   . ARG A 1 31  ? 0.524   0.780   -10.046 1.00 29.48 ? 124  ARG A C   1 
ATOM   230  O  O   . ARG A 1 31  ? 1.140   1.543   -9.318  1.00 29.18 ? 124  ARG A O   1 
ATOM   231  C  CB  . ARG A 1 31  ? 0.592   -1.742  -9.936  1.00 29.28 ? 124  ARG A CB  1 
ATOM   232  C  CG  . ARG A 1 31  ? 1.181   -3.009  -10.545 1.00 28.22 ? 124  ARG A CG  1 
ATOM   233  C  CD  . ARG A 1 31  ? 0.670   -4.337  -10.013 1.00 28.02 ? 124  ARG A CD  1 
ATOM   234  N  NE  . ARG A 1 31  ? -0.791  -4.441  -9.935  1.00 27.64 ? 124  ARG A NE  1 
ATOM   235  C  CZ  . ARG A 1 31  ? -1.496  -5.584  -9.855  1.00 25.83 ? 124  ARG A CZ  1 
ATOM   236  N  NH1 . ARG A 1 31  ? -0.921  -6.764  -9.959  1.00 24.77 ? 124  ARG A NH1 1 
ATOM   237  N  NH2 . ARG A 1 31  ? -2.823  -5.522  -9.744  1.00 23.12 ? 124  ARG A NH2 1 
ATOM   238  N  N   . SER A 1 32  ? -0.712  1.051   -10.469 1.00 29.13 ? 125  SER A N   1 
ATOM   239  C  CA  . SER A 1 32  ? -1.249  2.391   -10.202 1.00 28.99 ? 125  SER A CA  1 
ATOM   240  C  C   . SER A 1 32  ? -1.577  2.622   -8.697  1.00 28.50 ? 125  SER A C   1 
ATOM   241  O  O   . SER A 1 32  ? -0.938  3.437   -8.028  1.00 28.42 ? 125  SER A O   1 
ATOM   242  C  CB  . SER A 1 32  ? -2.393  2.727   -11.133 1.00 30.50 ? 125  SER A CB  1 
ATOM   243  O  OG  . SER A 1 32  ? -1.920  2.842   -12.462 1.00 33.18 ? 125  SER A OG  1 
ATOM   244  N  N   . ALA A 1 33  ? -2.527  1.876   -8.173  1.00 27.06 ? 126  ALA A N   1 
ATOM   245  C  CA  . ALA A 1 33  ? -2.962  2.133   -6.806  1.00 26.25 ? 126  ALA A CA  1 
ATOM   246  C  C   . ALA A 1 33  ? -1.980  1.588   -5.793  1.00 24.54 ? 126  ALA A C   1 
ATOM   247  O  O   . ALA A 1 33  ? -1.865  2.072   -4.673  1.00 24.97 ? 126  ALA A O   1 
ATOM   248  C  CB  . ALA A 1 33  ? -4.358  1.520   -6.593  1.00 27.04 ? 126  ALA A CB  1 
ATOM   249  N  N   . GLY A 1 34  ? -1.209  0.601   -6.197  1.00 22.70 ? 127  GLY A N   1 
ATOM   250  C  CA  . GLY A 1 34  ? -0.341  -0.042  -5.260  1.00 22.67 ? 127  GLY A CA  1 
ATOM   251  C  C   . GLY A 1 34  ? 1.028   0.590   -5.145  1.00 22.80 ? 127  GLY A C   1 
ATOM   252  O  O   . GLY A 1 34  ? 1.726   0.322   -4.195  1.00 21.16 ? 127  GLY A O   1 
ATOM   253  N  N   . TRP A 1 35  ? 1.391   1.429   -6.105  1.00 23.26 ? 128  TRP A N   1 
ATOM   254  C  CA  . TRP A 1 35  ? 2.744   2.027   -6.064  1.00 24.47 ? 128  TRP A CA  1 
ATOM   255  C  C   . TRP A 1 35  ? 2.796   3.441   -6.553  1.00 25.47 ? 128  TRP A C   1 
ATOM   256  O  O   . TRP A 1 35  ? 3.227   4.359   -5.820  1.00 25.21 ? 128  TRP A O   1 
ATOM   257  C  CB  . TRP A 1 35  ? 3.730   1.172   -6.863  1.00 25.66 ? 128  TRP A CB  1 
ATOM   258  C  CG  . TRP A 1 35  ? 5.155   1.622   -6.802  1.00 23.67 ? 128  TRP A CG  1 
ATOM   259  C  CD1 . TRP A 1 35  ? 5.830   2.353   -7.723  1.00 27.71 ? 128  TRP A CD1 1 
ATOM   260  C  CD2 . TRP A 1 35  ? 6.048   1.390   -5.734  1.00 22.71 ? 128  TRP A CD2 1 
ATOM   261  N  NE1 . TRP A 1 35  ? 7.121   2.565   -7.303  1.00 27.28 ? 128  TRP A NE1 1 
ATOM   262  C  CE2 . TRP A 1 35  ? 7.282   1.982   -6.077  1.00 28.16 ? 128  TRP A CE2 1 
ATOM   263  C  CE3 . TRP A 1 35  ? 5.948   0.747   -4.540  1.00 21.15 ? 128  TRP A CE3 1 
ATOM   264  C  CZ2 . TRP A 1 35  ? 8.377   1.923   -5.256  1.00 25.65 ? 128  TRP A CZ2 1 
ATOM   265  C  CZ3 . TRP A 1 35  ? 7.043   0.710   -3.702  1.00 26.24 ? 128  TRP A CZ3 1 
ATOM   266  C  CH2 . TRP A 1 35  ? 8.256   1.284   -4.087  1.00 24.46 ? 128  TRP A CH2 1 
ATOM   267  N  N   . ASN A 1 36  ? 2.358   3.659   -7.787  1.00 27.12 ? 129  ASN A N   1 
ATOM   268  C  CA  . ASN A 1 36  ? 2.509   5.010   -8.359  1.00 28.19 ? 129  ASN A CA  1 
ATOM   269  C  C   . ASN A 1 36  ? 1.770   6.101   -7.578  1.00 28.04 ? 129  ASN A C   1 
ATOM   270  O  O   . ASN A 1 36  ? 2.308   7.204   -7.343  1.00 27.90 ? 129  ASN A O   1 
ATOM   271  C  CB  . ASN A 1 36  ? 2.086   5.098   -9.842  1.00 29.09 ? 129  ASN A CB  1 
ATOM   272  C  CG  . ASN A 1 36  ? 2.921   4.209   -10.743 1.00 31.71 ? 129  ASN A CG  1 
ATOM   273  O  OD1 . ASN A 1 36  ? 3.927   3.673   -10.335 1.00 31.12 ? 129  ASN A OD1 1 
ATOM   274  N  ND2 . ASN A 1 36  ? 2.466   4.022   -11.976 1.00 37.03 ? 129  ASN A ND2 1 
ATOM   275  N  N   . ILE A 1 37  ? 0.537   5.833   -7.196  1.00 26.99 ? 130  ILE A N   1 
ATOM   276  C  CA  . ILE A 1 37  ? -0.220  6.873   -6.547  1.00 26.93 ? 130  ILE A CA  1 
ATOM   277  C  C   . ILE A 1 37  ? 0.259   7.092   -5.120  1.00 25.48 ? 130  ILE A C   1 
ATOM   278  O  O   . ILE A 1 37  ? 0.418   8.227   -4.740  1.00 25.00 ? 130  ILE A O   1 
ATOM   279  C  CB  . ILE A 1 37  ? -1.742  6.592   -6.586  1.00 27.31 ? 130  ILE A CB  1 
ATOM   280  C  CG1 . ILE A 1 37  ? -2.302  6.528   -8.008  1.00 31.33 ? 130  ILE A CG1 1 
ATOM   281  C  CG2 . ILE A 1 37  ? -2.496  7.569   -5.695  1.00 25.90 ? 130  ILE A CG2 1 
ATOM   282  C  CD1 . ILE A 1 37  ? -1.978  7.665   -8.857  1.00 36.31 ? 130  ILE A CD1 1 
ATOM   283  N  N   . PRO A 1 38  ? 0.363   6.053   -4.290  1.00 27.15 ? 131  PRO A N   1 
ATOM   284  C  CA  . PRO A 1 38  ? 0.771   6.240   -2.900  1.00 25.62 ? 131  PRO A CA  1 
ATOM   285  C  C   . PRO A 1 38  ? 2.194   6.774   -2.778  1.00 27.10 ? 131  PRO A C   1 
ATOM   286  O  O   . PRO A 1 38  ? 2.426   7.715   -2.037  1.00 25.65 ? 131  PRO A O   1 
ATOM   287  C  CB  . PRO A 1 38  ? 0.632   4.853   -2.292  1.00 26.26 ? 131  PRO A CB  1 
ATOM   288  C  CG  . PRO A 1 38  ? 0.698   3.924   -3.429  1.00 28.08 ? 131  PRO A CG  1 
ATOM   289  C  CD  . PRO A 1 38  ? -0.024  4.641   -4.532  1.00 27.04 ? 131  PRO A CD  1 
ATOM   290  N  N   . ILE A 1 39  ? 3.120   6.230   -3.543  1.00 27.55 ? 132  ILE A N   1 
ATOM   291  C  CA  . ILE A 1 39  ? 4.497   6.699   -3.453  1.00 28.26 ? 132  ILE A CA  1 
ATOM   292  C  C   . ILE A 1 39  ? 4.614   8.115   -3.959  1.00 28.51 ? 132  ILE A C   1 
ATOM   293  O  O   . ILE A 1 39  ? 5.175   8.939   -3.285  1.00 29.63 ? 132  ILE A O   1 
ATOM   294  C  CB  . ILE A 1 39  ? 5.459   5.793   -4.186  1.00 28.02 ? 132  ILE A CB  1 
ATOM   295  C  CG1 . ILE A 1 39  ? 5.379   4.375   -3.637  1.00 27.75 ? 132  ILE A CG1 1 
ATOM   296  C  CG2 . ILE A 1 39  ? 6.917   6.368   -4.020  1.00 28.55 ? 132  ILE A CG2 1 
ATOM   297  C  CD1 . ILE A 1 39  ? 5.395   4.235   -2.138  1.00 29.23 ? 132  ILE A CD1 1 
ATOM   298  N  N   . GLY A 1 40  ? 4.002   8.411   -5.099  1.00 28.84 ? 133  GLY A N   1 
ATOM   299  C  CA  . GLY A 1 40  ? 3.948   9.753   -5.593  1.00 29.13 ? 133  GLY A CA  1 
ATOM   300  C  C   . GLY A 1 40  ? 3.342   10.762  -4.618  1.00 31.02 ? 133  GLY A C   1 
ATOM   301  O  O   . GLY A 1 40  ? 3.801   11.937  -4.489  1.00 30.39 ? 133  GLY A O   1 
ATOM   302  N  N   . THR A 1 41  ? 2.294   10.321  -3.938  1.00 29.08 ? 134  THR A N   1 
ATOM   303  C  CA  . THR A 1 41  ? 1.594   11.170  -3.022  1.00 29.52 ? 134  THR A CA  1 
ATOM   304  C  C   . THR A 1 41  ? 2.491   11.466  -1.837  1.00 29.21 ? 134  THR A C   1 
ATOM   305  O  O   . THR A 1 41  ? 2.498   12.548  -1.310  1.00 29.67 ? 134  THR A O   1 
ATOM   306  C  CB  . THR A 1 41  ? 0.315   10.439  -2.531  1.00 29.02 ? 134  THR A CB  1 
ATOM   307  O  OG1 . THR A 1 41  ? -0.671  10.397  -3.577  1.00 27.91 ? 134  THR A OG1 1 
ATOM   308  C  CG2 . THR A 1 41  ? -0.333  11.236  -1.410  1.00 31.93 ? 134  THR A CG2 1 
ATOM   309  N  N   . LEU A 1 42  ? 3.238   10.488  -1.385  1.00 29.76 ? 135  LEU A N   1 
ATOM   310  C  CA  . LEU A 1 42  ? 4.055   10.727  -0.236  1.00 29.88 ? 135  LEU A CA  1 
ATOM   311  C  C   . LEU A 1 42  ? 5.286   11.592  -0.581  1.00 32.20 ? 135  LEU A C   1 
ATOM   312  O  O   . LEU A 1 42  ? 5.820   12.294  0.286   1.00 31.42 ? 135  LEU A O   1 
ATOM   313  C  CB  . LEU A 1 42  ? 4.409   9.405   0.416   1.00 30.17 ? 135  LEU A CB  1 
ATOM   314  C  CG  . LEU A 1 42  ? 3.214   8.668   1.090   1.00 29.04 ? 135  LEU A CG  1 
ATOM   315  C  CD1 . LEU A 1 42  ? 3.517   7.180   1.383   1.00 31.65 ? 135  LEU A CD1 1 
ATOM   316  C  CD2 . LEU A 1 42  ? 2.853   9.349   2.381   1.00 28.93 ? 135  LEU A CD2 1 
ATOM   317  N  N   . ILE A 1 43  ? 5.723   11.537  -1.834  1.00 33.59 ? 136  ILE A N   1 
ATOM   318  C  CA  . ILE A 1 43  ? 6.910   12.279  -2.257  1.00 35.47 ? 136  ILE A CA  1 
ATOM   319  C  C   . ILE A 1 43  ? 6.546   13.758  -2.227  1.00 37.29 ? 136  ILE A C   1 
ATOM   320  O  O   . ILE A 1 43  ? 7.247   14.585  -1.680  1.00 38.41 ? 136  ILE A O   1 
ATOM   321  C  CB  . ILE A 1 43  ? 7.366   11.812  -3.651  1.00 34.76 ? 136  ILE A CB  1 
ATOM   322  C  CG1 . ILE A 1 43  ? 8.174   10.537  -3.498  1.00 33.77 ? 136  ILE A CG1 1 
ATOM   323  C  CG2 . ILE A 1 43  ? 8.231   12.883  -4.349  1.00 37.87 ? 136  ILE A CG2 1 
ATOM   324  C  CD1 . ILE A 1 43  ? 8.411   9.782   -4.783  1.00 34.29 ? 136  ILE A CD1 1 
ATOM   325  N  N   . HIS A 1 44  ? 5.386   14.055  -2.754  1.00 38.50 ? 137  HIS A N   1 
ATOM   326  C  CA  . HIS A 1 44  ? 4.897   15.409  -2.803  1.00 40.36 ? 137  HIS A CA  1 
ATOM   327  C  C   . HIS A 1 44  ? 4.484   15.967  -1.495  1.00 39.80 ? 137  HIS A C   1 
ATOM   328  O  O   . HIS A 1 44  ? 4.509   17.160  -1.316  1.00 40.73 ? 137  HIS A O   1 
ATOM   329  C  CB  . HIS A 1 44  ? 3.685   15.352  -3.657  1.00 40.77 ? 137  HIS A CB  1 
ATOM   330  C  CG  . HIS A 1 44  ? 3.047   16.671  -3.934  1.00 45.64 ? 137  HIS A CG  1 
ATOM   331  N  ND1 . HIS A 1 44  ? 3.371   17.436  -5.040  1.00 52.58 ? 137  HIS A ND1 1 
ATOM   332  C  CD2 . HIS A 1 44  ? 2.022   17.316  -3.321  1.00 51.35 ? 137  HIS A CD2 1 
ATOM   333  C  CE1 . HIS A 1 44  ? 2.597   18.510  -5.077  1.00 50.33 ? 137  HIS A CE1 1 
ATOM   334  N  NE2 . HIS A 1 44  ? 1.773   18.464  -4.044  1.00 53.57 ? 137  HIS A NE2 1 
ATOM   335  N  N   . ARG A 1 45  ? 4.040   15.121  -0.595  1.00 39.01 ? 138  ARG A N   1 
ATOM   336  C  CA  . ARG A 1 45  ? 3.725   15.596  0.721   1.00 38.29 ? 138  ARG A CA  1 
ATOM   337  C  C   . ARG A 1 45  ? 5.047   15.998  1.330   1.00 38.40 ? 138  ARG A C   1 
ATOM   338  O  O   . ARG A 1 45  ? 5.082   16.661  2.347   1.00 39.44 ? 138  ARG A O   1 
ATOM   339  C  CB  . ARG A 1 45  ? 3.124   14.473  1.563   1.00 39.10 ? 138  ARG A CB  1 
ATOM   340  C  CG  . ARG A 1 45  ? 1.632   14.197  1.378   1.00 37.47 ? 138  ARG A CG  1 
ATOM   341  C  CD  . ARG A 1 45  ? 1.116   13.084  2.276   1.00 35.10 ? 138  ARG A CD  1 
ATOM   342  N  NE  . ARG A 1 45  ? 1.481   13.283  3.674   1.00 35.30 ? 138  ARG A NE  1 
ATOM   343  C  CZ  . ARG A 1 45  ? 0.762   13.953  4.555   1.00 36.30 ? 138  ARG A CZ  1 
ATOM   344  N  NH1 . ARG A 1 45  ? -0.402  14.468  4.208   1.00 35.97 ? 138  ARG A NH1 1 
ATOM   345  N  NH2 . ARG A 1 45  ? 1.227   14.118  5.790   1.00 37.89 ? 138  ARG A NH2 1 
ATOM   346  N  N   . GLY A 1 46  ? 6.146   15.552  0.741   1.00 37.61 ? 139  GLY A N   1 
ATOM   347  C  CA  . GLY A 1 46  ? 7.433   15.793  1.328   1.00 37.18 ? 139  GLY A CA  1 
ATOM   348  C  C   . GLY A 1 46  ? 7.810   14.753  2.364   1.00 37.14 ? 139  GLY A C   1 
ATOM   349  O  O   . GLY A 1 46  ? 8.856   14.862  2.974   1.00 36.90 ? 139  GLY A O   1 
ATOM   350  N  N   . ASP A 1 47  ? 6.988   13.724  2.567   1.00 36.14 ? 140  ASP A N   1 
ATOM   351  C  CA  . ASP A 1 47  ? 7.303   12.694  3.557   1.00 36.40 ? 140  ASP A CA  1 
ATOM   352  C  C   . ASP A 1 47  ? 8.388   11.707  3.137   1.00 36.72 ? 140  ASP A C   1 
ATOM   353  O  O   . ASP A 1 47  ? 9.121   11.169  3.968   1.00 35.56 ? 140  ASP A O   1 
ATOM   354  C  CB  . ASP A 1 47  ? 6.060   11.902  3.866   1.00 36.30 ? 140  ASP A CB  1 
ATOM   355  C  CG  . ASP A 1 47  ? 4.981   12.762  4.440   1.00 38.41 ? 140  ASP A CG  1 
ATOM   356  O  OD1 . ASP A 1 47  ? 5.322   13.821  5.015   1.00 37.55 ? 140  ASP A OD1 1 
ATOM   357  O  OD2 . ASP A 1 47  ? 3.783   12.478  4.318   1.00 39.21 ? 140  ASP A OD2 1 
ATOM   358  N  N   . ILE A 1 48  ? 8.439   11.426  1.848   1.00 38.71 ? 141  ILE A N   1 
ATOM   359  C  CA  . ILE A 1 48  ? 9.457   10.548  1.319   1.00 40.88 ? 141  ILE A CA  1 
ATOM   360  C  C   . ILE A 1 48  ? 10.419  11.475  0.625   1.00 44.38 ? 141  ILE A C   1 
ATOM   361  O  O   . ILE A 1 48  ? 10.043  12.206  -0.317  1.00 44.32 ? 141  ILE A O   1 
ATOM   362  C  CB  . ILE A 1 48  ? 8.879   9.493   0.353   1.00 40.50 ? 141  ILE A CB  1 
ATOM   363  C  CG1 . ILE A 1 48  ? 8.028   8.458   1.123   1.00 38.20 ? 141  ILE A CG1 1 
ATOM   364  C  CG2 . ILE A 1 48  ? 10.011  8.797   -0.414  1.00 39.88 ? 141  ILE A CG2 1 
ATOM   365  C  CD1 . ILE A 1 48  ? 7.436   7.354   0.241   1.00 37.55 ? 141  ILE A CD1 1 
ATOM   366  N  N   . GLU A 1 49  ? 11.670  11.419  1.048   1.00 48.93 ? 142  GLU A N   1 
ATOM   367  C  CA  . GLU A 1 49  ? 12.644  12.330  0.483   1.00 53.58 ? 142  GLU A CA  1 
ATOM   368  C  C   . GLU A 1 49  ? 13.281  11.765  -0.733  1.00 56.29 ? 142  GLU A C   1 
ATOM   369  O  O   . GLU A 1 49  ? 14.059  10.813  -0.723  1.00 56.19 ? 142  GLU A O   1 
ATOM   370  C  CB  . GLU A 1 49  ? 13.655  12.794  1.504   1.00 54.19 ? 142  GLU A CB  1 
ATOM   371  C  CG  . GLU A 1 49  ? 13.105  14.023  2.204   1.00 57.12 ? 142  GLU A CG  1 
ATOM   372  C  CD  . GLU A 1 49  ? 14.136  14.780  3.008   1.00 60.52 ? 142  GLU A CD  1 
ATOM   373  O  OE1 . GLU A 1 49  ? 15.358  14.608  2.768   1.00 64.36 ? 142  GLU A OE1 1 
ATOM   374  O  OE2 . GLU A 1 49  ? 13.720  15.546  3.893   1.00 61.93 ? 142  GLU A OE2 1 
ATOM   375  N  N   . TRP A 1 50  ? 12.844  12.360  -1.809  1.00 60.32 ? 143  TRP A N   1 
ATOM   376  C  CA  . TRP A 1 50  ? 13.346  12.055  -3.102  1.00 63.78 ? 143  TRP A CA  1 
ATOM   377  C  C   . TRP A 1 50  ? 13.186  13.389  -3.705  1.00 66.94 ? 143  TRP A C   1 
ATOM   378  O  O   . TRP A 1 50  ? 12.152  14.054  -3.517  1.00 67.17 ? 143  TRP A O   1 
ATOM   379  C  CB  . TRP A 1 50  ? 12.465  11.077  -3.837  1.00 64.00 ? 143  TRP A CB  1 
ATOM   380  C  CG  . TRP A 1 50  ? 13.164  10.406  -4.968  1.00 64.90 ? 143  TRP A CG  1 
ATOM   381  C  CD1 . TRP A 1 50  ? 14.226  9.565   -4.871  1.00 66.42 ? 143  TRP A CD1 1 
ATOM   382  C  CD2 . TRP A 1 50  ? 12.858  10.496  -6.365  1.00 65.72 ? 143  TRP A CD2 1 
ATOM   383  N  NE1 . TRP A 1 50  ? 14.600  9.116   -6.113  1.00 66.57 ? 143  TRP A NE1 1 
ATOM   384  C  CE2 . TRP A 1 50  ? 13.772  9.669   -7.050  1.00 66.19 ? 143  TRP A CE2 1 
ATOM   385  C  CE3 . TRP A 1 50  ? 11.899  11.185  -7.110  1.00 67.05 ? 143  TRP A CE3 1 
ATOM   386  C  CZ2 . TRP A 1 50  ? 13.765  9.521   -8.436  1.00 66.70 ? 143  TRP A CZ2 1 
ATOM   387  C  CZ3 . TRP A 1 50  ? 11.893  11.033  -8.488  1.00 67.60 ? 143  TRP A CZ3 1 
ATOM   388  C  CH2 . TRP A 1 50  ? 12.819  10.202  -9.134  1.00 66.98 ? 143  TRP A CH2 1 
ATOM   389  N  N   . GLU A 1 51  ? 14.231  13.806  -4.393  1.00 70.79 ? 144  GLU A N   1 
ATOM   390  C  CA  . GLU A 1 51  ? 14.215  15.084  -5.071  1.00 73.49 ? 144  GLU A CA  1 
ATOM   391  C  C   . GLU A 1 51  ? 14.379  14.863  -6.598  1.00 75.00 ? 144  GLU A C   1 
ATOM   392  O  O   . GLU A 1 51  ? 13.933  15.694  -7.395  1.00 75.49 ? 144  GLU A O   1 
ATOM   393  C  CB  . GLU A 1 51  ? 15.278  16.005  -4.445  1.00 74.12 ? 144  GLU A CB  1 
ATOM   394  C  CG  . GLU A 1 51  ? 15.463  15.828  -2.915  1.00 75.99 ? 144  GLU A CG  1 
ATOM   395  C  CD  . GLU A 1 51  ? 14.354  16.450  -2.032  1.00 78.87 ? 144  GLU A CD  1 
ATOM   396  O  OE1 . GLU A 1 51  ? 14.165  17.692  -2.072  1.00 79.56 ? 144  GLU A OE1 1 
ATOM   397  O  OE2 . GLU A 1 51  ? 13.680  15.710  -1.259  1.00 80.38 ? 144  GLU A OE2 1 
ATOM   398  N  N   . GLY A 1 52  ? 14.961  13.722  -6.992  1.00 76.75 ? 145  GLY A N   1 
ATOM   399  C  CA  . GLY A 1 52  ? 15.148  13.362  -8.399  1.00 78.01 ? 145  GLY A CA  1 
ATOM   400  C  C   . GLY A 1 52  ? 16.002  12.102  -8.524  1.00 79.23 ? 145  GLY A C   1 
ATOM   401  O  O   . GLY A 1 52  ? 16.578  11.658  -7.528  1.00 79.69 ? 145  GLY A O   1 
ATOM   402  N  N   . ILE A 1 53  ? 16.101  11.513  -9.717  1.00 80.35 ? 146  ILE A N   1 
ATOM   403  C  CA  . ILE A 1 53  ? 16.900  10.281  -9.868  1.00 81.16 ? 146  ILE A CA  1 
ATOM   404  C  C   . ILE A 1 53  ? 18.329  10.443  -9.314  1.00 81.00 ? 146  ILE A C   1 
ATOM   405  O  O   . ILE A 1 53  ? 18.945  9.453   -8.890  1.00 81.23 ? 146  ILE A O   1 
ATOM   406  C  CB  . ILE A 1 53  ? 16.946  9.771   -11.348 1.00 81.59 ? 146  ILE A CB  1 
ATOM   407  C  CG1 . ILE A 1 53  ? 17.732  10.749  -12.244 1.00 82.77 ? 146  ILE A CG1 1 
ATOM   408  C  CG2 . ILE A 1 53  ? 15.517  9.520   -11.872 1.00 81.96 ? 146  ILE A CG2 1 
ATOM   409  C  CD1 . ILE A 1 53  ? 18.877  10.102  -13.051 1.00 83.48 ? 146  ILE A CD1 1 
ATOM   410  N  N   . GLU A 1 54  ? 18.831  11.684  -9.297  1.00 80.48 ? 147  GLU A N   1 
ATOM   411  C  CA  . GLU A 1 54  ? 20.184  11.973  -8.817  1.00 79.97 ? 147  GLU A CA  1 
ATOM   412  C  C   . GLU A 1 54  ? 20.312  11.867  -7.301  1.00 78.46 ? 147  GLU A C   1 
ATOM   413  O  O   . GLU A 1 54  ? 21.418  11.939  -6.769  1.00 78.74 ? 147  GLU A O   1 
ATOM   414  C  CB  . GLU A 1 54  ? 20.646  13.365  -9.273  1.00 80.62 ? 147  GLU A CB  1 
ATOM   415  C  CG  . GLU A 1 54  ? 20.611  13.556  -10.786 1.00 82.54 ? 147  GLU A CG  1 
ATOM   416  C  CD  . GLU A 1 54  ? 21.890  14.163  -11.351 1.00 85.04 ? 147  GLU A CD  1 
ATOM   417  O  OE1 . GLU A 1 54  ? 22.728  14.667  -10.567 1.00 86.31 ? 147  GLU A OE1 1 
ATOM   418  O  OE2 . GLU A 1 54  ? 22.064  14.128  -12.592 1.00 86.73 ? 147  GLU A OE2 1 
ATOM   419  N  N   . SER A 1 55  ? 19.182  11.731  -6.607  1.00 76.45 ? 148  SER A N   1 
ATOM   420  C  CA  . SER A 1 55  ? 19.190  11.494  -5.158  1.00 74.60 ? 148  SER A CA  1 
ATOM   421  C  C   . SER A 1 55  ? 18.930  9.999   -4.850  1.00 71.84 ? 148  SER A C   1 
ATOM   422  O  O   . SER A 1 55  ? 18.587  9.648   -3.710  1.00 72.33 ? 148  SER A O   1 
ATOM   423  C  CB  . SER A 1 55  ? 18.179  12.407  -4.417  1.00 74.97 ? 148  SER A CB  1 
ATOM   424  O  OG  . SER A 1 55  ? 16.954  12.569  -5.127  1.00 76.19 ? 148  SER A OG  1 
ATOM   425  N  N   . GLY A 1 56  ? 19.123  9.126   -5.850  1.00 67.76 ? 149  GLY A N   1 
ATOM   426  C  CA  . GLY A 1 56  ? 18.908  7.691   -5.685  1.00 64.51 ? 149  GLY A CA  1 
ATOM   427  C  C   . GLY A 1 56  ? 17.734  7.126   -6.482  1.00 60.79 ? 149  GLY A C   1 
ATOM   428  O  O   . GLY A 1 56  ? 17.165  7.797   -7.342  1.00 61.09 ? 149  GLY A O   1 
ATOM   429  N  N   . SER A 1 57  ? 17.396  5.865   -6.232  1.00 56.05 ? 150  SER A N   1 
ATOM   430  C  CA  . SER A 1 57  ? 16.225  5.263   -6.864  1.00 52.66 ? 150  SER A CA  1 
ATOM   431  C  C   . SER A 1 57  ? 15.009  5.454   -5.954  1.00 49.26 ? 150  SER A C   1 
ATOM   432  O  O   . SER A 1 57  ? 15.140  5.674   -4.743  1.00 47.06 ? 150  SER A O   1 
ATOM   433  C  CB  . SER A 1 57  ? 16.415  3.770   -7.101  1.00 52.27 ? 150  SER A CB  1 
ATOM   434  O  OG  . SER A 1 57  ? 16.492  3.106   -5.859  1.00 52.35 ? 150  SER A OG  1 
ATOM   435  N  N   . VAL A 1 58  ? 13.836  5.320   -6.543  1.00 45.88 ? 151  VAL A N   1 
ATOM   436  C  CA  . VAL A 1 58  ? 12.626  5.489   -5.786  1.00 43.48 ? 151  VAL A CA  1 
ATOM   437  C  C   . VAL A 1 58  ? 12.582  4.391   -4.755  1.00 40.98 ? 151  VAL A C   1 
ATOM   438  O  O   . VAL A 1 58  ? 12.238  4.633   -3.603  1.00 40.24 ? 151  VAL A O   1 
ATOM   439  C  CB  . VAL A 1 58  ? 11.407  5.444   -6.683  1.00 43.76 ? 151  VAL A CB  1 
ATOM   440  C  CG1 . VAL A 1 58  ? 10.139  5.488   -5.836  1.00 43.91 ? 151  VAL A CG1 1 
ATOM   441  C  CG2 . VAL A 1 58  ? 11.445  6.632   -7.651  1.00 44.96 ? 151  VAL A CG2 1 
ATOM   442  N  N   . GLU A 1 59  ? 12.991  3.190   -5.152  1.00 38.22 ? 152  GLU A N   1 
ATOM   443  C  CA  . GLU A 1 59  ? 12.988  2.036   -4.247  1.00 36.79 ? 152  GLU A CA  1 
ATOM   444  C  C   . GLU A 1 59  ? 13.754  2.298   -2.992  1.00 36.04 ? 152  GLU A C   1 
ATOM   445  O  O   . GLU A 1 59  ? 13.306  1.929   -1.901  1.00 34.29 ? 152  GLU A O   1 
ATOM   446  C  CB  . GLU A 1 59  ? 13.591  0.770   -4.883  1.00 36.99 ? 152  GLU A CB  1 
ATOM   447  C  CG  . GLU A 1 59  ? 12.623  -0.063  -5.697  1.00 35.37 ? 152  GLU A CG  1 
ATOM   448  C  CD  . GLU A 1 59  ? 13.167  -1.433  -6.097  1.00 33.64 ? 152  GLU A CD  1 
ATOM   449  O  OE1 . GLU A 1 59  ? 13.712  -2.175  -5.276  1.00 33.63 ? 152  GLU A OE1 1 
ATOM   450  O  OE2 . GLU A 1 59  ? 12.985  -1.789  -7.257  1.00 38.07 ? 152  GLU A OE2 1 
ATOM   451  N  N   . GLN A 1 60  ? 14.945  2.894   -3.117  1.00 35.22 ? 153  GLN A N   1 
ATOM   452  C  CA  . GLN A 1 60  ? 15.750  3.125   -1.912  1.00 35.84 ? 153  GLN A CA  1 
ATOM   453  C  C   . GLN A 1 60  ? 15.072  4.116   -0.977  1.00 32.53 ? 153  GLN A C   1 
ATOM   454  O  O   . GLN A 1 60  ? 15.104  3.949   0.206   1.00 33.80 ? 153  GLN A O   1 
ATOM   455  C  CB  . GLN A 1 60  ? 17.180  3.619   -2.242  1.00 36.48 ? 153  GLN A CB  1 
ATOM   456  C  CG  . GLN A 1 60  ? 18.214  3.023   -1.275  1.00 42.79 ? 153  GLN A CG  1 
ATOM   457  C  CD  . GLN A 1 60  ? 19.515  2.632   -1.964  1.00 49.89 ? 153  GLN A CD  1 
ATOM   458  O  OE1 . GLN A 1 60  ? 19.949  1.460   -1.901  1.00 54.11 ? 153  GLN A OE1 1 
ATOM   459  N  NE2 . GLN A 1 60  ? 20.141  3.604   -2.628  1.00 52.52 ? 153  GLN A NE2 1 
ATOM   460  N  N   . ALA A 1 61  ? 14.462  5.143   -1.534  1.00 31.94 ? 154  ALA A N   1 
ATOM   461  C  CA  . ALA A 1 61  ? 13.759  6.161   -0.745  1.00 30.77 ? 154  ALA A CA  1 
ATOM   462  C  C   . ALA A 1 61  ? 12.542  5.585   0.006   1.00 31.20 ? 154  ALA A C   1 
ATOM   463  O  O   . ALA A 1 61  ? 12.193  6.022   1.117   1.00 28.16 ? 154  ALA A O   1 
ATOM   464  C  CB  . ALA A 1 61  ? 13.293  7.250   -1.648  1.00 30.99 ? 154  ALA A CB  1 
ATOM   465  N  N   . VAL A 1 62  ? 11.887  4.597   -0.610  1.00 30.23 ? 155  VAL A N   1 
ATOM   466  C  CA  . VAL A 1 62  ? 10.748  3.985   0.026   1.00 28.88 ? 155  VAL A CA  1 
ATOM   467  C  C   . VAL A 1 62  ? 11.216  3.105   1.143   1.00 28.26 ? 155  VAL A C   1 
ATOM   468  O  O   . VAL A 1 62  ? 10.644  3.112   2.246   1.00 26.63 ? 155  VAL A O   1 
ATOM   469  C  CB  . VAL A 1 62  ? 9.890   3.223   -1.031  1.00 28.99 ? 155  VAL A CB  1 
ATOM   470  C  CG1 . VAL A 1 62  ? 8.808   2.406   -0.372  1.00 28.09 ? 155  VAL A CG1 1 
ATOM   471  C  CG2 . VAL A 1 62  ? 9.302   4.180   -2.022  1.00 27.63 ? 155  VAL A CG2 1 
ATOM   472  N  N   . ALA A 1 63  ? 12.318  2.373   0.926   1.00 28.32 ? 156  ALA A N   1 
ATOM   473  C  CA  . ALA A 1 63  ? 12.795  1.452   1.932   1.00 28.64 ? 156  ALA A CA  1 
ATOM   474  C  C   . ALA A 1 63  ? 13.276  2.176   3.140   1.00 29.76 ? 156  ALA A C   1 
ATOM   475  O  O   . ALA A 1 63  ? 13.430  1.586   4.191   1.00 31.69 ? 156  ALA A O   1 
ATOM   476  C  CB  . ALA A 1 63  ? 13.907  0.555   1.366   1.00 29.17 ? 156  ALA A CB  1 
ATOM   477  N  N   . LYS A 1 64  ? 13.605  3.445   3.005   1.00 31.42 ? 157  LYS A N   1 
ATOM   478  C  CA  . LYS A 1 64  ? 14.000  4.182   4.197   1.00 32.72 ? 157  LYS A CA  1 
ATOM   479  C  C   . LYS A 1 64  ? 12.775  4.739   4.951   1.00 32.32 ? 157  LYS A C   1 
ATOM   480  O  O   . LYS A 1 64  ? 12.904  5.201   6.072   1.00 33.20 ? 157  LYS A O   1 
ATOM   481  C  CB  . LYS A 1 64  ? 14.940  5.322   3.833   1.00 33.86 ? 157  LYS A CB  1 
ATOM   482  C  CG  . LYS A 1 64  ? 16.298  4.838   3.271   1.00 37.56 ? 157  LYS A CG  1 
ATOM   483  C  CD  . LYS A 1 64  ? 17.361  5.912   3.326   1.00 43.01 ? 157  LYS A CD  1 
ATOM   484  C  CE  . LYS A 1 64  ? 17.630  6.537   1.988   1.00 46.51 ? 157  LYS A CE  1 
ATOM   485  N  NZ  . LYS A 1 64  ? 18.786  7.492   2.102   1.00 48.86 ? 157  LYS A NZ  1 
ATOM   486  N  N   . PHE A 1 65  ? 11.595  4.724   4.316   1.00 30.53 ? 158  PHE A N   1 
ATOM   487  C  CA  . PHE A 1 65  ? 10.399  5.365   4.897   1.00 28.80 ? 158  PHE A CA  1 
ATOM   488  C  C   . PHE A 1 65  ? 9.590   4.319   5.672   1.00 27.82 ? 158  PHE A C   1 
ATOM   489  O  O   . PHE A 1 65  ? 9.366   4.480   6.866   1.00 25.88 ? 158  PHE A O   1 
ATOM   490  C  CB  . PHE A 1 65  ? 9.599   6.041   3.806   1.00 28.84 ? 158  PHE A CB  1 
ATOM   491  C  CG  . PHE A 1 65  ? 8.372   6.719   4.291   1.00 27.71 ? 158  PHE A CG  1 
ATOM   492  C  CD1 . PHE A 1 65  ? 8.451   7.995   4.875   1.00 27.47 ? 158  PHE A CD1 1 
ATOM   493  C  CD2 . PHE A 1 65  ? 7.144   6.095   4.192   1.00 26.94 ? 158  PHE A CD2 1 
ATOM   494  C  CE1 . PHE A 1 65  ? 7.323   8.637   5.352   1.00 27.68 ? 158  PHE A CE1 1 
ATOM   495  C  CE2 . PHE A 1 65  ? 5.996   6.737   4.655   1.00 26.39 ? 158  PHE A CE2 1 
ATOM   496  C  CZ  . PHE A 1 65  ? 6.074   8.009   5.218   1.00 25.60 ? 158  PHE A CZ  1 
ATOM   497  N  N   . PHE A 1 66  ? 9.202   3.217   5.018   1.00 26.60 ? 159  PHE A N   1 
ATOM   498  C  CA  . PHE A 1 66  ? 8.513   2.164   5.723   1.00 26.21 ? 159  PHE A CA  1 
ATOM   499  C  C   . PHE A 1 66  ? 9.531   1.295   6.456   1.00 27.86 ? 159  PHE A C   1 
ATOM   500  O  O   . PHE A 1 66  ? 10.654  1.125   5.964   1.00 29.73 ? 159  PHE A O   1 
ATOM   501  C  CB  . PHE A 1 66  ? 7.654   1.328   4.745   1.00 25.60 ? 159  PHE A CB  1 
ATOM   502  C  CG  . PHE A 1 66  ? 6.573   2.104   4.076   1.00 21.14 ? 159  PHE A CG  1 
ATOM   503  C  CD1 . PHE A 1 66  ? 5.529   2.631   4.804   1.00 22.43 ? 159  PHE A CD1 1 
ATOM   504  C  CD2 . PHE A 1 66  ? 6.558   2.271   2.753   1.00 21.17 ? 159  PHE A CD2 1 
ATOM   505  C  CE1 . PHE A 1 66  ? 4.512   3.289   4.182   1.00 23.22 ? 159  PHE A CE1 1 
ATOM   506  C  CE2 . PHE A 1 66  ? 5.549   2.982   2.133   1.00 22.20 ? 159  PHE A CE2 1 
ATOM   507  C  CZ  . PHE A 1 66  ? 4.530   3.500   2.876   1.00 23.00 ? 159  PHE A CZ  1 
ATOM   508  N  N   . SER A 1 67  ? 9.188   0.762   7.628   1.00 28.33 ? 160  SER A N   1 
ATOM   509  C  CA  . SER A 1 67  ? 10.115  -0.110  8.309   1.00 28.45 ? 160  SER A CA  1 
ATOM   510  C  C   . SER A 1 67  ? 10.322  -1.391  7.494   1.00 28.99 ? 160  SER A C   1 
ATOM   511  O  O   . SER A 1 67  ? 11.394  -1.971  7.533   1.00 29.16 ? 160  SER A O   1 
ATOM   512  C  CB  . SER A 1 67  ? 9.663   -0.469  9.702   1.00 29.32 ? 160  SER A CB  1 
ATOM   513  O  OG  . SER A 1 67  ? 8.402   -1.099  9.686   1.00 34.75 ? 160  SER A OG  1 
ATOM   514  N  N   . ALA A 1 68  ? 9.304   -1.850  6.767   1.00 26.15 ? 161  ALA A N   1 
ATOM   515  C  CA  . ALA A 1 68  ? 9.436   -3.006  5.889   1.00 25.80 ? 161  ALA A CA  1 
ATOM   516  C  C   . ALA A 1 68  ? 8.129   -3.112  5.105   1.00 25.73 ? 161  ALA A C   1 
ATOM   517  O  O   . ALA A 1 68  ? 7.100   -2.607  5.543   1.00 22.27 ? 161  ALA A O   1 
ATOM   518  C  CB  . ALA A 1 68  ? 9.637   -4.249  6.658   1.00 25.49 ? 161  ALA A CB  1 
ATOM   519  N  N   . SER A 1 69  ? 8.165   -3.807  3.977   1.00 23.61 ? 162  SER A N   1 
ATOM   520  C  CA  . SER A 1 69  ? 7.026   -3.885  3.102   1.00 23.06 ? 162  SER A CA  1 
ATOM   521  C  C   . SER A 1 69  ? 7.052   -5.203  2.310   1.00 22.95 ? 162  SER A C   1 
ATOM   522  O  O   . SER A 1 69  ? 7.963   -6.030  2.454   1.00 22.06 ? 162  SER A O   1 
ATOM   523  C  CB  . SER A 1 69  ? 7.084   -2.756  2.062   1.00 23.72 ? 162  SER A CB  1 
ATOM   524  O  OG  . SER A 1 69  ? 7.408   -1.460  2.599   1.00 26.98 ? 162  SER A OG  1 
ATOM   525  N  N   . CYS A 1 70  ? 5.990   -5.393  1.529   1.00 22.60 ? 163  CYS A N   1 
ATOM   526  C  CA  . CYS A 1 70  ? 5.900   -6.445  0.519   1.00 21.33 ? 163  CYS A CA  1 
ATOM   527  C  C   . CYS A 1 70  ? 5.532   -5.702  -0.713  1.00 22.40 ? 163  CYS A C   1 
ATOM   528  O  O   . CYS A 1 70  ? 4.410   -5.103  -0.822  1.00 20.50 ? 163  CYS A O   1 
ATOM   529  C  CB  . CYS A 1 70  ? 4.903   -7.532  0.866   1.00 22.86 ? 163  CYS A CB  1 
ATOM   530  S  SG  . CYS A 1 70  ? 4.774   -8.748  -0.466  1.00 22.25 ? 163  CYS A SG  1 
ATOM   531  N  N   . VAL A 1 71  ? 6.464   -5.703  -1.685  1.00 21.53 ? 164  VAL A N   1 
ATOM   532  C  CA  . VAL A 1 71  ? 6.305   -5.007  -2.936  1.00 23.05 ? 164  VAL A CA  1 
ATOM   533  C  C   . VAL A 1 71  ? 6.728   -5.958  -4.064  1.00 25.90 ? 164  VAL A C   1 
ATOM   534  O  O   . VAL A 1 71  ? 7.874   -5.969  -4.548  1.00 25.92 ? 164  VAL A O   1 
ATOM   535  C  CB  . VAL A 1 71  ? 7.179   -3.760  -2.988  1.00 23.83 ? 164  VAL A CB  1 
ATOM   536  C  CG1 . VAL A 1 71  ? 6.876   -2.989  -4.196  1.00 25.00 ? 164  VAL A CG1 1 
ATOM   537  C  CG2 . VAL A 1 71  ? 6.901   -2.859  -1.758  1.00 24.98 ? 164  VAL A CG2 1 
ATOM   538  N  N   . PRO A 1 72  ? 5.770   -6.771  -4.444  1.00 26.73 ? 165  PRO A N   1 
ATOM   539  C  CA  . PRO A 1 72  ? 6.043   -7.794  -5.472  1.00 26.80 ? 165  PRO A CA  1 
ATOM   540  C  C   . PRO A 1 72  ? 6.767   -7.205  -6.631  1.00 27.42 ? 165  PRO A C   1 
ATOM   541  O  O   . PRO A 1 72  ? 6.320   -6.167  -7.145  1.00 25.35 ? 165  PRO A O   1 
ATOM   542  C  CB  . PRO A 1 72  ? 4.729   -8.462  -5.648  1.00 27.56 ? 165  PRO A CB  1 
ATOM   543  C  CG  . PRO A 1 72  ? 4.225   -8.467  -4.234  1.00 26.82 ? 165  PRO A CG  1 
ATOM   544  C  CD  . PRO A 1 72  ? 4.831   -7.329  -3.492  1.00 26.09 ? 165  PRO A CD  1 
ATOM   545  N  N   . GLY A 1 73  ? 7.871   -7.770  -7.091  1.00 29.67 ? 166  GLY A N   1 
ATOM   546  C  CA  . GLY A 1 73  ? 8.480   -7.135  -8.252  1.00 29.87 ? 166  GLY A CA  1 
ATOM   547  C  C   . GLY A 1 73  ? 9.614   -6.204  -7.853  1.00 31.52 ? 166  GLY A C   1 
ATOM   548  O  O   . GLY A 1 73  ? 10.290  -5.640  -8.748  1.00 33.51 ? 166  GLY A O   1 
ATOM   549  N  N   . ALA A 1 74  ? 9.877   -6.043  -6.556  1.00 31.63 ? 167  ALA A N   1 
ATOM   550  C  CA  . ALA A 1 74  ? 10.951  -5.112  -6.170  1.00 33.13 ? 167  ALA A CA  1 
ATOM   551  C  C   . ALA A 1 74  ? 12.298  -5.674  -6.679  1.00 33.79 ? 167  ALA A C   1 
ATOM   552  O  O   . ALA A 1 74  ? 12.506  -6.886  -6.624  1.00 32.03 ? 167  ALA A O   1 
ATOM   553  C  CB  . ALA A 1 74  ? 11.013  -4.923  -4.673  1.00 33.09 ? 167  ALA A CB  1 
ATOM   554  N  N   . THR A 1 75  ? 13.225  -4.804  -7.080  1.00 34.72 ? 168  THR A N   1 
ATOM   555  C  CA  . THR A 1 75  ? 14.481  -5.306  -7.672  1.00 36.29 ? 168  THR A CA  1 
ATOM   556  C  C   . THR A 1 75  ? 15.734  -5.122  -6.831  1.00 37.96 ? 168  THR A C   1 
ATOM   557  O  O   . THR A 1 75  ? 16.643  -5.963  -6.889  1.00 37.89 ? 168  THR A O   1 
ATOM   558  C  CB  . THR A 1 75  ? 14.743  -4.583  -8.933  1.00 35.26 ? 168  THR A CB  1 
ATOM   559  O  OG1 . THR A 1 75  ? 14.850  -3.203  -8.623  1.00 37.40 ? 168  THR A OG1 1 
ATOM   560  C  CG2 . THR A 1 75  ? 13.577  -4.650  -9.884  1.00 36.28 ? 168  THR A CG2 1 
ATOM   561  N  N   . THR A 1 76  ? 15.827  -4.026  -6.083  1.00 39.06 ? 169  THR A N   1 
ATOM   562  C  CA  . THR A 1 76  ? 17.057  -3.796  -5.349  1.00 40.51 ? 169  THR A CA  1 
ATOM   563  C  C   . THR A 1 76  ? 17.027  -3.777  -3.858  1.00 40.78 ? 169  THR A C   1 
ATOM   564  O  O   . THR A 1 76  ? 18.075  -3.976  -3.243  1.00 40.91 ? 169  THR A O   1 
ATOM   565  C  CB  . THR A 1 76  ? 17.676  -2.506  -5.797  1.00 41.21 ? 169  THR A CB  1 
ATOM   566  O  OG1 . THR A 1 76  ? 16.884  -1.402  -5.349  1.00 44.34 ? 169  THR A OG1 1 
ATOM   567  C  CG2 . THR A 1 76  ? 17.624  -2.400  -7.296  1.00 42.59 ? 169  THR A CG2 1 
ATOM   568  N  N   . GLU A 1 77  ? 15.878  -3.502  -3.239  1.00 39.04 ? 170  GLU A N   1 
ATOM   569  C  CA  . GLU A 1 77  ? 15.863  -3.449  -1.798  1.00 38.11 ? 170  GLU A CA  1 
ATOM   570  C  C   . GLU A 1 77  ? 15.156  -4.609  -1.156  1.00 38.35 ? 170  GLU A C   1 
ATOM   571  O  O   . GLU A 1 77  ? 13.915  -4.698  -1.223  1.00 36.64 ? 170  GLU A O   1 
ATOM   572  C  CB  . GLU A 1 77  ? 15.141  -2.191  -1.383  1.00 38.43 ? 170  GLU A CB  1 
ATOM   573  C  CG  . GLU A 1 77  ? 15.804  -0.948  -1.887  1.00 39.41 ? 170  GLU A CG  1 
ATOM   574  C  CD  . GLU A 1 77  ? 17.128  -0.757  -1.189  1.00 42.71 ? 170  GLU A CD  1 
ATOM   575  O  OE1 . GLU A 1 77  ? 17.273  -1.269  -0.055  1.00 43.62 ? 170  GLU A OE1 1 
ATOM   576  O  OE2 . GLU A 1 77  ? 18.008  -0.103  -1.777  1.00 48.43 ? 170  GLU A OE2 1 
ATOM   577  N  N   . GLN A 1 78  ? 15.908  -5.435  -0.451  1.00 37.58 ? 171  GLN A N   1 
ATOM   578  C  CA  . GLN A 1 78  ? 15.324  -6.599  0.191   1.00 38.91 ? 171  GLN A CA  1 
ATOM   579  C  C   . GLN A 1 78  ? 14.358  -6.236  1.337   1.00 36.86 ? 171  GLN A C   1 
ATOM   580  O  O   . GLN A 1 78  ? 13.546  -7.042  1.755   1.00 36.60 ? 171  GLN A O   1 
ATOM   581  C  CB  . GLN A 1 78  ? 16.430  -7.539  0.639   1.00 39.97 ? 171  GLN A CB  1 
ATOM   582  C  CG  . GLN A 1 78  ? 17.218  -8.026  -0.574  1.00 44.20 ? 171  GLN A CG  1 
ATOM   583  C  CD  . GLN A 1 78  ? 17.173  -9.534  -0.820  1.00 49.92 ? 171  GLN A CD  1 
ATOM   584  O  OE1 . GLN A 1 78  ? 18.198  -10.114 -1.180  1.00 56.14 ? 171  GLN A OE1 1 
ATOM   585  N  NE2 . GLN A 1 78  ? 16.011  -10.165 -0.645  1.00 51.44 ? 171  GLN A NE2 1 
ATOM   586  N  N   . LYS A 1 79  ? 14.435  -5.005  1.819   1.00 35.45 ? 172  LYS A N   1 
ATOM   587  C  CA  . LYS A 1 79  ? 13.503  -4.558  2.828   1.00 35.54 ? 172  LYS A CA  1 
ATOM   588  C  C   . LYS A 1 79  ? 12.081  -4.571  2.210   1.00 32.84 ? 172  LYS A C   1 
ATOM   589  O  O   . LYS A 1 79  ? 11.117  -4.788  2.918   1.00 33.36 ? 172  LYS A O   1 
ATOM   590  C  CB  . LYS A 1 79  ? 13.825  -3.119  3.225   1.00 36.10 ? 172  LYS A CB  1 
ATOM   591  C  CG  . LYS A 1 79  ? 13.574  -2.774  4.655   1.00 40.64 ? 172  LYS A CG  1 
ATOM   592  C  CD  . LYS A 1 79  ? 13.964  -1.318  4.923   1.00 45.45 ? 172  LYS A CD  1 
ATOM   593  C  CE  . LYS A 1 79  ? 13.604  -0.874  6.314   1.00 48.57 ? 172  LYS A CE  1 
ATOM   594  N  NZ  . LYS A 1 79  ? 13.872  0.587   6.486   1.00 50.85 ? 172  LYS A NZ  1 
ATOM   595  N  N   . LEU A 1 80  ? 11.995  -4.313  0.906   1.00 31.64 ? 173  LEU A N   1 
ATOM   596  C  CA  . LEU A 1 80  ? 10.716  -4.253  0.162   1.00 31.35 ? 173  LEU A CA  1 
ATOM   597  C  C   . LEU A 1 80  ? 10.073  -5.622  -0.070  1.00 31.61 ? 173  LEU A C   1 
ATOM   598  O  O   . LEU A 1 80  ? 8.941   -5.702  -0.569  1.00 31.09 ? 173  LEU A O   1 
ATOM   599  C  CB  . LEU A 1 80  ? 10.900  -3.522  -1.169  1.00 31.13 ? 173  LEU A CB  1 
ATOM   600  C  CG  . LEU A 1 80  ? 11.321  -2.062  -1.083  1.00 32.07 ? 173  LEU A CG  1 
ATOM   601  C  CD1 . LEU A 1 80  ? 11.268  -1.394  -2.403  1.00 31.11 ? 173  LEU A CD1 1 
ATOM   602  C  CD2 . LEU A 1 80  ? 10.491  -1.336  -0.071  1.00 32.86 ? 173  LEU A CD2 1 
ATOM   603  N  N   . CYS A 1 81  ? 10.767  -6.677  0.359   1.00 30.56 ? 174  CYS A N   1 
ATOM   604  C  CA  . CYS A 1 81  ? 10.332  -8.041  0.216   1.00 30.09 ? 174  CYS A CA  1 
ATOM   605  C  C   . CYS A 1 81  ? 10.154  -8.701  1.559   1.00 28.32 ? 174  CYS A C   1 
ATOM   606  O  O   . CYS A 1 81  ? 9.606   -9.810  1.634   1.00 28.13 ? 174  CYS A O   1 
ATOM   607  C  CB  . CYS A 1 81  ? 11.344  -8.860  -0.666  1.00 30.29 ? 174  CYS A CB  1 
ATOM   608  S  SG  . CYS A 1 81  ? 11.445  -8.251  -2.364  1.00 35.13 ? 174  CYS A SG  1 
ATOM   609  N  N   . ARG A 1 82  ? 10.514  -8.014  2.638   1.00 27.52 ? 175  ARG A N   1 
ATOM   610  C  CA  . ARG A 1 82  ? 10.559  -8.643  3.931   1.00 28.71 ? 175  ARG A CA  1 
ATOM   611  C  C   . ARG A 1 82  ? 9.232   -9.148  4.466   1.00 28.31 ? 175  ARG A C   1 
ATOM   612  O  O   . ARG A 1 82  ? 9.195   -10.095 5.212   1.00 29.40 ? 175  ARG A O   1 
ATOM   613  C  CB  . ARG A 1 82  ? 11.189  -7.718  4.959   1.00 29.96 ? 175  ARG A CB  1 
ATOM   614  C  CG  . ARG A 1 82  ? 11.351  -8.354  6.316   1.00 34.42 ? 175  ARG A CG  1 
ATOM   615  C  CD  . ARG A 1 82  ? 12.098  -7.493  7.335   1.00 41.74 ? 175  ARG A CD  1 
ATOM   616  N  NE  . ARG A 1 82  ? 13.484  -7.281  6.887   1.00 49.36 ? 175  ARG A NE  1 
ATOM   617  C  CZ  . ARG A 1 82  ? 14.120  -6.113  6.898   1.00 52.02 ? 175  ARG A CZ  1 
ATOM   618  N  NH1 . ARG A 1 82  ? 13.488  -5.029  7.322   1.00 54.10 ? 175  ARG A NH1 1 
ATOM   619  N  NH2 . ARG A 1 82  ? 15.388  -6.029  6.478   1.00 52.59 ? 175  ARG A NH2 1 
ATOM   620  N  N   . GLN A 1 83  ? 8.138   -8.506  4.090   1.00 27.63 ? 176  GLN A N   1 
ATOM   621  C  CA  . GLN A 1 83  ? 6.851   -8.905  4.659   1.00 26.69 ? 176  GLN A CA  1 
ATOM   622  C  C   . GLN A 1 83  ? 6.149   -9.828  3.711   1.00 27.25 ? 176  GLN A C   1 
ATOM   623  O  O   . GLN A 1 83  ? 5.040   -10.327 4.030   1.00 27.65 ? 176  GLN A O   1 
ATOM   624  C  CB  . GLN A 1 83  ? 5.999   -7.641  4.930   1.00 25.18 ? 176  GLN A CB  1 
ATOM   625  C  CG  . GLN A 1 83  ? 6.656   -6.669  5.892   1.00 23.44 ? 176  GLN A CG  1 
ATOM   626  C  CD  . GLN A 1 83  ? 7.043   -7.326  7.196   1.00 30.72 ? 176  GLN A CD  1 
ATOM   627  O  OE1 . GLN A 1 83  ? 8.220   -7.575  7.428   1.00 31.24 ? 176  GLN A OE1 1 
ATOM   628  N  NE2 . GLN A 1 83  ? 6.053   -7.627  8.052   1.00 31.63 ? 176  GLN A NE2 1 
ATOM   629  N  N   . CYS A 1 84  ? 6.784   -10.150 2.581   1.00 26.92 ? 177  CYS A N   1 
ATOM   630  C  CA  . CYS A 1 84  ? 6.120   -11.039 1.627   1.00 27.99 ? 177  CYS A CA  1 
ATOM   631  C  C   . CYS A 1 84  ? 6.026   -12.497 2.074   1.00 29.99 ? 177  CYS A C   1 
ATOM   632  O  O   . CYS A 1 84  ? 6.953   -13.075 2.645   1.00 31.05 ? 177  CYS A O   1 
ATOM   633  C  CB  . CYS A 1 84  ? 6.767   -10.951 0.256   1.00 26.94 ? 177  CYS A CB  1 
ATOM   634  S  SG  . CYS A 1 84  ? 6.727   -9.408  -0.556  1.00 25.10 ? 177  CYS A SG  1 
ATOM   635  N  N   . LYS A 1 85  ? 4.880   -13.101 1.831   1.00 30.80 ? 178  LYS A N   1 
ATOM   636  C  CA  . LYS A 1 85  ? 4.637   -14.461 2.203   1.00 32.81 ? 178  LYS A CA  1 
ATOM   637  C  C   . LYS A 1 85  ? 5.076   -15.422 1.091   1.00 33.99 ? 178  LYS A C   1 
ATOM   638  O  O   . LYS A 1 85  ? 4.805   -15.177 -0.075  1.00 32.78 ? 178  LYS A O   1 
ATOM   639  C  CB  . LYS A 1 85  ? 3.141   -14.648 2.429   1.00 33.50 ? 178  LYS A CB  1 
ATOM   640  C  CG  . LYS A 1 85  ? 2.743   -16.073 2.703   1.00 37.58 ? 178  LYS A CG  1 
ATOM   641  C  CD  . LYS A 1 85  ? 1.234   -16.236 2.874   1.00 39.50 ? 178  LYS A CD  1 
ATOM   642  C  CE  . LYS A 1 85  ? 0.865   -17.668 3.287   1.00 42.03 ? 178  LYS A CE  1 
ATOM   643  N  NZ  . LYS A 1 85  ? -0.523  -18.005 2.857   1.00 43.23 ? 178  LYS A NZ  1 
ATOM   644  N  N   . GLY A 1 86  ? 5.722   -16.514 1.472   1.00 36.21 ? 179  GLY A N   1 
ATOM   645  C  CA  . GLY A 1 86  ? 6.046   -17.583 0.522   1.00 38.85 ? 179  GLY A CA  1 
ATOM   646  C  C   . GLY A 1 86  ? 7.445   -18.168 0.661   1.00 41.11 ? 179  GLY A C   1 
ATOM   647  O  O   . GLY A 1 86  ? 8.149   -17.899 1.643   1.00 41.54 ? 179  GLY A O   1 
ATOM   648  N  N   . ASP A 1 87  ? 7.840   -18.945 -0.353  1.00 43.75 ? 180  ASP A N   1 
ATOM   649  C  CA  . ASP A 1 87  ? 9.153   -19.579 -0.403  1.00 45.33 ? 180  ASP A CA  1 
ATOM   650  C  C   . ASP A 1 87  ? 10.251  -18.513 -0.533  1.00 45.97 ? 180  ASP A C   1 
ATOM   651  O  O   . ASP A 1 87  ? 10.142  -17.515 -1.271  1.00 45.54 ? 180  ASP A O   1 
ATOM   652  C  CB  . ASP A 1 87  ? 9.287   -20.595 -1.579  1.00 45.98 ? 180  ASP A CB  1 
ATOM   653  C  CG  . ASP A 1 87  ? 8.258   -21.772 -1.539  1.00 47.76 ? 180  ASP A CG  1 
ATOM   654  O  OD1 . ASP A 1 87  ? 7.956   -22.360 -0.478  1.00 51.45 ? 180  ASP A OD1 1 
ATOM   655  O  OD2 . ASP A 1 87  ? 7.728   -22.237 -2.593  1.00 53.45 ? 180  ASP A OD2 1 
ATOM   656  N  N   . ALA A 1 88  ? 11.342  -18.769 0.178   1.00 47.03 ? 181  ALA A N   1 
ATOM   657  C  CA  . ALA A 1 88  ? 12.489  -17.880 0.204   1.00 47.04 ? 181  ALA A CA  1 
ATOM   658  C  C   . ALA A 1 88  ? 12.767  -17.232 -1.148  1.00 46.60 ? 181  ALA A C   1 
ATOM   659  O  O   . ALA A 1 88  ? 12.993  -16.016 -1.256  1.00 47.10 ? 181  ALA A O   1 
ATOM   660  C  CB  . ALA A 1 88  ? 13.700  -18.674 0.678   1.00 47.64 ? 181  ALA A CB  1 
ATOM   661  N  N   . LYS A 1 89  ? 12.732  -18.049 -2.188  1.00 46.00 ? 182  LYS A N   1 
ATOM   662  C  CA  . LYS A 1 89  ? 13.088  -17.589 -3.521  1.00 45.24 ? 182  LYS A CA  1 
ATOM   663  C  C   . LYS A 1 89  ? 11.991  -16.972 -4.375  1.00 43.29 ? 182  LYS A C   1 
ATOM   664  O  O   . LYS A 1 89  ? 12.333  -16.211 -5.272  1.00 43.32 ? 182  LYS A O   1 
ATOM   665  C  CB  . LYS A 1 89  ? 13.734  -18.755 -4.291  1.00 46.28 ? 182  LYS A CB  1 
ATOM   666  C  CG  . LYS A 1 89  ? 14.876  -18.359 -5.208  1.00 50.74 ? 182  LYS A CG  1 
ATOM   667  C  CD  . LYS A 1 89  ? 15.510  -19.585 -5.902  1.00 54.99 ? 182  LYS A CD  1 
ATOM   668  C  CE  . LYS A 1 89  ? 16.672  -19.181 -6.781  1.00 57.00 ? 182  LYS A CE  1 
ATOM   669  N  NZ  . LYS A 1 89  ? 17.373  -20.375 -7.344  1.00 62.01 ? 182  LYS A NZ  1 
ATOM   670  N  N   . THR A 1 90  ? 10.703  -17.262 -4.166  1.00 40.93 ? 183  THR A N   1 
ATOM   671  C  CA  . THR A 1 90  ? 9.644   -16.704 -5.055  1.00 39.74 ? 183  THR A CA  1 
ATOM   672  C  C   . THR A 1 90  ? 8.689   -15.698 -4.402  1.00 38.19 ? 183  THR A C   1 
ATOM   673  O  O   . THR A 1 90  ? 7.858   -15.089 -5.078  1.00 35.84 ? 183  THR A O   1 
ATOM   674  C  CB  . THR A 1 90  ? 8.748   -17.810 -5.587  1.00 40.03 ? 183  THR A CB  1 
ATOM   675  O  OG1 . THR A 1 90  ? 8.301   -18.629 -4.511  1.00 37.56 ? 183  THR A OG1 1 
ATOM   676  C  CG2 . THR A 1 90  ? 9.489   -18.770 -6.458  1.00 42.56 ? 183  THR A CG2 1 
ATOM   677  N  N   . LYS A 1 91  ? 8.846   -15.508 -3.111  1.00 37.97 ? 184  LYS A N   1 
ATOM   678  C  CA  . LYS A 1 91  ? 7.954   -14.636 -2.336  1.00 37.96 ? 184  LYS A CA  1 
ATOM   679  C  C   . LYS A 1 91  ? 7.812   -13.258 -2.893  1.00 36.68 ? 184  LYS A C   1 
ATOM   680  O  O   . LYS A 1 91  ? 6.750   -12.654 -2.756  1.00 37.19 ? 184  LYS A O   1 
ATOM   681  C  CB  . LYS A 1 91  ? 8.365   -14.545 -0.853  1.00 38.56 ? 184  LYS A CB  1 
ATOM   682  C  CG  . LYS A 1 91  ? 9.826   -14.123 -0.588  1.00 42.53 ? 184  LYS A CG  1 
ATOM   683  C  CD  . LYS A 1 91  ? 9.984   -13.274 0.693   1.00 47.99 ? 184  LYS A CD  1 
ATOM   684  C  CE  . LYS A 1 91  ? 10.010  -14.089 1.969   1.00 51.43 ? 184  LYS A CE  1 
ATOM   685  N  NZ  . LYS A 1 91  ? 10.042  -13.187 3.184   1.00 54.54 ? 184  LYS A NZ  1 
ATOM   686  N  N   . CYS A 1 92  ? 8.861   -12.717 -3.505  1.00 34.82 ? 185  CYS A N   1 
ATOM   687  C  CA  . CYS A 1 92  ? 8.791   -11.342 -3.962  1.00 33.74 ? 185  CYS A CA  1 
ATOM   688  C  C   . CYS A 1 92  ? 8.618   -11.193 -5.441  1.00 33.68 ? 185  CYS A C   1 
ATOM   689  O  O   . CYS A 1 92  ? 8.776   -10.101 -5.965  1.00 31.61 ? 185  CYS A O   1 
ATOM   690  C  CB  . CYS A 1 92  ? 9.998   -10.554 -3.469  1.00 33.81 ? 185  CYS A CB  1 
ATOM   691  S  SG  . CYS A 1 92  ? 9.685   -8.771  -3.260  1.00 32.76 ? 185  CYS A SG  1 
ATOM   692  N  N   . LEU A 1 93  ? 8.248   -12.278 -6.117  1.00 34.21 ? 186  LEU A N   1 
ATOM   693  C  CA  . LEU A 1 93  ? 8.087   -12.173 -7.525  1.00 35.63 ? 186  LEU A CA  1 
ATOM   694  C  C   . LEU A 1 93  ? 6.754   -11.491 -7.788  1.00 37.08 ? 186  LEU A C   1 
ATOM   695  O  O   . LEU A 1 93  ? 5.892   -11.370 -6.957  1.00 36.82 ? 186  LEU A O   1 
ATOM   696  C  CB  . LEU A 1 93  ? 8.090   -13.551 -8.254  1.00 35.75 ? 186  LEU A CB  1 
ATOM   697  C  CG  . LEU A 1 93  ? 9.310   -14.410 -7.917  1.00 37.35 ? 186  LEU A CG  1 
ATOM   698  C  CD1 . LEU A 1 93  ? 9.205   -15.828 -8.470  1.00 39.39 ? 186  LEU A CD1 1 
ATOM   699  C  CD2 . LEU A 1 93  ? 10.555  -13.738 -8.436  1.00 35.67 ? 186  LEU A CD2 1 
ATOM   700  N  N   . ARG A 1 94  ? 6.602   -11.071 -9.015  1.00 37.86 ? 187  ARG A N   1 
ATOM   701  C  CA  . ARG A 1 94  ? 5.422   -10.333 -9.417  1.00 39.85 ? 187  ARG A CA  1 
ATOM   702  C  C   . ARG A 1 94  ? 4.128   -11.096 -9.318  1.00 39.04 ? 187  ARG A C   1 
ATOM   703  O  O   . ARG A 1 94  ? 3.074   -10.477 -9.282  1.00 39.86 ? 187  ARG A O   1 
ATOM   704  C  CB  . ARG A 1 94  ? 5.546   -9.825  -10.852 1.00 40.91 ? 187  ARG A CB  1 
ATOM   705  C  CG  . ARG A 1 94  ? 5.719   -8.330  -10.997 1.00 47.21 ? 187  ARG A CG  1 
ATOM   706  C  CD  . ARG A 1 94  ? 5.140   -7.792  -12.312 1.00 53.87 ? 187  ARG A CD  1 
ATOM   707  N  NE  . ARG A 1 94  ? 4.656   -6.426  -12.183 1.00 60.08 ? 187  ARG A NE  1 
ATOM   708  C  CZ  . ARG A 1 94  ? 3.403   -6.034  -12.383 1.00 63.76 ? 187  ARG A CZ  1 
ATOM   709  N  NH1 . ARG A 1 94  ? 2.439   -6.884  -12.717 1.00 65.82 ? 187  ARG A NH1 1 
ATOM   710  N  NH2 . ARG A 1 94  ? 3.108   -4.757  -12.249 1.00 66.28 ? 187  ARG A NH2 1 
ATOM   711  N  N   . ASN A 1 95  ? 4.178   -12.367 -9.274  1.00 39.52 ? 188  ASN A N   1 
ATOM   712  C  CA  . ASN A 1 95  ? 2.980   -13.160 -9.222  1.00 38.53 ? 188  ASN A CA  1 
ATOM   713  C  C   . ASN A 1 95  ? 2.882   -13.973 -7.948  1.00 36.42 ? 188  ASN A C   1 
ATOM   714  O  O   . ASN A 1 95  ? 2.162   -14.935 -7.851  1.00 37.39 ? 188  ASN A O   1 
ATOM   715  C  CB  A ASN A 1 95  ? 3.003   -14.088 -10.426 0.50 40.30 ? 188  ASN A CB  1 
ATOM   716  C  CB  B ASN A 1 95  ? 2.898   -14.082 -10.449 0.50 40.30 ? 188  ASN A CB  1 
ATOM   717  C  CG  A ASN A 1 95  ? 1.744   -14.889 -10.570 0.50 43.34 ? 188  ASN A CG  1 
ATOM   718  C  CG  B ASN A 1 95  ? 3.906   -15.202 -10.391 0.50 43.34 ? 188  ASN A CG  1 
ATOM   719  O  OD1 A ASN A 1 95  ? 0.832   -14.845 -9.724  0.50 49.74 ? 188  ASN A OD1 1 
ATOM   720  O  OD1 B ASN A 1 95  ? 4.679   -15.316 -9.436  0.50 49.74 ? 188  ASN A OD1 1 
ATOM   721  N  ND2 A ASN A 1 95  ? 1.684   -15.663 -11.649 0.50 48.81 ? 188  ASN A ND2 1 
ATOM   722  N  ND2 B ASN A 1 95  ? 3.920   -16.047 -11.421 0.50 48.81 ? 188  ASN A ND2 1 
ATOM   723  N  N   . ALA A 1 96  ? 3.590   -13.569 -6.939  1.00 33.22 ? 189  ALA A N   1 
ATOM   724  C  CA  . ALA A 1 96  ? 3.624   -14.247 -5.648  1.00 31.34 ? 189  ALA A CA  1 
ATOM   725  C  C   . ALA A 1 96  ? 2.324   -14.179 -4.810  1.00 29.89 ? 189  ALA A C   1 
ATOM   726  O  O   . ALA A 1 96  ? 1.372   -13.489 -5.181  1.00 29.97 ? 189  ALA A O   1 
ATOM   727  C  CB  . ALA A 1 96  ? 4.706   -13.629 -4.909  1.00 31.04 ? 189  ALA A CB  1 
ATOM   728  N  N   . PRO A 1 97  ? 2.233   -14.935 -3.712  1.00 28.31 ? 190  PRO A N   1 
ATOM   729  C  CA  . PRO A 1 97  ? 0.991   -14.903 -2.935  1.00 26.97 ? 190  PRO A CA  1 
ATOM   730  C  C   . PRO A 1 97  ? 0.416   -13.533 -2.551  1.00 26.33 ? 190  PRO A C   1 
ATOM   731  O  O   . PRO A 1 97  ? -0.814  -13.389 -2.640  1.00 25.53 ? 190  PRO A O   1 
ATOM   732  C  CB  . PRO A 1 97  ? 1.362   -15.672 -1.674  1.00 27.92 ? 190  PRO A CB  1 
ATOM   733  C  CG  . PRO A 1 97  ? 2.394   -16.609 -2.106  1.00 28.56 ? 190  PRO A CG  1 
ATOM   734  C  CD  . PRO A 1 97  ? 3.175   -15.945 -3.182  1.00 28.45 ? 190  PRO A CD  1 
ATOM   735  N  N   . TYR A 1 98  ? 1.234   -12.544 -2.224  1.00 23.62 ? 191  TYR A N   1 
ATOM   736  C  CA  . TYR A 1 98  ? 0.703   -11.237 -1.794  1.00 23.19 ? 191  TYR A CA  1 
ATOM   737  C  C   . TYR A 1 98  ? 0.720   -10.242 -2.919  1.00 21.64 ? 191  TYR A C   1 
ATOM   738  O  O   . TYR A 1 98  ? 0.521   -9.072  -2.701  1.00 20.04 ? 191  TYR A O   1 
ATOM   739  C  CB  . TYR A 1 98  ? 1.541   -10.766 -0.638  1.00 23.25 ? 191  TYR A CB  1 
ATOM   740  C  CG  . TYR A 1 98  ? 1.276   -11.351 0.737   1.00 24.49 ? 191  TYR A CG  1 
ATOM   741  C  CD1 . TYR A 1 98  ? 0.178   -12.183 1.006   1.00 26.43 ? 191  TYR A CD1 1 
ATOM   742  C  CD2 . TYR A 1 98  ? 2.118   -11.029 1.802   1.00 26.35 ? 191  TYR A CD2 1 
ATOM   743  C  CE1 . TYR A 1 98  ? -0.073  -12.632 2.300   1.00 24.41 ? 191  TYR A CE1 1 
ATOM   744  C  CE2 . TYR A 1 98  ? 1.891   -11.496 3.115   1.00 25.32 ? 191  TYR A CE2 1 
ATOM   745  C  CZ  . TYR A 1 98  ? 0.787   -12.290 3.351   1.00 25.06 ? 191  TYR A CZ  1 
ATOM   746  O  OH  . TYR A 1 98  ? 0.598   -12.767 4.621   1.00 25.89 ? 191  TYR A OH  1 
ATOM   747  N  N   . SER A 1 99  ? 0.809   -10.732 -4.161  1.00 20.39 ? 192  SER A N   1 
ATOM   748  C  CA  . SER A 1 99  ? 0.766   -9.885  -5.309  1.00 20.58 ? 192  SER A CA  1 
ATOM   749  C  C   . SER A 1 99  ? -0.690  -9.595  -5.645  1.00 20.92 ? 192  SER A C   1 
ATOM   750  O  O   . SER A 1 99  ? -1.590  -10.336 -5.285  1.00 21.52 ? 192  SER A O   1 
ATOM   751  C  CB  . SER A 1 99  ? 1.432   -10.517 -6.543  1.00 22.76 ? 192  SER A CB  1 
ATOM   752  O  OG  . SER A 1 99  ? 0.705   -11.629 -7.019  1.00 24.20 ? 192  SER A OG  1 
ATOM   753  N  N   . GLY A 1 100 ? -0.906  -8.491  -6.308  1.00 20.22 ? 193  GLY A N   1 
ATOM   754  C  CA  . GLY A 1 100 ? -2.208  -8.130  -6.774  1.00 21.57 ? 193  GLY A CA  1 
ATOM   755  C  C   . GLY A 1 100 ? -3.048  -7.457  -5.683  1.00 21.28 ? 193  GLY A C   1 
ATOM   756  O  O   . GLY A 1 100 ? -2.656  -7.361  -4.525  1.00 18.15 ? 193  GLY A O   1 
ATOM   757  N  N   . TYR A 1 101 ? -4.187  -6.964  -6.108  1.00 21.57 ? 194  TYR A N   1 
ATOM   758  C  CA  . TYR A 1 101 ? -5.147  -6.319  -5.187  1.00 22.02 ? 194  TYR A CA  1 
ATOM   759  C  C   . TYR A 1 101 ? -5.554  -7.332  -4.124  1.00 21.49 ? 194  TYR A C   1 
ATOM   760  O  O   . TYR A 1 101 ? -5.470  -7.038  -2.944  1.00 20.94 ? 194  TYR A O   1 
ATOM   761  C  CB  . TYR A 1 101 ? -6.369  -5.801  -5.901  1.00 21.63 ? 194  TYR A CB  1 
ATOM   762  C  CG  . TYR A 1 101 ? -6.166  -4.897  -7.075  1.00 25.32 ? 194  TYR A CG  1 
ATOM   763  C  CD1 . TYR A 1 101 ? -5.875  -3.525  -6.912  1.00 22.32 ? 194  TYR A CD1 1 
ATOM   764  C  CD2 . TYR A 1 101 ? -6.334  -5.363  -8.371  1.00 23.86 ? 194  TYR A CD2 1 
ATOM   765  C  CE1 . TYR A 1 101 ? -5.762  -2.715  -8.003  1.00 25.23 ? 194  TYR A CE1 1 
ATOM   766  C  CE2 . TYR A 1 101 ? -6.190  -4.530  -9.458  1.00 25.32 ? 194  TYR A CE2 1 
ATOM   767  C  CZ  . TYR A 1 101 ? -5.899  -3.224  -9.272  1.00 23.92 ? 194  TYR A CZ  1 
ATOM   768  O  OH  . TYR A 1 101 ? -5.785  -2.404  -10.335 1.00 26.52 ? 194  TYR A OH  1 
ATOM   769  N  N   . SER A 1 102 ? -5.905  -8.566  -4.497  1.00 21.12 ? 195  SER A N   1 
ATOM   770  C  CA  . SER A 1 102 ? -6.187  -9.568  -3.449  1.00 20.66 ? 195  SER A CA  1 
ATOM   771  C  C   . SER A 1 102 ? -5.067  -9.889  -2.469  1.00 20.73 ? 195  SER A C   1 
ATOM   772  O  O   . SER A 1 102 ? -5.293  -10.083 -1.260  1.00 17.63 ? 195  SER A O   1 
ATOM   773  C  CB  . SER A 1 102 ? -6.627  -10.916 -4.054  1.00 21.09 ? 195  SER A CB  1 
ATOM   774  O  OG  . SER A 1 102 ? -7.891  -10.752 -4.673  1.00 20.36 ? 195  SER A OG  1 
ATOM   775  N  N   . GLY A 1 103 ? -3.860  -10.080 -3.031  1.00 20.15 ? 196  GLY A N   1 
ATOM   776  C  CA  . GLY A 1 103 ? -2.720  -10.506 -2.267  1.00 19.53 ? 196  GLY A CA  1 
ATOM   777  C  C   . GLY A 1 103 ? -2.308  -9.329  -1.334  1.00 18.36 ? 196  GLY A C   1 
ATOM   778  O  O   . GLY A 1 103 ? -1.944  -9.549  -0.186  1.00 18.02 ? 196  GLY A O   1 
ATOM   779  N  N   . ALA A 1 104 ? -2.321  -8.109  -1.834  1.00 17.89 ? 197  ALA A N   1 
ATOM   780  C  CA  . ALA A 1 104 ? -1.986  -6.978  -0.914  1.00 19.43 ? 197  ALA A CA  1 
ATOM   781  C  C   . ALA A 1 104 ? -2.985  -6.873  0.262   1.00 20.22 ? 197  ALA A C   1 
ATOM   782  O  O   . ALA A 1 104 ? -2.621  -6.565  1.421   1.00 19.01 ? 197  ALA A O   1 
ATOM   783  C  CB  . ALA A 1 104 ? -1.950  -5.660  -1.606  1.00 19.16 ? 197  ALA A CB  1 
ATOM   784  N  N   . PHE A 1 105 ? -4.257  -7.052  -0.081  1.00 20.06 ? 198  PHE A N   1 
ATOM   785  C  CA  . PHE A 1 105 ? -5.292  -7.044  0.964   1.00 19.83 ? 198  PHE A CA  1 
ATOM   786  C  C   . PHE A 1 105 ? -5.061  -8.186  1.942   1.00 18.50 ? 198  PHE A C   1 
ATOM   787  O  O   . PHE A 1 105 ? -5.144  -8.032  3.148   1.00 19.15 ? 198  PHE A O   1 
ATOM   788  C  CB  . PHE A 1 105 ? -6.707  -7.095  0.371   1.00 19.55 ? 198  PHE A CB  1 
ATOM   789  C  CG  . PHE A 1 105 ? -7.741  -7.141  1.442   1.00 18.22 ? 198  PHE A CG  1 
ATOM   790  C  CD1 . PHE A 1 105 ? -7.979  -6.023  2.214   1.00 21.65 ? 198  PHE A CD1 1 
ATOM   791  C  CD2 . PHE A 1 105 ? -8.320  -8.337  1.835   1.00 24.94 ? 198  PHE A CD2 1 
ATOM   792  C  CE1 . PHE A 1 105 ? -8.947  -6.118  3.319   1.00 21.50 ? 198  PHE A CE1 1 
ATOM   793  C  CE2 . PHE A 1 105 ? -9.227  -8.406  2.934   1.00 24.63 ? 198  PHE A CE2 1 
ATOM   794  C  CZ  . PHE A 1 105 ? -9.510  -7.317  3.631   1.00 22.12 ? 198  PHE A CZ  1 
ATOM   795  N  N   . GLN A 1 106 ? -4.655  -9.346  1.472   1.00 20.58 ? 199  GLN A N   1 
ATOM   796  C  CA  . GLN A 1 106 ? -4.410  -10.470 2.355   1.00 20.01 ? 199  GLN A CA  1 
ATOM   797  C  C   . GLN A 1 106 ? -3.191  -10.245 3.261   1.00 20.93 ? 199  GLN A C   1 
ATOM   798  O  O   . GLN A 1 106 ? -3.154  -10.723 4.380   1.00 20.73 ? 199  GLN A O   1 
ATOM   799  C  CB  . GLN A 1 106 ? -4.188  -11.735 1.539   1.00 22.21 ? 199  GLN A CB  1 
ATOM   800  C  CG  . GLN A 1 106 ? -4.162  -13.037 2.322   1.00 25.20 ? 199  GLN A CG  1 
ATOM   801  C  CD  . GLN A 1 106 ? -5.495  -13.396 2.953   1.00 28.14 ? 199  GLN A CD  1 
ATOM   802  O  OE1 . GLN A 1 106 ? -6.508  -13.113 2.392   1.00 32.46 ? 199  GLN A OE1 1 
ATOM   803  N  NE2 . GLN A 1 106 ? -5.475  -13.914 4.189   1.00 29.79 ? 199  GLN A NE2 1 
ATOM   804  N  N   . CYS A 1 107 ? -2.201  -9.547  2.749   1.00 19.50 ? 200  CYS A N   1 
ATOM   805  C  CA  . CYS A 1 107 ? -1.041  -9.142  3.535   1.00 19.41 ? 200  CYS A CA  1 
ATOM   806  C  C   . CYS A 1 107 ? -1.489  -8.279  4.780   1.00 20.13 ? 200  CYS A C   1 
ATOM   807  O  O   . CYS A 1 107 ? -0.985  -8.481  5.885   1.00 20.56 ? 200  CYS A O   1 
ATOM   808  C  CB  . CYS A 1 107 ? -0.139  -8.396  2.560   1.00 20.21 ? 200  CYS A CB  1 
ATOM   809  S  SG  . CYS A 1 107 ? 1.319   -7.547  3.191   1.00 21.11 ? 200  CYS A SG  1 
ATOM   810  N  N   . LEU A 1 108 ? -2.434  -7.364  4.600   1.00 18.71 ? 201  LEU A N   1 
ATOM   811  C  CA  . LEU A 1 108 ? -2.985  -6.570  5.731   1.00 19.92 ? 201  LEU A CA  1 
ATOM   812  C  C   . LEU A 1 108 ? -3.782  -7.498  6.635   1.00 21.81 ? 201  LEU A C   1 
ATOM   813  O  O   . LEU A 1 108 ? -3.568  -7.552  7.863   1.00 21.29 ? 201  LEU A O   1 
ATOM   814  C  CB  . LEU A 1 108 ? -3.918  -5.494  5.214   1.00 20.04 ? 201  LEU A CB  1 
ATOM   815  C  CG  . LEU A 1 108 ? -4.696  -4.598  6.186   1.00 19.56 ? 201  LEU A CG  1 
ATOM   816  C  CD1 . LEU A 1 108 ? -3.717  -3.667  6.957   1.00 21.45 ? 201  LEU A CD1 1 
ATOM   817  C  CD2 . LEU A 1 108 ? -5.695  -3.819  5.414   1.00 19.90 ? 201  LEU A CD2 1 
ATOM   818  N  N   . LYS A 1 109 ? -4.612  -8.316  6.022   1.00 21.80 ? 202  LYS A N   1 
ATOM   819  C  CA  . LYS A 1 109 ? -5.438  -9.203  6.819   1.00 25.03 ? 202  LYS A CA  1 
ATOM   820  C  C   . LYS A 1 109 ? -4.609  -10.103 7.741   1.00 25.78 ? 202  LYS A C   1 
ATOM   821  O  O   . LYS A 1 109 ? -4.940  -10.230 8.910   1.00 25.88 ? 202  LYS A O   1 
ATOM   822  C  CB  . LYS A 1 109 ? -6.384  -10.004 5.948   1.00 25.11 ? 202  LYS A CB  1 
ATOM   823  C  CG  . LYS A 1 109 ? -7.316  -10.947 6.767   1.00 28.55 ? 202  LYS A CG  1 
ATOM   824  C  CD  . LYS A 1 109 ? -8.565  -11.281 6.014   1.00 34.68 ? 202  LYS A CD  1 
ATOM   825  C  CE  . LYS A 1 109 ? -9.244  -12.550 6.557   1.00 38.09 ? 202  LYS A CE  1 
ATOM   826  N  NZ  . LYS A 1 109 ? -10.575 -12.710 5.886   1.00 37.91 ? 202  LYS A NZ  1 
ATOM   827  N  N   . ASP A 1 110 ? -3.532  -10.708 7.240   1.00 25.40 ? 203  ASP A N   1 
ATOM   828  C  CA  . ASP A 1 110 ? -2.716  -11.633 8.043   1.00 25.86 ? 203  ASP A CA  1 
ATOM   829  C  C   . ASP A 1 110 ? -1.790  -10.907 8.999   1.00 25.36 ? 203  ASP A C   1 
ATOM   830  O  O   . ASP A 1 110 ? -0.930  -11.521 9.601   1.00 24.76 ? 203  ASP A O   1 
ATOM   831  C  CB  . ASP A 1 110 ? -1.737  -12.400 7.149   1.00 26.93 ? 203  ASP A CB  1 
ATOM   832  C  CG  . ASP A 1 110 ? -2.398  -13.398 6.198   1.00 29.31 ? 203  ASP A CG  1 
ATOM   833  O  OD1 . ASP A 1 110 ? -3.533  -13.818 6.439   1.00 30.30 ? 203  ASP A OD1 1 
ATOM   834  O  OD2 . ASP A 1 110 ? -1.784  -13.805 5.193   1.00 27.12 ? 203  ASP A OD2 1 
ATOM   835  N  N   . GLY A 1 111 ? -1.885  -9.597  9.075   1.00 25.29 ? 204  GLY A N   1 
ATOM   836  C  CA  . GLY A 1 111 ? -1.007  -8.830  9.942   1.00 26.34 ? 204  GLY A CA  1 
ATOM   837  C  C   . GLY A 1 111 ? 0.423   -8.549  9.491   1.00 26.43 ? 204  GLY A C   1 
ATOM   838  O  O   . GLY A 1 111 ? 1.265   -8.081  10.289  1.00 27.08 ? 204  GLY A O   1 
ATOM   839  N  N   . LYS A 1 112 ? 0.722   -8.787  8.219   1.00 25.91 ? 205  LYS A N   1 
ATOM   840  C  CA  . LYS A 1 112 ? 2.077   -8.564  7.681   1.00 25.32 ? 205  LYS A CA  1 
ATOM   841  C  C   . LYS A 1 112 ? 2.359   -7.087  7.244   1.00 24.43 ? 205  LYS A C   1 
ATOM   842  O  O   . LYS A 1 112 ? 3.508   -6.689  7.005   1.00 23.41 ? 205  LYS A O   1 
ATOM   843  C  CB  . LYS A 1 112 ? 2.326   -9.569  6.548   1.00 25.50 ? 205  LYS A CB  1 
ATOM   844  C  CG  . LYS A 1 112 ? 2.932   -10.923 6.976   1.00 31.12 ? 205  LYS A CG  1 
ATOM   845  C  CD  . LYS A 1 112 ? 1.994   -12.012 7.397   1.00 39.49 ? 205  LYS A CD  1 
ATOM   846  C  CE  . LYS A 1 112 ? 2.385   -13.380 6.665   1.00 44.20 ? 205  LYS A CE  1 
ATOM   847  N  NZ  . LYS A 1 112 ? 1.459   -14.557 6.855   1.00 46.72 ? 205  LYS A NZ  1 
ATOM   848  N  N   . GLY A 1 113 ? 1.309   -6.261  7.211   1.00 22.37 ? 206  GLY A N   1 
ATOM   849  C  CA  . GLY A 1 113 ? 1.438   -4.849  6.919   1.00 20.86 ? 206  GLY A CA  1 
ATOM   850  C  C   . GLY A 1 113 ? 0.391   -4.072  7.779   1.00 20.65 ? 206  GLY A C   1 
ATOM   851  O  O   . GLY A 1 113 ? -0.635  -4.645  8.184   1.00 19.63 ? 206  GLY A O   1 
ATOM   852  N  N   . ASP A 1 114 ? 0.624   -2.786  7.979   1.00 19.19 ? 207  ASP A N   1 
ATOM   853  C  CA  . ASP A 1 114 ? -0.295  -1.905  8.717   1.00 19.97 ? 207  ASP A CA  1 
ATOM   854  C  C   . ASP A 1 114 ? -1.243  -1.201  7.743   1.00 18.31 ? 207  ASP A C   1 
ATOM   855  O  O   . ASP A 1 114 ? -2.225  -0.595  8.132   1.00 19.45 ? 207  ASP A O   1 
ATOM   856  C  CB  . ASP A 1 114 ? 0.480   -0.824  9.432   1.00 19.91 ? 207  ASP A CB  1 
ATOM   857  C  CG  . ASP A 1 114 ? 1.362   -1.363  10.561  1.00 22.14 ? 207  ASP A CG  1 
ATOM   858  O  OD1 . ASP A 1 114 ? 0.955   -2.249  11.358  1.00 23.25 ? 207  ASP A OD1 1 
ATOM   859  O  OD2 . ASP A 1 114 ? 2.491   -0.929  10.671  1.00 20.62 ? 207  ASP A OD2 1 
ATOM   860  N  N   . VAL A 1 115 ? -0.908  -1.205  6.459   1.00 17.61 ? 208  VAL A N   1 
ATOM   861  C  CA  . VAL A 1 115 ? -1.696  -0.484  5.455   1.00 16.66 ? 208  VAL A CA  1 
ATOM   862  C  C   . VAL A 1 115 ? -1.558  -1.236  4.158   1.00 18.95 ? 208  VAL A C   1 
ATOM   863  O  O   . VAL A 1 115 ? -0.470  -1.796  3.903   1.00 17.52 ? 208  VAL A O   1 
ATOM   864  C  CB  . VAL A 1 115 ? -1.247  0.982   5.306   1.00 17.00 ? 208  VAL A CB  1 
ATOM   865  C  CG1 . VAL A 1 115 ? 0.221   1.165   4.882   1.00 19.38 ? 208  VAL A CG1 1 
ATOM   866  C  CG2 . VAL A 1 115 ? -2.064  1.688   4.314   1.00 17.12 ? 208  VAL A CG2 1 
ATOM   867  N  N   . ALA A 1 116 ? -2.637  -1.287  3.368   1.00 18.74 ? 209  ALA A N   1 
ATOM   868  C  CA  . ALA A 1 116 ? -2.587  -1.901  2.018   1.00 19.65 ? 209  ALA A CA  1 
ATOM   869  C  C   . ALA A 1 116 ? -3.050  -0.864  1.010   1.00 20.24 ? 209  ALA A C   1 
ATOM   870  O  O   . ALA A 1 116 ? -4.072  -0.163  1.201   1.00 20.19 ? 209  ALA A O   1 
ATOM   871  C  CB  . ALA A 1 116 ? -3.458  -3.189  1.940   1.00 20.53 ? 209  ALA A CB  1 
ATOM   872  N  N   . PHE A 1 117 ? -2.296  -0.763  -0.089  1.00 18.64 ? 210  PHE A N   1 
ATOM   873  C  CA  . PHE A 1 117 ? -2.593  0.193   -1.117  1.00 17.76 ? 210  PHE A CA  1 
ATOM   874  C  C   . PHE A 1 117 ? -3.300  -0.570  -2.214  1.00 18.37 ? 210  PHE A C   1 
ATOM   875  O  O   . PHE A 1 117 ? -2.676  -1.288  -2.977  1.00 18.67 ? 210  PHE A O   1 
ATOM   876  C  CB  . PHE A 1 117 ? -1.290  0.854   -1.560  1.00 18.34 ? 210  PHE A CB  1 
ATOM   877  C  CG  . PHE A 1 117 ? -0.699  1.711   -0.494  1.00 18.09 ? 210  PHE A CG  1 
ATOM   878  C  CD1 . PHE A 1 117 ? -1.336  2.861   -0.102  1.00 19.94 ? 210  PHE A CD1 1 
ATOM   879  C  CD2 . PHE A 1 117 ? 0.431   1.337   0.184   1.00 17.76 ? 210  PHE A CD2 1 
ATOM   880  C  CE1 . PHE A 1 117 ? -0.797  3.660   0.931   1.00 20.94 ? 210  PHE A CE1 1 
ATOM   881  C  CE2 . PHE A 1 117 ? 0.965   2.138   1.239   1.00 23.12 ? 210  PHE A CE2 1 
ATOM   882  C  CZ  . PHE A 1 117 ? 0.330   3.307   1.596   1.00 18.44 ? 210  PHE A CZ  1 
ATOM   883  N  N   . VAL A 1 118 ? -4.607  -0.423  -2.285  1.00 19.46 ? 211  VAL A N   1 
ATOM   884  C  CA  . VAL A 1 118 ? -5.395  -1.231  -3.183  1.00 19.22 ? 211  VAL A CA  1 
ATOM   885  C  C   . VAL A 1 118 ? -6.428  -0.329  -3.843  1.00 19.66 ? 211  VAL A C   1 
ATOM   886  O  O   . VAL A 1 118 ? -6.280  0.926   -3.882  1.00 17.52 ? 211  VAL A O   1 
ATOM   887  C  CB  . VAL A 1 118 ? -6.023  -2.408  -2.465  1.00 19.05 ? 211  VAL A CB  1 
ATOM   888  C  CG1 . VAL A 1 118 ? -4.985  -3.432  -1.965  1.00 20.68 ? 211  VAL A CG1 1 
ATOM   889  C  CG2 . VAL A 1 118 ? -6.836  -1.918  -1.253  1.00 16.54 ? 211  VAL A CG2 1 
ATOM   890  N  N   . LYS A 1 119 ? -7.474  -0.939  -4.407  1.00 19.15 ? 212  LYS A N   1 
ATOM   891  C  CA  . LYS A 1 119 ? -8.463  -0.111  -5.030  1.00 19.55 ? 212  LYS A CA  1 
ATOM   892  C  C   . LYS A 1 119 ? -9.812  -0.169  -4.308  1.00 18.93 ? 212  LYS A C   1 
ATOM   893  O  O   . LYS A 1 119 ? -9.979  -0.919  -3.372  1.00 19.12 ? 212  LYS A O   1 
ATOM   894  C  CB  . LYS A 1 119 ? -8.670  -0.512  -6.493  1.00 20.63 ? 212  LYS A CB  1 
ATOM   895  C  CG  . LYS A 1 119 ? -9.306  -1.765  -6.726  1.00 22.26 ? 212  LYS A CG  1 
ATOM   896  C  CD  . LYS A 1 119 ? -9.795  -1.703  -8.219  1.00 30.84 ? 212  LYS A CD  1 
ATOM   897  C  CE  . LYS A 1 119 ? -9.459  -2.927  -8.958  1.00 28.79 ? 212  LYS A CE  1 
ATOM   898  N  NZ  . LYS A 1 119 ? -9.934  -2.895  -10.402 1.00 23.01 ? 212  LYS A NZ  1 
ATOM   899  N  N   . HIS A 1 120 ? -10.781 0.590   -4.797  1.00 21.26 ? 213  HIS A N   1 
ATOM   900  C  CA  . HIS A 1 120 ? -11.998 0.826   -3.980  1.00 22.40 ? 213  HIS A CA  1 
ATOM   901  C  C   . HIS A 1 120 ? -12.955 -0.355  -3.833  1.00 22.88 ? 213  HIS A C   1 
ATOM   902  O  O   . HIS A 1 120 ? -13.815 -0.337  -2.970  1.00 21.77 ? 213  HIS A O   1 
ATOM   903  C  CB  . HIS A 1 120 ? -12.814 2.021   -4.500  1.00 23.58 ? 213  HIS A CB  1 
ATOM   904  C  CG  . HIS A 1 120 ? -13.395 1.810   -5.854  1.00 25.42 ? 213  HIS A CG  1 
ATOM   905  N  ND1 . HIS A 1 120 ? -12.646 1.860   -7.008  1.00 27.26 ? 213  HIS A ND1 1 
ATOM   906  C  CD2 . HIS A 1 120 ? -14.668 1.531   -6.237  1.00 30.53 ? 213  HIS A CD2 1 
ATOM   907  C  CE1 . HIS A 1 120 ? -13.437 1.636   -8.046  1.00 31.73 ? 213  HIS A CE1 1 
ATOM   908  N  NE2 . HIS A 1 120 ? -14.667 1.430   -7.606  1.00 26.93 ? 213  HIS A NE2 1 
ATOM   909  N  N   . THR A 1 121 ? -12.806 -1.378  -4.665  1.00 22.21 ? 214  THR A N   1 
ATOM   910  C  CA  . THR A 1 121 ? -13.672 -2.571  -4.597  1.00 22.15 ? 214  THR A CA  1 
ATOM   911  C  C   . THR A 1 121 ? -12.979 -3.667  -3.875  1.00 21.08 ? 214  THR A C   1 
ATOM   912  O  O   . THR A 1 121 ? -13.532 -4.744  -3.600  1.00 21.69 ? 214  THR A O   1 
ATOM   913  C  CB  . THR A 1 121 ? -13.971 -3.040  -6.036  1.00 23.07 ? 214  THR A CB  1 
ATOM   914  O  OG1 . THR A 1 121 ? -12.750 -3.014  -6.778  1.00 21.08 ? 214  THR A OG1 1 
ATOM   915  C  CG2 . THR A 1 121 ? -14.848 -2.034  -6.750  1.00 24.23 ? 214  THR A CG2 1 
ATOM   916  N  N   . THR A 1 122 ? -11.731 -3.463  -3.528  1.00 18.46 ? 215  THR A N   1 
ATOM   917  C  CA  . THR A 1 122 ? -10.980 -4.565  -2.947  1.00 17.67 ? 215  THR A CA  1 
ATOM   918  C  C   . THR A 1 122 ? -11.521 -5.228  -1.690  1.00 18.16 ? 215  THR A C   1 
ATOM   919  O  O   . THR A 1 122 ? -11.554 -6.462  -1.596  1.00 19.11 ? 215  THR A O   1 
ATOM   920  C  CB  . THR A 1 122 ? -9.552  -4.118  -2.704  1.00 17.52 ? 215  THR A CB  1 
ATOM   921  O  OG1 . THR A 1 122 ? -8.891  -3.871  -3.949  1.00 17.02 ? 215  THR A OG1 1 
ATOM   922  C  CG2 . THR A 1 122 ? -8.797  -5.191  -1.943  1.00 18.41 ? 215  THR A CG2 1 
ATOM   923  N  N   . VAL A 1 123 ? -11.952 -4.455  -0.707  1.00 16.81 ? 216  VAL A N   1 
ATOM   924  C  CA  . VAL A 1 123 ? -12.400 -5.033  0.545   1.00 18.18 ? 216  VAL A CA  1 
ATOM   925  C  C   . VAL A 1 123 ? -13.724 -5.794  0.337   1.00 18.76 ? 216  VAL A C   1 
ATOM   926  O  O   . VAL A 1 123 ? -13.858 -6.905  0.743   1.00 19.36 ? 216  VAL A O   1 
ATOM   927  C  CB  . VAL A 1 123 ? -12.502 -3.997  1.625   1.00 18.81 ? 216  VAL A CB  1 
ATOM   928  C  CG1 . VAL A 1 123 ? -13.101 -4.582  2.854   1.00 20.65 ? 216  VAL A CG1 1 
ATOM   929  C  CG2 . VAL A 1 123 ? -11.029 -3.439  1.981   1.00 19.43 ? 216  VAL A CG2 1 
ATOM   930  N  N   . GLN A 1 124 ? -14.598 -5.225  -0.423  1.00 21.29 ? 217  GLN A N   1 
ATOM   931  C  CA  . GLN A 1 124 ? -15.898 -5.851  -0.678  1.00 23.18 ? 217  GLN A CA  1 
ATOM   932  C  C   . GLN A 1 124 ? -15.747 -7.145  -1.484  1.00 24.16 ? 217  GLN A C   1 
ATOM   933  O  O   . GLN A 1 124 ? -16.435 -8.147  -1.240  1.00 22.82 ? 217  GLN A O   1 
ATOM   934  C  CB  . GLN A 1 124 ? -16.711 -4.881  -1.450  1.00 24.02 ? 217  GLN A CB  1 
ATOM   935  C  CG  . GLN A 1 124 ? -18.207 -5.288  -1.642  1.00 31.21 ? 217  GLN A CG  1 
ATOM   936  C  CD  . GLN A 1 124 ? -19.085 -4.536  -0.695  1.00 38.24 ? 217  GLN A CD  1 
ATOM   937  O  OE1 . GLN A 1 124 ? -19.565 -3.422  -1.002  1.00 45.70 ? 217  GLN A OE1 1 
ATOM   938  N  NE2 . GLN A 1 124 ? -19.239 -5.084  0.501   1.00 44.92 ? 217  GLN A NE2 1 
ATOM   939  N  N   . GLU A 1 125 ? -14.808 -7.134  -2.428  1.00 22.91 ? 218  GLU A N   1 
ATOM   940  C  CA  . GLU A 1 125 ? -14.556 -8.314  -3.223  1.00 22.79 ? 218  GLU A CA  1 
ATOM   941  C  C   . GLU A 1 125 ? -13.954 -9.454  -2.455  1.00 22.75 ? 218  GLU A C   1 
ATOM   942  O  O   . GLU A 1 125 ? -14.229 -10.626 -2.708  1.00 24.52 ? 218  GLU A O   1 
ATOM   943  C  CB  . GLU A 1 125 ? -13.671 -7.926  -4.392  1.00 22.67 ? 218  GLU A CB  1 
ATOM   944  C  CG  . GLU A 1 125 ? -13.390 -9.048  -5.358  1.00 23.10 ? 218  GLU A CG  1 
ATOM   945  C  CD  . GLU A 1 125 ? -12.758 -8.601  -6.652  1.00 22.50 ? 218  GLU A CD  1 
ATOM   946  O  OE1 . GLU A 1 125 ? -13.347 -7.751  -7.351  1.00 19.09 ? 218  GLU A OE1 1 
ATOM   947  O  OE2 . GLU A 1 125 ? -11.688 -9.169  -6.981  1.00 22.80 ? 218  GLU A OE2 1 
ATOM   948  N  N   . ASN A 1 126 ? -13.075 -9.157  -1.531  1.00 21.10 ? 219  ASN A N   1 
ATOM   949  C  CA  . ASN A 1 126 ? -12.347 -10.196 -0.847  1.00 21.76 ? 219  ASN A CA  1 
ATOM   950  C  C   . ASN A 1 126 ? -12.748 -10.521 0.579   1.00 22.91 ? 219  ASN A C   1 
ATOM   951  O  O   . ASN A 1 126 ? -12.335 -11.565 1.062   1.00 22.42 ? 219  ASN A O   1 
ATOM   952  C  CB  . ASN A 1 126 ? -10.816 -9.892  -0.895  1.00 20.46 ? 219  ASN A CB  1 
ATOM   953  C  CG  . ASN A 1 126 ? -10.284 -9.898  -2.329  1.00 19.05 ? 219  ASN A CG  1 
ATOM   954  O  OD1 . ASN A 1 126 ? -10.065 -10.950 -2.883  1.00 19.05 ? 219  ASN A OD1 1 
ATOM   955  N  ND2 . ASN A 1 126 ? -10.138 -8.727  -2.930  1.00 19.44 ? 219  ASN A ND2 1 
ATOM   956  N  N   . ALA A 1 127 ? -13.523 -9.645  1.233   1.00 24.75 ? 220  ALA A N   1 
ATOM   957  C  CA  . ALA A 1 127 ? -13.912 -9.855  2.634   1.00 26.98 ? 220  ALA A CA  1 
ATOM   958  C  C   . ALA A 1 127 ? -15.302 -9.213  2.915   1.00 27.07 ? 220  ALA A C   1 
ATOM   959  O  O   . ALA A 1 127 ? -15.444 -8.401  3.826   1.00 26.10 ? 220  ALA A O   1 
ATOM   960  C  CB  . ALA A 1 127 ? -12.863 -9.214  3.559   1.00 28.06 ? 220  ALA A CB  1 
ATOM   961  N  N   . PRO A 1 128 ? -16.292 -9.535  2.106   1.00 28.50 ? 221  PRO A N   1 
ATOM   962  C  CA  . PRO A 1 128 ? -17.584 -8.833  2.169   1.00 31.22 ? 221  PRO A CA  1 
ATOM   963  C  C   . PRO A 1 128 ? -18.173 -8.941  3.575   1.00 32.11 ? 221  PRO A C   1 
ATOM   964  O  O   . PRO A 1 128 ? -18.701 -7.988  4.051   1.00 34.17 ? 221  PRO A O   1 
ATOM   965  C  CB  . PRO A 1 128 ? -18.420 -9.522  1.091   1.00 30.29 ? 221  PRO A CB  1 
ATOM   966  C  CG  . PRO A 1 128 ? -17.811 -10.841 0.975   1.00 30.11 ? 221  PRO A CG  1 
ATOM   967  C  CD  . PRO A 1 128 ? -16.322 -10.593 1.099   1.00 29.94 ? 221  PRO A CD  1 
ATOM   968  N  N   . GLU A 1 129 ? -17.979 -10.020 4.284   1.00 34.14 ? 222  GLU A N   1 
ATOM   969  C  CA  . GLU A 1 129 ? -18.571 -10.046 5.633   1.00 36.56 ? 222  GLU A CA  1 
ATOM   970  C  C   . GLU A 1 129 ? -17.714 -9.433  6.745   1.00 36.11 ? 222  GLU A C   1 
ATOM   971  O  O   . GLU A 1 129 ? -18.146 -9.403  7.886   1.00 36.10 ? 222  GLU A O   1 
ATOM   972  C  CB  . GLU A 1 129 ? -18.916 -11.463 6.020   1.00 37.53 ? 222  GLU A CB  1 
ATOM   973  C  CG  . GLU A 1 129 ? -20.072 -12.015 5.209   1.00 43.61 ? 222  GLU A CG  1 
ATOM   974  C  CD  . GLU A 1 129 ? -20.493 -13.393 5.687   1.00 49.49 ? 222  GLU A CD  1 
ATOM   975  O  OE1 . GLU A 1 129 ? -20.939 -13.500 6.858   1.00 54.04 ? 222  GLU A OE1 1 
ATOM   976  O  OE2 . GLU A 1 129 ? -20.365 -14.356 4.898   1.00 51.87 ? 222  GLU A OE2 1 
ATOM   977  N  N   . GLU A 1 130 ? -16.541 -8.913  6.399   1.00 34.71 ? 223  GLU A N   1 
ATOM   978  C  CA  . GLU A 1 130 ? -15.614 -8.389  7.377   1.00 34.58 ? 223  GLU A CA  1 
ATOM   979  C  C   . GLU A 1 130 ? -15.340 -6.919  7.065   1.00 32.72 ? 223  GLU A C   1 
ATOM   980  O  O   . GLU A 1 130 ? -14.505 -6.306  7.696   1.00 30.66 ? 223  GLU A O   1 
ATOM   981  C  CB  . GLU A 1 130 ? -14.319 -9.228  7.369   1.00 35.09 ? 223  GLU A CB  1 
ATOM   982  C  CG  . GLU A 1 130 ? -14.608 -10.673 7.754   1.00 39.66 ? 223  GLU A CG  1 
ATOM   983  C  CD  . GLU A 1 130 ? -13.435 -11.630 7.721   1.00 45.72 ? 223  GLU A CD  1 
ATOM   984  O  OE1 . GLU A 1 130 ? -12.458 -11.384 6.988   1.00 45.98 ? 223  GLU A OE1 1 
ATOM   985  O  OE2 . GLU A 1 130 ? -13.504 -12.682 8.433   1.00 51.99 ? 223  GLU A OE2 1 
ATOM   986  N  N   . LYS A 1 131 ? -16.087 -6.352  6.133   1.00 32.27 ? 224  LYS A N   1 
ATOM   987  C  CA  . LYS A 1 131 ? -15.872 -4.971  5.700   1.00 33.79 ? 224  LYS A CA  1 
ATOM   988  C  C   . LYS A 1 131 ? -15.810 -3.984  6.861   1.00 34.23 ? 224  LYS A C   1 
ATOM   989  O  O   . LYS A 1 131 ? -15.023 -3.037  6.833   1.00 33.59 ? 224  LYS A O   1 
ATOM   990  C  CB  . LYS A 1 131 ? -16.883 -4.524  4.631   1.00 34.49 ? 224  LYS A CB  1 
ATOM   991  C  CG  . LYS A 1 131 ? -16.972 -3.015  4.386   1.00 38.58 ? 224  LYS A CG  1 
ATOM   992  C  CD  . LYS A 1 131 ? -17.608 -2.771  2.999   1.00 42.70 ? 224  LYS A CD  1 
ATOM   993  C  CE  . LYS A 1 131 ? -18.968 -3.416  2.821   1.00 42.95 ? 224  LYS A CE  1 
ATOM   994  N  NZ  . LYS A 1 131 ? -19.783 -2.681  1.780   1.00 45.45 ? 224  LYS A NZ  1 
ATOM   995  N  N   . ASP A 1 132 ? -16.585 -4.251  7.914   1.00 34.12 ? 225  ASP A N   1 
ATOM   996  C  CA  . ASP A 1 132 ? -16.634 -3.384  9.074   1.00 34.95 ? 225  ASP A CA  1 
ATOM   997  C  C   . ASP A 1 132 ? -15.398 -3.396  9.922   1.00 32.87 ? 225  ASP A C   1 
ATOM   998  O  O   . ASP A 1 132 ? -15.292 -2.545  10.803  1.00 34.98 ? 225  ASP A O   1 
ATOM   999  C  CB  . ASP A 1 132 ? -17.810 -3.767  9.988   1.00 36.43 ? 225  ASP A CB  1 
ATOM   1000 C  CG  . ASP A 1 132 ? -17.575 -5.090  10.737  1.00 42.25 ? 225  ASP A CG  1 
ATOM   1001 O  OD1 . ASP A 1 132 ? -16.899 -5.969  10.140  1.00 51.01 ? 225  ASP A OD1 1 
ATOM   1002 O  OD2 . ASP A 1 132 ? -18.015 -5.356  11.902  1.00 48.50 ? 225  ASP A OD2 1 
ATOM   1003 N  N   . GLU A 1 133 ? -14.499 -4.363  9.738   1.00 30.11 ? 226  GLU A N   1 
ATOM   1004 C  CA  . GLU A 1 133 ? -13.253 -4.426  10.504  1.00 29.16 ? 226  GLU A CA  1 
ATOM   1005 C  C   . GLU A 1 133 ? -12.142 -3.533  9.883   1.00 26.72 ? 226  GLU A C   1 
ATOM   1006 O  O   . GLU A 1 133 ? -11.053 -3.430  10.441  1.00 26.43 ? 226  GLU A O   1 
ATOM   1007 C  CB  . GLU A 1 133 ? -12.693 -5.834  10.573  1.00 29.67 ? 226  GLU A CB  1 
ATOM   1008 C  CG  . GLU A 1 133 ? -13.657 -6.888  11.089  1.00 35.37 ? 226  GLU A CG  1 
ATOM   1009 C  CD  . GLU A 1 133 ? -13.070 -8.281  11.121  1.00 39.19 ? 226  GLU A CD  1 
ATOM   1010 O  OE1 . GLU A 1 133 ? -11.837 -8.441  11.125  1.00 41.69 ? 226  GLU A OE1 1 
ATOM   1011 O  OE2 . GLU A 1 133 ? -13.854 -9.241  11.163  1.00 47.31 ? 226  GLU A OE2 1 
ATOM   1012 N  N   . TYR A 1 134 ? -12.428 -2.920  8.751   1.00 23.90 ? 227  TYR A N   1 
ATOM   1013 C  CA  . TYR A 1 134 ? -11.424 -2.100  8.037   1.00 22.36 ? 227  TYR A CA  1 
ATOM   1014 C  C   . TYR A 1 134 ? -11.909 -0.686  7.846   1.00 22.57 ? 227  TYR A C   1 
ATOM   1015 O  O   . TYR A 1 134 ? -13.101 -0.409  7.844   1.00 23.80 ? 227  TYR A O   1 
ATOM   1016 C  CB  . TYR A 1 134 ? -11.194 -2.712  6.641   1.00 20.93 ? 227  TYR A CB  1 
ATOM   1017 C  CG  . TYR A 1 134 ? -10.670 -4.078  6.770   1.00 22.34 ? 227  TYR A CG  1 
ATOM   1018 C  CD1 . TYR A 1 134 ? -9.314  -4.294  6.961   1.00 21.04 ? 227  TYR A CD1 1 
ATOM   1019 C  CD2 . TYR A 1 134 ? -11.529 -5.183  6.842   1.00 20.94 ? 227  TYR A CD2 1 
ATOM   1020 C  CE1 . TYR A 1 134 ? -8.848  -5.505  7.136   1.00 21.62 ? 227  TYR A CE1 1 
ATOM   1021 C  CE2 . TYR A 1 134 ? -11.031 -6.426  7.013   1.00 21.14 ? 227  TYR A CE2 1 
ATOM   1022 C  CZ  . TYR A 1 134 ? -9.689  -6.576  7.160   1.00 25.32 ? 227  TYR A CZ  1 
ATOM   1023 O  OH  . TYR A 1 134 ? -9.124  -7.800  7.401   1.00 23.18 ? 227  TYR A OH  1 
ATOM   1024 N  N   . GLU A 1 135 ? -10.997 0.240   7.605   1.00 22.22 ? 228  GLU A N   1 
ATOM   1025 C  CA  . GLU A 1 135 ? -11.387 1.552   7.176   1.00 22.14 ? 228  GLU A CA  1 
ATOM   1026 C  C   . GLU A 1 135 ? -10.309 2.134   6.255   1.00 21.05 ? 228  GLU A C   1 
ATOM   1027 O  O   . GLU A 1 135 ? -9.314  1.454   5.940   1.00 21.25 ? 228  GLU A O   1 
ATOM   1028 C  CB  . GLU A 1 135 ? -11.712 2.450   8.402   1.00 24.59 ? 228  GLU A CB  1 
ATOM   1029 C  CG  . GLU A 1 135 ? -10.598 2.568   9.357   1.00 25.47 ? 228  GLU A CG  1 
ATOM   1030 C  CD  . GLU A 1 135 ? -11.028 3.118   10.713  1.00 28.28 ? 228  GLU A CD  1 
ATOM   1031 O  OE1 . GLU A 1 135 ? -12.124 3.709   10.839  1.00 30.90 ? 228  GLU A OE1 1 
ATOM   1032 O  OE2 . GLU A 1 135 ? -10.229 2.969   11.635  1.00 22.79 ? 228  GLU A OE2 1 
ATOM   1033 N  N   . LEU A 1 136 ? -10.506 3.356   5.828   1.00 19.64 ? 229  LEU A N   1 
ATOM   1034 C  CA  . LEU A 1 136 ? -9.611  3.989   4.900   1.00 19.77 ? 229  LEU A CA  1 
ATOM   1035 C  C   . LEU A 1 136 ? -8.959  5.183   5.463   1.00 20.52 ? 229  LEU A C   1 
ATOM   1036 O  O   . LEU A 1 136 ? -9.585  5.970   6.246   1.00 19.67 ? 229  LEU A O   1 
ATOM   1037 C  CB  . LEU A 1 136 ? -10.371 4.374   3.660   1.00 20.14 ? 229  LEU A CB  1 
ATOM   1038 C  CG  . LEU A 1 136 ? -11.312 3.361   3.027   1.00 21.20 ? 229  LEU A CG  1 
ATOM   1039 C  CD1 . LEU A 1 136 ? -12.084 4.066   1.954   1.00 24.37 ? 229  LEU A CD1 1 
ATOM   1040 C  CD2 . LEU A 1 136 ? -10.603 2.156   2.491   1.00 22.40 ? 229  LEU A CD2 1 
ATOM   1041 N  N   . LEU A 1 137 ? -7.729  5.397   5.001   1.00 19.83 ? 230  LEU A N   1 
ATOM   1042 C  CA  . LEU A 1 137 ? -6.957  6.575   5.385   1.00 20.62 ? 230  LEU A CA  1 
ATOM   1043 C  C   . LEU A 1 137 ? -7.193  7.665   4.341   1.00 21.26 ? 230  LEU A C   1 
ATOM   1044 O  O   . LEU A 1 137 ? -6.872  7.470   3.199   1.00 21.39 ? 230  LEU A O   1 
ATOM   1045 C  CB  . LEU A 1 137 ? -5.451  6.273   5.357   1.00 21.11 ? 230  LEU A CB  1 
ATOM   1046 C  CG  . LEU A 1 137 ? -4.790  5.448   6.396   1.00 24.16 ? 230  LEU A CG  1 
ATOM   1047 C  CD1 . LEU A 1 137 ? -3.250  5.436   6.168   1.00 25.54 ? 230  LEU A CD1 1 
ATOM   1048 C  CD2 . LEU A 1 137 ? -5.115  5.974   7.782   1.00 26.18 ? 230  LEU A CD2 1 
ATOM   1049 N  N   . CYS A 1 138 ? -7.673  8.827   4.749   1.00 21.76 ? 231  CYS A N   1 
ATOM   1050 C  CA  . CYS A 1 138 ? -7.942  9.918   3.828   1.00 22.79 ? 231  CYS A CA  1 
ATOM   1051 C  C   . CYS A 1 138 ? -6.776  10.861  3.719   1.00 23.24 ? 231  CYS A C   1 
ATOM   1052 O  O   . CYS A 1 138 ? -5.971  10.961  4.645   1.00 24.14 ? 231  CYS A O   1 
ATOM   1053 C  CB  . CYS A 1 138 ? -9.175  10.662  4.336   1.00 23.73 ? 231  CYS A CB  1 
ATOM   1054 S  SG  . CYS A 1 138 ? -10.526 9.546   4.795   1.00 23.87 ? 231  CYS A SG  1 
ATOM   1055 N  N   . LEU A 1 139 ? -6.715  11.654  2.652   1.00 24.49 ? 232  LEU A N   1 
ATOM   1056 C  CA  . LEU A 1 139 ? -5.605  12.588  2.443   1.00 24.72 ? 232  LEU A CA  1 
ATOM   1057 C  C   . LEU A 1 139 ? -5.588  13.743  3.468   1.00 27.02 ? 232  LEU A C   1 
ATOM   1058 O  O   . LEU A 1 139 ? -4.550  14.331  3.735   1.00 26.77 ? 232  LEU A O   1 
ATOM   1059 C  CB  . LEU A 1 139 ? -5.681  13.189  1.039   1.00 26.14 ? 232  LEU A CB  1 
ATOM   1060 C  CG  . LEU A 1 139 ? -5.384  12.241  -0.140  1.00 28.45 ? 232  LEU A CG  1 
ATOM   1061 C  CD1 . LEU A 1 139 ? -5.664  12.926  -1.510  1.00 31.49 ? 232  LEU A CD1 1 
ATOM   1062 C  CD2 . LEU A 1 139 ? -3.955  11.681  -0.120  1.00 28.39 ? 232  LEU A CD2 1 
ATOM   1063 N  N   . ASP A 1 140 ? -6.754  14.076  3.987   1.00 28.49 ? 233  ASP A N   1 
ATOM   1064 C  CA  . ASP A 1 140 ? -6.911  15.190  4.919   1.00 29.66 ? 233  ASP A CA  1 
ATOM   1065 C  C   . ASP A 1 140 ? -6.694  14.830  6.368   1.00 28.27 ? 233  ASP A C   1 
ATOM   1066 O  O   . ASP A 1 140 ? -7.021  15.616  7.218   1.00 29.32 ? 233  ASP A O   1 
ATOM   1067 C  CB  . ASP A 1 140 ? -8.315  15.763  4.778   1.00 30.30 ? 233  ASP A CB  1 
ATOM   1068 C  CG  . ASP A 1 140 ? -9.356  14.817  5.253   1.00 32.32 ? 233  ASP A CG  1 
ATOM   1069 O  OD1 . ASP A 1 140 ? -9.008  13.666  5.670   1.00 31.85 ? 233  ASP A OD1 1 
ATOM   1070 O  OD2 . ASP A 1 140 ? -10.568 15.117  5.235   1.00 35.49 ? 233  ASP A OD2 1 
ATOM   1071 N  N   . GLY A 1 141 ? -6.110  13.670  6.659   1.00 26.71 ? 234  GLY A N   1 
ATOM   1072 C  CA  . GLY A 1 141 ? -5.785  13.311  8.020   1.00 26.15 ? 234  GLY A CA  1 
ATOM   1073 C  C   . GLY A 1 141 ? -6.869  12.667  8.860   1.00 25.63 ? 234  GLY A C   1 
ATOM   1074 O  O   . GLY A 1 141 ? -6.732  12.630  10.068  1.00 24.54 ? 234  GLY A O   1 
ATOM   1075 N  N   . THR A 1 142 ? -7.930  12.159  8.224   1.00 23.83 ? 235  THR A N   1 
ATOM   1076 C  CA  . THR A 1 142 ? -8.965  11.406  8.931   1.00 23.79 ? 235  THR A CA  1 
ATOM   1077 C  C   . THR A 1 142 ? -9.033  9.967   8.426   1.00 23.43 ? 235  THR A C   1 
ATOM   1078 O  O   . THR A 1 142 ? -8.289  9.589   7.531   1.00 23.28 ? 235  THR A O   1 
ATOM   1079 C  CB  . THR A 1 142 ? -10.354 12.070  8.670   1.00 24.30 ? 235  THR A CB  1 
ATOM   1080 O  OG1 . THR A 1 142 ? -10.580 12.131  7.268   1.00 25.98 ? 235  THR A OG1 1 
ATOM   1081 C  CG2 . THR A 1 142 ? -10.328 13.533  9.099   1.00 26.92 ? 235  THR A CG2 1 
ATOM   1082 N  N   . ARG A 1 143 ? -9.933  9.183   9.006   1.00 24.60 ? 236  ARG A N   1 
ATOM   1083 C  CA  . ARG A 1 143 ? -10.269 7.839   8.542   1.00 24.24 ? 236  ARG A CA  1 
ATOM   1084 C  C   . ARG A 1 143 ? -11.763 7.890   8.227   1.00 25.61 ? 236  ARG A C   1 
ATOM   1085 O  O   . ARG A 1 143 ? -12.514 8.621   8.893   1.00 24.43 ? 236  ARG A O   1 
ATOM   1086 C  CB  . ARG A 1 143 ? -10.023 6.768   9.607   1.00 23.95 ? 236  ARG A CB  1 
ATOM   1087 C  CG  . ARG A 1 143 ? -8.517  6.376   9.789   1.00 23.05 ? 236  ARG A CG  1 
ATOM   1088 C  CD  . ARG A 1 143 ? -8.261  5.553   11.028  1.00 24.29 ? 236  ARG A CD  1 
ATOM   1089 N  NE  . ARG A 1 143 ? -6.884  5.122   11.113  1.00 23.11 ? 236  ARG A NE  1 
ATOM   1090 C  CZ  . ARG A 1 143 ? -6.482  3.894   11.289  1.00 21.56 ? 236  ARG A CZ  1 
ATOM   1091 N  NH1 . ARG A 1 143 ? -7.344  2.921   11.427  1.00 23.26 ? 236  ARG A NH1 1 
ATOM   1092 N  NH2 . ARG A 1 143 ? -5.187  3.650   11.348  1.00 24.10 ? 236  ARG A NH2 1 
ATOM   1093 N  N   . GLN A 1 144 ? -12.174 7.154   7.202   1.00 24.73 ? 237  GLN A N   1 
ATOM   1094 C  CA  . GLN A 1 144 ? -13.590 6.993   6.843   1.00 24.95 ? 237  GLN A CA  1 
ATOM   1095 C  C   . GLN A 1 144 ? -13.876 5.524   6.506   1.00 25.07 ? 237  GLN A C   1 
ATOM   1096 O  O   . GLN A 1 144 ? -12.973 4.720   6.262   1.00 23.80 ? 237  GLN A O   1 
ATOM   1097 C  CB  . GLN A 1 144 ? -13.985 7.899   5.675   1.00 25.55 ? 237  GLN A CB  1 
ATOM   1098 C  CG  . GLN A 1 144 ? -14.077 9.407   5.996   1.00 30.29 ? 237  GLN A CG  1 
ATOM   1099 C  CD  . GLN A 1 144 ? -14.645 10.196  4.795   1.00 34.07 ? 237  GLN A CD  1 
ATOM   1100 O  OE1 . GLN A 1 144 ? -15.071 9.592   3.795   1.00 34.93 ? 237  GLN A OE1 1 
ATOM   1101 N  NE2 . GLN A 1 144 ? -14.614 11.515  4.880   1.00 36.46 ? 237  GLN A NE2 1 
ATOM   1102 N  N   . PRO A 1 145 ? -15.143 5.136   6.539   1.00 24.77 ? 238  PRO A N   1 
ATOM   1103 C  CA  . PRO A 1 145 ? -15.519 3.761   6.206   1.00 24.67 ? 238  PRO A CA  1 
ATOM   1104 C  C   . PRO A 1 145 ? -15.149 3.339   4.762   1.00 22.20 ? 238  PRO A C   1 
ATOM   1105 O  O   . PRO A 1 145 ? -15.006 4.169   3.898   1.00 20.42 ? 238  PRO A O   1 
ATOM   1106 C  CB  . PRO A 1 145 ? -17.059 3.751   6.402   1.00 26.24 ? 238  PRO A CB  1 
ATOM   1107 C  CG  . PRO A 1 145 ? -17.301 4.840   7.394   1.00 25.25 ? 238  PRO A CG  1 
ATOM   1108 C  CD  . PRO A 1 145 ? -16.296 5.959   6.987   1.00 26.78 ? 238  PRO A CD  1 
ATOM   1109 N  N   . VAL A 1 146 ? -15.001 2.040   4.573   1.00 23.04 ? 239  VAL A N   1 
ATOM   1110 C  CA  . VAL A 1 146 ? -14.656 1.432   3.306   1.00 23.51 ? 239  VAL A CA  1 
ATOM   1111 C  C   . VAL A 1 146 ? -15.593 1.872   2.231   1.00 25.75 ? 239  VAL A C   1 
ATOM   1112 O  O   . VAL A 1 146 ? -15.138 2.172   1.139   1.00 23.47 ? 239  VAL A O   1 
ATOM   1113 C  CB  . VAL A 1 146 ? -14.663 -0.072  3.452   1.00 22.87 ? 239  VAL A CB  1 
ATOM   1114 C  CG1 . VAL A 1 146 ? -14.788 -0.763  2.149   1.00 26.91 ? 239  VAL A CG1 1 
ATOM   1115 C  CG2 . VAL A 1 146 ? -13.411 -0.527  4.168   1.00 24.51 ? 239  VAL A CG2 1 
ATOM   1116 N  N   . ASP A 1 147 ? -16.918 1.951   2.531   1.00 26.66 ? 240  ASP A N   1 
ATOM   1117 C  CA  . ASP A 1 147 ? -17.878 2.399   1.489   1.00 28.85 ? 240  ASP A CA  1 
ATOM   1118 C  C   . ASP A 1 147 ? -17.829 3.894   1.200   1.00 28.52 ? 240  ASP A C   1 
ATOM   1119 O  O   . ASP A 1 147 ? -18.487 4.379   0.287   1.00 28.31 ? 240  ASP A O   1 
ATOM   1120 C  CB  . ASP A 1 147 ? -19.343 1.970   1.781   1.00 29.68 ? 240  ASP A CB  1 
ATOM   1121 C  CG  . ASP A 1 147 ? -19.530 0.485   1.888   1.00 31.68 ? 240  ASP A CG  1 
ATOM   1122 O  OD1 . ASP A 1 147 ? -18.991 -0.240  1.045   1.00 34.75 ? 240  ASP A OD1 1 
ATOM   1123 O  OD2 . ASP A 1 147 ? -20.163 -0.076  2.797   1.00 38.54 ? 240  ASP A OD2 1 
ATOM   1124 N  N   . SER A 1 148 ? -17.026 4.658   1.947   1.00 28.56 ? 241  SER A N   1 
ATOM   1125 C  CA  . SER A 1 148 ? -16.875 6.090   1.640   1.00 28.69 ? 241  SER A CA  1 
ATOM   1126 C  C   . SER A 1 148 ? -15.710 6.451   0.715   1.00 28.64 ? 241  SER A C   1 
ATOM   1127 O  O   . SER A 1 148 ? -15.218 7.539   0.751   1.00 29.30 ? 241  SER A O   1 
ATOM   1128 C  CB  . SER A 1 148 ? -16.797 6.924   2.935   1.00 29.05 ? 241  SER A CB  1 
ATOM   1129 O  OG  . SER A 1 148 ? -17.841 6.482   3.814   1.00 30.97 ? 241  SER A OG  1 
ATOM   1130 N  N   . TYR A 1 149 ? -15.305 5.574   -0.187  1.00 29.01 ? 242  TYR A N   1 
ATOM   1131 C  CA  . TYR A 1 149 ? -14.155 5.886   -1.032  1.00 27.77 ? 242  TYR A CA  1 
ATOM   1132 C  C   . TYR A 1 149 ? -14.300 7.148   -1.851  1.00 29.87 ? 242  TYR A C   1 
ATOM   1133 O  O   . TYR A 1 149 ? -13.305 7.840   -2.067  1.00 26.61 ? 242  TYR A O   1 
ATOM   1134 C  CB  . TYR A 1 149 ? -13.814 4.717   -1.925  1.00 28.61 ? 242  TYR A CB  1 
ATOM   1135 C  CG  . TYR A 1 149 ? -14.968 4.293   -2.738  1.00 28.66 ? 242  TYR A CG  1 
ATOM   1136 C  CD1 . TYR A 1 149 ? -15.206 4.893   -3.945  1.00 29.91 ? 242  TYR A CD1 1 
ATOM   1137 C  CD2 . TYR A 1 149 ? -15.860 3.371   -2.252  1.00 28.64 ? 242  TYR A CD2 1 
ATOM   1138 C  CE1 . TYR A 1 149 ? -16.301 4.547   -4.694  1.00 31.99 ? 242  TYR A CE1 1 
ATOM   1139 C  CE2 . TYR A 1 149 ? -16.957 2.975   -3.018  1.00 33.12 ? 242  TYR A CE2 1 
ATOM   1140 C  CZ  . TYR A 1 149 ? -17.176 3.608   -4.229  1.00 33.51 ? 242  TYR A CZ  1 
ATOM   1141 O  OH  . TYR A 1 149 ? -18.235 3.288   -5.057  1.00 40.11 ? 242  TYR A OH  1 
ATOM   1142 N  N   . LYS A 1 150 ? -15.521 7.497   -2.317  1.00 29.68 ? 243  LYS A N   1 
ATOM   1143 C  CA  . LYS A 1 150 ? -15.647 8.724   -3.084  1.00 31.84 ? 243  LYS A CA  1 
ATOM   1144 C  C   . LYS A 1 150 ? -15.087 9.986   -2.408  1.00 31.39 ? 243  LYS A C   1 
ATOM   1145 O  O   . LYS A 1 150 ? -14.534 10.847  -3.114  1.00 32.81 ? 243  LYS A O   1 
ATOM   1146 C  CB  . LYS A 1 150 ? -17.109 8.945   -3.565  1.00 32.76 ? 243  LYS A CB  1 
ATOM   1147 C  CG  . LYS A 1 150 ? -17.359 8.417   -4.970  1.00 37.77 ? 243  LYS A CG  1 
ATOM   1148 C  CD  . LYS A 1 150 ? -18.871 8.514   -5.448  1.00 41.96 ? 243  LYS A CD  1 
ATOM   1149 C  CE  . LYS A 1 150 ? -19.007 8.033   -6.947  1.00 43.68 ? 243  LYS A CE  1 
ATOM   1150 N  NZ  . LYS A 1 150 ? -20.422 7.725   -7.526  1.00 44.43 ? 243  LYS A NZ  1 
ATOM   1151 N  N   . THR A 1 151 ? -15.230 10.110  -1.088  1.00 30.54 ? 244  THR A N   1 
ATOM   1152 C  CA  . THR A 1 151 ? -14.692 11.231  -0.352  1.00 31.43 ? 244  THR A CA  1 
ATOM   1153 C  C   . THR A 1 151 ? -13.441 10.889  0.466   1.00 30.73 ? 244  THR A C   1 
ATOM   1154 O  O   . THR A 1 151 ? -13.012 11.680  1.328   1.00 30.44 ? 244  THR A O   1 
ATOM   1155 C  CB  . THR A 1 151 ? -15.728 11.809  0.607   1.00 31.36 ? 244  THR A CB  1 
ATOM   1156 O  OG1 . THR A 1 151 ? -16.269 10.770  1.413   1.00 33.57 ? 244  THR A OG1 1 
ATOM   1157 C  CG2 . THR A 1 151 ? -16.934 12.356  -0.143  1.00 33.67 ? 244  THR A CG2 1 
ATOM   1158 N  N   . CYS A 1 152 ? -12.830 9.748   0.172   1.00 28.35 ? 245  CYS A N   1 
ATOM   1159 C  CA  . CYS A 1 152 ? -11.636 9.323   0.917   1.00 26.33 ? 245  CYS A CA  1 
ATOM   1160 C  C   . CYS A 1 152 ? -10.761 8.403   0.043   1.00 24.90 ? 245  CYS A C   1 
ATOM   1161 O  O   . CYS A 1 152 ? -10.602 7.248   0.368   1.00 23.75 ? 245  CYS A O   1 
ATOM   1162 C  CB  . CYS A 1 152 ? -12.014 8.607   2.199   1.00 24.90 ? 245  CYS A CB  1 
ATOM   1163 S  SG  . CYS A 1 152 ? -10.594 8.105   3.301   1.00 24.92 ? 245  CYS A SG  1 
ATOM   1164 N  N   . ASN A 1 153 ? -10.194 8.932   -1.022  1.00 24.77 ? 246  ASN A N   1 
ATOM   1165 C  CA  . ASN A 1 153 ? -9.333  8.132   -1.906  1.00 26.21 ? 246  ASN A CA  1 
ATOM   1166 C  C   . ASN A 1 153 ? -8.133  8.996   -2.219  1.00 25.98 ? 246  ASN A C   1 
ATOM   1167 O  O   . ASN A 1 153 ? -8.191  10.215  -2.011  1.00 26.59 ? 246  ASN A O   1 
ATOM   1168 C  CB  . ASN A 1 153 ? -10.096 7.722   -3.175  1.00 25.50 ? 246  ASN A CB  1 
ATOM   1169 C  CG  . ASN A 1 153 ? -10.483 8.897   -4.012  1.00 27.11 ? 246  ASN A CG  1 
ATOM   1170 O  OD1 . ASN A 1 153 ? -9.704  9.369   -4.791  1.00 30.15 ? 246  ASN A OD1 1 
ATOM   1171 N  ND2 . ASN A 1 153 ? -11.701 9.391   -3.834  1.00 31.61 ? 246  ASN A ND2 1 
ATOM   1172 N  N   . TRP A 1 154 ? -7.072  8.411   -2.741  1.00 26.49 ? 247  TRP A N   1 
ATOM   1173 C  CA  . TRP A 1 154 ? -5.851  9.150   -2.996  1.00 26.78 ? 247  TRP A CA  1 
ATOM   1174 C  C   . TRP A 1 154 ? -5.754  9.666   -4.444  1.00 28.78 ? 247  TRP A C   1 
ATOM   1175 O  O   . TRP A 1 154 ? -4.988  10.598  -4.729  1.00 28.31 ? 247  TRP A O   1 
ATOM   1176 C  CB  . TRP A 1 154 ? -4.655  8.323   -2.636  1.00 26.87 ? 247  TRP A CB  1 
ATOM   1177 C  CG  . TRP A 1 154 ? -4.475  8.081   -1.183  1.00 25.48 ? 247  TRP A CG  1 
ATOM   1178 C  CD1 . TRP A 1 154 ? -5.445  7.953   -0.253  1.00 25.30 ? 247  TRP A CD1 1 
ATOM   1179 C  CD2 . TRP A 1 154 ? -3.234  7.933   -0.483  1.00 23.92 ? 247  TRP A CD2 1 
ATOM   1180 N  NE1 . TRP A 1 154 ? -4.892  7.733   0.979   1.00 25.06 ? 247  TRP A NE1 1 
ATOM   1181 C  CE2 . TRP A 1 154 ? -3.538  7.704   0.866   1.00 23.55 ? 247  TRP A CE2 1 
ATOM   1182 C  CE3 . TRP A 1 154 ? -1.893  7.958   -0.871  1.00 26.62 ? 247  TRP A CE3 1 
ATOM   1183 C  CZ2 . TRP A 1 154 ? -2.549  7.484   1.850   1.00 24.28 ? 247  TRP A CZ2 1 
ATOM   1184 C  CZ3 . TRP A 1 154 ? -0.915  7.762   0.089   1.00 26.58 ? 247  TRP A CZ3 1 
ATOM   1185 C  CH2 . TRP A 1 154 ? -1.248  7.549   1.434   1.00 27.36 ? 247  TRP A CH2 1 
ATOM   1186 N  N   . ALA A 1 155 ? -6.557  9.082   -5.325  1.00 29.79 ? 248  ALA A N   1 
ATOM   1187 C  CA  . ALA A 1 155 ? -6.680  9.517   -6.706  1.00 31.69 ? 248  ALA A CA  1 
ATOM   1188 C  C   . ALA A 1 155 ? -7.648  8.621   -7.418  1.00 33.46 ? 248  ALA A C   1 
ATOM   1189 O  O   . ALA A 1 155 ? -7.890  7.488   -6.997  1.00 32.18 ? 248  ALA A O   1 
ATOM   1190 C  CB  . ALA A 1 155 ? -5.364  9.446   -7.422  1.00 32.06 ? 248  ALA A CB  1 
ATOM   1191 N  N   . ARG A 1 156 ? -8.180  9.149   -8.508  1.00 35.46 ? 249  ARG A N   1 
ATOM   1192 C  CA  . ARG A 1 156 ? -8.982  8.395   -9.418  1.00 38.85 ? 249  ARG A CA  1 
ATOM   1193 C  C   . ARG A 1 156 ? -8.045  7.998   -10.542 1.00 39.74 ? 249  ARG A C   1 
ATOM   1194 O  O   . ARG A 1 156 ? -7.276  8.827   -11.042 1.00 39.27 ? 249  ARG A O   1 
ATOM   1195 C  CB  . ARG A 1 156 ? -10.105 9.235   -9.942  1.00 39.86 ? 249  ARG A CB  1 
ATOM   1196 C  CG  . ARG A 1 156 ? -10.766 8.594   -11.095 1.00 44.24 ? 249  ARG A CG  1 
ATOM   1197 C  CD  . ARG A 1 156 ? -12.229 8.428   -10.881 1.00 50.35 ? 249  ARG A CD  1 
ATOM   1198 N  NE  . ARG A 1 156 ? -13.008 9.109   -11.905 1.00 55.23 ? 249  ARG A NE  1 
ATOM   1199 C  CZ  . ARG A 1 156 ? -14.156 8.665   -12.414 1.00 57.99 ? 249  ARG A CZ  1 
ATOM   1200 N  NH1 . ARG A 1 156 ? -14.679 7.497   -12.018 1.00 59.83 ? 249  ARG A NH1 1 
ATOM   1201 N  NH2 . ARG A 1 156 ? -14.784 9.401   -13.329 1.00 58.50 ? 249  ARG A NH2 1 
ATOM   1202 N  N   . VAL A 1 157 ? -8.088  6.725   -10.887 1.00 40.54 ? 250  VAL A N   1 
ATOM   1203 C  CA  . VAL A 1 157 ? -7.155  6.143   -11.811 1.00 42.37 ? 250  VAL A CA  1 
ATOM   1204 C  C   . VAL A 1 157 ? -7.767  5.780   -13.131 1.00 43.80 ? 250  VAL A C   1 
ATOM   1205 O  O   . VAL A 1 157 ? -8.838  5.185   -13.171 1.00 43.26 ? 250  VAL A O   1 
ATOM   1206 C  CB  . VAL A 1 157 ? -6.697  4.817   -11.262 1.00 42.39 ? 250  VAL A CB  1 
ATOM   1207 C  CG1 . VAL A 1 157 ? -5.703  4.157   -12.210 1.00 42.11 ? 250  VAL A CG1 1 
ATOM   1208 C  CG2 . VAL A 1 157 ? -6.133  5.014   -9.924  1.00 43.29 ? 250  VAL A CG2 1 
ATOM   1209 N  N   . ALA A 1 158 ? -7.016  6.019   -14.198 1.00 45.93 ? 251  ALA A N   1 
ATOM   1210 C  CA  . ALA A 1 158 ? -7.531  5.818   -15.539 1.00 47.88 ? 251  ALA A CA  1 
ATOM   1211 C  C   . ALA A 1 158 ? -7.787  4.369   -15.880 1.00 49.30 ? 251  ALA A C   1 
ATOM   1212 O  O   . ALA A 1 158 ? -8.868  4.027   -16.352 1.00 50.81 ? 251  ALA A O   1 
ATOM   1213 C  CB  . ALA A 1 158 ? -6.580  6.443   -16.568 1.00 48.53 ? 251  ALA A CB  1 
ATOM   1214 N  N   . ALA A 1 159 ? -6.812  3.502   -15.660 1.00 51.05 ? 252  ALA A N   1 
ATOM   1215 C  CA  . ALA A 1 159 ? -6.964  2.125   -16.124 1.00 52.47 ? 252  ALA A CA  1 
ATOM   1216 C  C   . ALA A 1 159 ? -7.119  2.198   -17.631 1.00 53.28 ? 252  ALA A C   1 
ATOM   1217 O  O   . ALA A 1 159 ? -6.329  2.909   -18.274 1.00 53.59 ? 252  ALA A O   1 
ATOM   1218 C  CB  . ALA A 1 159 ? -8.197  1.473   -15.508 1.00 52.58 ? 252  ALA A CB  1 
ATOM   1219 O  OXT . ALA A 1 159 ? -8.050  1.580   -18.163 1.00 54.61 ? 252  ALA A OXT 1 
HETATM 1220 N  N   . GLY B 2 .   ? -4.113  -2.555  -12.709 1.00 26.02 ? 1253 GLY A N   1 
HETATM 1221 C  CA  . GLY B 2 .   ? -2.694  -2.517  -13.069 1.00 27.23 ? 1253 GLY A CA  1 
HETATM 1222 C  C   . GLY B 2 .   ? -2.038  -1.230  -12.641 1.00 27.10 ? 1253 GLY A C   1 
HETATM 1223 O  O   . GLY B 2 .   ? -2.736  -0.519  -11.856 1.00 26.84 ? 1253 GLY A O   1 
HETATM 1224 O  OXT . GLY B 2 .   ? -0.819  -1.076  -13.018 1.00 27.00 ? 1253 GLY A OXT 1 
HETATM 1225 C  C   . CO3 C 3 .   ? -2.908  -1.305  -9.045  1.00 22.21 ? 1254 CO3 A C   1 
HETATM 1226 O  O1  . CO3 C 3 .   ? -2.142  -1.438  -8.026  1.00 21.78 ? 1254 CO3 A O1  1 
HETATM 1227 O  O2  . CO3 C 3 .   ? -3.611  -0.255  -9.251  1.00 22.09 ? 1254 CO3 A O2  1 
HETATM 1228 O  O3  . CO3 C 3 .   ? -2.910  -2.284  -9.888  1.00 24.05 ? 1254 CO3 A O3  1 
HETATM 1229 FE FE  . FE  D 4 .   ? -4.295  -1.300  -11.004 1.00 26.43 ? 1255 FE  A FE  1 
HETATM 1230 O  O   . HOH E 5 .   ? -4.561  1.447   -13.951 1.00 46.63 ? 2001 HOH A O   1 
HETATM 1231 O  O   . HOH E 5 .   ? -14.921 11.538  -8.464  1.00 50.25 ? 2002 HOH A O   1 
HETATM 1232 O  O   . HOH E 5 .   ? -3.036  8.960   16.082  1.00 23.67 ? 2003 HOH A O   1 
HETATM 1233 O  O   . HOH E 5 .   ? -7.488  7.815   16.062  1.00 35.96 ? 2004 HOH A O   1 
HETATM 1234 O  O   . HOH E 5 .   ? -8.629  2.112   17.276  1.00 55.12 ? 2005 HOH A O   1 
HETATM 1235 O  O   . HOH E 5 .   ? 3.301   10.249  6.247   1.00 28.05 ? 2006 HOH A O   1 
HETATM 1236 O  O   . HOH E 5 .   ? -2.657  12.910  9.004   1.00 27.44 ? 2007 HOH A O   1 
HETATM 1237 O  O   . HOH E 5 .   ? 5.123   10.161  8.111   1.00 28.76 ? 2008 HOH A O   1 
HETATM 1238 O  O   . HOH E 5 .   ? 3.552   13.844  11.735  1.00 55.15 ? 2009 HOH A O   1 
HETATM 1239 O  O   . HOH E 5 .   ? -2.308  11.073  14.406  1.00 26.51 ? 2010 HOH A O   1 
HETATM 1240 O  O   . HOH E 5 .   ? 3.736   10.887  13.675  1.00 28.62 ? 2011 HOH A O   1 
HETATM 1241 O  O   . HOH E 5 .   ? 8.194   11.702  11.151  1.00 68.09 ? 2012 HOH A O   1 
HETATM 1242 O  O   . HOH E 5 .   ? 5.956   7.593   12.300  1.00 32.46 ? 2013 HOH A O   1 
HETATM 1243 O  O   . HOH E 5 .   ? 8.920   1.738   12.863  1.00 45.88 ? 2014 HOH A O   1 
HETATM 1244 O  O   . HOH E 5 .   ? 6.721   -1.123  12.443  1.00 45.26 ? 2015 HOH A O   1 
HETATM 1245 O  O   . HOH E 5 .   ? 2.065   -7.639  -8.951  1.00 32.72 ? 2016 HOH A O   1 
HETATM 1246 O  O   . HOH E 5 .   ? 3.559   -1.312  -15.353 1.00 66.04 ? 2017 HOH A O   1 
HETATM 1247 O  O   . HOH E 5 .   ? -4.433  -7.766  -9.598  1.00 30.66 ? 2018 HOH A O   1 
HETATM 1248 O  O   . HOH E 5 .   ? -2.134  -9.509  -10.225 1.00 29.80 ? 2019 HOH A O   1 
HETATM 1249 O  O   . HOH E 5 .   ? -3.628  3.182   -3.042  1.00 27.71 ? 2020 HOH A O   1 
HETATM 1250 O  O   . HOH E 5 .   ? 9.466   3.043   -8.642  1.00 46.74 ? 2021 HOH A O   1 
HETATM 1251 O  O   A HOH E 5 .   ? 6.734   6.603   -8.122  0.50 60.99 ? 2022 HOH A O   1 
HETATM 1252 O  O   . HOH E 5 .   ? -0.026  4.747   -12.512 1.00 64.81 ? 2023 HOH A O   1 
HETATM 1253 O  O   . HOH E 5 .   ? 6.549   3.441   -11.924 1.00 46.13 ? 2024 HOH A O   1 
HETATM 1254 O  O   . HOH E 5 .   ? -2.281  15.121  7.883   1.00 43.37 ? 2025 HOH A O   1 
HETATM 1255 O  O   . HOH E 5 .   ? 9.717   14.966  -1.737  1.00 49.12 ? 2026 HOH A O   1 
HETATM 1256 O  O   . HOH E 5 .   ? -0.107  16.434  7.032   1.00 59.40 ? 2027 HOH A O   1 
HETATM 1257 O  O   . HOH E 5 .   ? 8.101   7.415   -11.779 1.00 67.05 ? 2028 HOH A O   1 
HETATM 1258 O  O   . HOH E 5 .   ? 7.408   7.954   -8.884  0.50 65.52 ? 2029 HOH A O   1 
HETATM 1259 O  O   . HOH E 5 .   ? 13.256  2.546   -7.994  1.00 53.49 ? 2030 HOH A O   1 
HETATM 1260 O  O   . HOH E 5 .   ? 12.887  -11.735 -6.223  1.00 55.32 ? 2031 HOH A O   1 
HETATM 1261 O  O   . HOH E 5 .   ? 16.184  -7.593  -11.266 1.00 44.28 ? 2032 HOH A O   1 
HETATM 1262 O  O   . HOH E 5 .   ? 19.691  11.908  1.881   1.00 48.00 ? 2033 HOH A O   1 
HETATM 1263 O  O   . HOH E 5 .   ? 11.429  -17.880 5.986   1.00 58.27 ? 2034 HOH A O   1 
HETATM 1264 O  O   . HOH E 5 .   ? 9.501   -4.332  10.807  1.00 51.02 ? 2035 HOH A O   1 
HETATM 1265 O  O   . HOH E 5 .   ? 10.178  -0.931  3.680   1.00 34.28 ? 2036 HOH A O   1 
HETATM 1266 O  O   . HOH E 5 .   ? 11.427  -8.951  -9.749  1.00 69.97 ? 2037 HOH A O   1 
HETATM 1267 O  O   . HOH E 5 .   ? 11.217  -9.003  -6.959  1.00 39.79 ? 2038 HOH A O   1 
HETATM 1268 O  O   . HOH E 5 .   ? 16.753  -8.240  -8.383  1.00 48.33 ? 2039 HOH A O   1 
HETATM 1269 O  O   . HOH E 5 .   ? 17.914  0.382   -4.438  1.00 51.86 ? 2040 HOH A O   1 
HETATM 1270 O  O   . HOH E 5 .   ? 16.698  -2.967  1.618   1.00 39.28 ? 2041 HOH A O   1 
HETATM 1271 O  O   . HOH E 5 .   ? -3.178  -3.482  11.495  1.00 42.84 ? 2042 HOH A O   1 
HETATM 1272 O  O   . HOH E 5 .   ? -3.498  -4.330  14.024  1.00 59.01 ? 2043 HOH A O   1 
HETATM 1273 O  O   . HOH E 5 .   ? 20.216  -7.521  -2.405  1.00 61.05 ? 2044 HOH A O   1 
HETATM 1274 O  O   . HOH E 5 .   ? -18.543 -6.678  -5.089  1.00 59.43 ? 2045 HOH A O   1 
HETATM 1275 O  O   . HOH E 5 .   ? 16.016  2.525   9.048   1.00 67.08 ? 2046 HOH A O   1 
HETATM 1276 O  O   . HOH E 5 .   ? -17.551 -8.635  -6.514  1.00 40.42 ? 2047 HOH A O   1 
HETATM 1277 O  O   . HOH E 5 .   ? 16.073  -7.733  4.233   1.00 55.14 ? 2048 HOH A O   1 
HETATM 1278 O  O   . HOH E 5 .   ? -10.853 -7.136  15.717  1.00 61.15 ? 2049 HOH A O   1 
HETATM 1279 O  O   . HOH E 5 .   ? -1.966  -16.642 1.263   1.00 53.89 ? 2050 HOH A O   1 
HETATM 1280 O  O   . HOH E 5 .   ? 4.226   -13.033 -1.434  1.00 28.52 ? 2051 HOH A O   1 
HETATM 1281 O  O   . HOH E 5 .   ? -2.339  15.503  -0.353  1.00 54.97 ? 2052 HOH A O   1 
HETATM 1282 O  O   . HOH E 5 .   ? 9.883   -17.700 3.794   1.00 64.73 ? 2053 HOH A O   1 
HETATM 1283 O  O   . HOH E 5 .   ? 6.965   -16.839 4.407   1.00 42.43 ? 2054 HOH A O   1 
HETATM 1284 O  O   . HOH E 5 .   ? 6.468   -17.939 -3.178  1.00 46.73 ? 2055 HOH A O   1 
HETATM 1285 O  O   . HOH E 5 .   ? 11.153  -13.584 -4.786  1.00 41.59 ? 2056 HOH A O   1 
HETATM 1286 O  O   . HOH E 5 .   ? 0.778   -10.193 -10.681 1.00 49.20 ? 2057 HOH A O   1 
HETATM 1287 O  O   . HOH E 5 .   ? 5.824   -16.441 -6.886  1.00 47.02 ? 2058 HOH A O   1 
HETATM 1288 O  O   . HOH E 5 .   ? 5.828   -19.055 -10.188 1.00 54.37 ? 2059 HOH A O   1 
HETATM 1289 O  O   . HOH E 5 .   ? -2.784  -14.164 -0.667  1.00 42.81 ? 2060 HOH A O   1 
HETATM 1290 O  O   . HOH E 5 .   ? 1.635   -7.278  -0.794  1.00 19.59 ? 2061 HOH A O   1 
HETATM 1291 O  O   . HOH E 5 .   ? -1.720  -11.571 -8.437  1.00 26.11 ? 2062 HOH A O   1 
HETATM 1292 O  O   . HOH E 5 .   ? -7.586  -11.205 -0.148  1.00 32.51 ? 2063 HOH A O   1 
HETATM 1293 O  O   . HOH E 5 .   ? -9.146  -14.232 1.958   1.00 47.02 ? 2064 HOH A O   1 
HETATM 1294 O  O   . HOH E 5 .   ? -2.424  -16.035 4.162   1.00 40.37 ? 2065 HOH A O   1 
HETATM 1295 O  O   . HOH E 5 .   ? 4.223   -7.638  11.331  1.00 69.10 ? 2066 HOH A O   1 
HETATM 1296 O  O   . HOH E 5 .   ? -2.575  -5.614  9.897   1.00 36.30 ? 2067 HOH A O   1 
HETATM 1297 O  O   . HOH E 5 .   ? 1.281   -0.919  14.067  1.00 59.70 ? 2068 HOH A O   1 
HETATM 1298 O  O   . HOH E 5 .   ? 1.919   -3.128  13.471  1.00 67.04 ? 2069 HOH A O   1 
HETATM 1299 O  O   . HOH E 5 .   ? -1.213  -2.902  12.039  1.00 47.17 ? 2070 HOH A O   1 
HETATM 1300 O  O   . HOH E 5 .   ? -3.974  -0.962  10.243  1.00 22.26 ? 2071 HOH A O   1 
HETATM 1301 O  O   . HOH E 5 .   ? 4.399   -1.691  12.398  1.00 39.50 ? 2072 HOH A O   1 
HETATM 1302 O  O   . HOH E 5 .   ? -7.858  -3.096  -11.870 1.00 39.59 ? 2073 HOH A O   1 
HETATM 1303 O  O   . HOH E 5 .   ? -11.330 -1.497  -0.896  1.00 21.29 ? 2074 HOH A O   1 
HETATM 1304 O  O   . HOH E 5 .   ? -14.585 -2.229  -1.015  1.00 25.12 ? 2075 HOH A O   1 
HETATM 1305 O  O   . HOH E 5 .   ? -17.466 0.597   -8.547  1.00 56.04 ? 2076 HOH A O   1 
HETATM 1306 O  O   . HOH E 5 .   ? -16.512 -5.345  -5.105  1.00 38.55 ? 2077 HOH A O   1 
HETATM 1307 O  O   . HOH E 5 .   ? -9.807  -5.585  -5.905  1.00 20.60 ? 2078 HOH A O   1 
HETATM 1308 O  O   . HOH E 5 .   ? -18.049 -10.147 -2.659  1.00 37.11 ? 2079 HOH A O   1 
HETATM 1309 O  O   . HOH E 5 .   ? -15.881 -6.727  -7.162  1.00 33.21 ? 2080 HOH A O   1 
HETATM 1310 O  O   . HOH E 5 .   ? -15.406 -12.871 -1.200  1.00 45.64 ? 2081 HOH A O   1 
HETATM 1311 O  O   . HOH E 5 .   ? -11.825 -5.611  -7.769  1.00 24.74 ? 2082 HOH A O   1 
HETATM 1312 O  O   . HOH E 5 .   ? -9.458  -8.339  -5.762  1.00 24.72 ? 2083 HOH A O   1 
HETATM 1313 O  O   . HOH E 5 .   ? -8.130  -13.342 -1.579  1.00 29.70 ? 2084 HOH A O   1 
HETATM 1314 O  O   . HOH E 5 .   ? -12.294 -13.967 -0.368  1.00 29.98 ? 2085 HOH A O   1 
HETATM 1315 O  O   . HOH E 5 .   ? -10.405 -12.101 2.958   1.00 52.70 ? 2086 HOH A O   1 
HETATM 1316 O  O   . HOH E 5 .   ? -16.147 -12.145 4.053   1.00 32.18 ? 2087 HOH A O   1 
HETATM 1317 O  O   . HOH E 5 .   ? -11.003 -9.567  8.262   1.00 40.54 ? 2088 HOH A O   1 
HETATM 1318 O  O   . HOH E 5 .   ? -19.364 -2.032  7.803   1.00 46.92 ? 2089 HOH A O   1 
HETATM 1319 O  O   . HOH E 5 .   ? -20.580 -4.287  12.750  1.00 58.12 ? 2090 HOH A O   1 
HETATM 1320 O  O   . HOH E 5 .   ? -9.852  -7.403  12.276  1.00 62.12 ? 2091 HOH A O   1 
HETATM 1321 O  O   . HOH E 5 .   ? -15.651 0.236   7.088   1.00 25.62 ? 2092 HOH A O   1 
HETATM 1322 O  O   . HOH E 5 .   ? -14.455 4.574   9.853   1.00 37.88 ? 2093 HOH A O   1 
HETATM 1323 O  O   . HOH E 5 .   ? -10.110 2.897   14.181  1.00 37.55 ? 2094 HOH A O   1 
HETATM 1324 O  O   . HOH E 5 .   ? -13.478 4.048   13.386  1.00 52.97 ? 2095 HOH A O   1 
HETATM 1325 O  O   . HOH E 5 .   ? -8.108  6.008   1.092   1.00 21.82 ? 2096 HOH A O   1 
HETATM 1326 O  O   . HOH E 5 .   ? -5.428  9.981   7.245   1.00 19.47 ? 2097 HOH A O   1 
HETATM 1327 O  O   . HOH E 5 .   ? -8.867  11.287  0.841   1.00 24.92 ? 2098 HOH A O   1 
HETATM 1328 O  O   . HOH E 5 .   ? -2.305  14.669  2.377   1.00 48.81 ? 2099 HOH A O   1 
HETATM 1329 O  O   . HOH E 5 .   ? -3.067  15.876  5.339   1.00 39.68 ? 2100 HOH A O   1 
HETATM 1330 O  O   . HOH E 5 .   ? -9.319  13.679  2.062   1.00 46.50 ? 2101 HOH A O   1 
HETATM 1331 O  O   . HOH E 5 .   ? -4.544  13.479  11.454  1.00 27.86 ? 2102 HOH A O   1 
HETATM 1332 O  O   . HOH E 5 .   ? -13.395 12.241  7.343   1.00 45.11 ? 2103 HOH A O   1 
HETATM 1333 O  O   . HOH E 5 .   ? -11.035 10.235  11.357  1.00 42.80 ? 2104 HOH A O   1 
HETATM 1334 O  O   . HOH E 5 .   ? -13.085 0.980   -0.503  1.00 24.25 ? 2105 HOH A O   1 
HETATM 1335 O  O   . HOH E 5 .   ? -18.360 0.938   4.633   1.00 36.80 ? 2106 HOH A O   1 
HETATM 1336 O  O   . HOH E 5 .   ? -17.301 -1.334  -0.566  1.00 42.58 ? 2107 HOH A O   1 
HETATM 1337 O  O   . HOH E 5 .   ? -19.943 5.354   4.224   1.00 48.94 ? 2108 HOH A O   1 
HETATM 1338 O  O   . HOH E 5 .   ? -18.053 6.615   -1.510  1.00 37.40 ? 2109 HOH A O   1 
HETATM 1339 O  O   . HOH E 5 .   ? -14.255 11.311  -5.815  1.00 47.13 ? 2110 HOH A O   1 
HETATM 1340 O  O   . HOH E 5 .   ? -8.550  12.695  -3.461  1.00 52.56 ? 2111 HOH A O   1 
HETATM 1341 O  O   . HOH E 5 .   ? -10.797 12.008  -1.832  1.00 41.76 ? 2112 HOH A O   1 
HETATM 1342 O  O   . HOH E 5 .   ? -2.845  11.895  -4.220  1.00 33.73 ? 2113 HOH A O   1 
HETATM 1343 O  O   . HOH E 5 .   ? -4.349  6.900   -14.431 1.00 54.21 ? 2114 HOH A O   1 
HETATM 1344 O  O   . HOH E 5 .   ? -4.672  -5.391  -13.075 1.00 48.48 ? 2115 HOH A O   1 
HETATM 1345 O  O   . HOH E 5 .   ? 0.555   1.224   -13.973 1.00 50.19 ? 2116 HOH A O   1 
# 
_atom_site_anisotrop.id                   1229 
_atom_site_anisotrop.type_symbol          FE 
_atom_site_anisotrop.pdbx_label_atom_id   FE 
_atom_site_anisotrop.pdbx_label_alt_id    . 
_atom_site_anisotrop.pdbx_label_comp_id   FE 
_atom_site_anisotrop.pdbx_label_asym_id   D 
_atom_site_anisotrop.pdbx_label_seq_id    . 
_atom_site_anisotrop.pdbx_PDB_ins_code    ? 
_atom_site_anisotrop.U[1][1]              0.3450 
_atom_site_anisotrop.U[2][2]              0.3954 
_atom_site_anisotrop.U[3][3]              0.2636 
_atom_site_anisotrop.U[1][2]              -0.0650 
_atom_site_anisotrop.U[1][3]              0.0601 
_atom_site_anisotrop.U[2][3]              -0.0479 
_atom_site_anisotrop.pdbx_auth_seq_id     1255 
_atom_site_anisotrop.pdbx_auth_comp_id    FE 
_atom_site_anisotrop.pdbx_auth_asym_id    A 
_atom_site_anisotrop.pdbx_auth_atom_id    FE 
# 
